data_8HTG
#
_entry.id   8HTG
#
_cell.length_a   121.730
_cell.length_b   52.360
_cell.length_c   125.510
_cell.angle_alpha   90.00
_cell.angle_beta   118.53
_cell.angle_gamma   90.00
#
_symmetry.space_group_name_H-M   'P 1 21 1'
#
loop_
_entity.id
_entity.type
_entity.pdbx_description
1 polymer 'Guanine nucleotide-binding protein G(olf) subunit alpha'
2 non-polymer 1,2-ETHANEDIOL
3 non-polymer 'MAGNESIUM ION'
4 non-polymer "5'-GUANOSINE-DIPHOSPHATE-MONOTHIOPHOSPHATE"
5 non-polymer 'PHOSPHATE ION'
6 water water
#
_entity_poly.entity_id   1
_entity_poly.type   'polypeptide(L)'
_entity_poly.pdbx_seq_one_letter_code
;MHHHHHHLEVLFQGPGSLGNSSKTAEDQGVDEKERREANKKIEKQLQKERLAYKATHRLLLLGAGESGKSTIVKQMRILH
VNGFNPEEKKQKILDIRKNVKDAIVTIVSAMSTIIPPVPLANPENQFRSDYIKSIAPITDFEYSQEFFDHVKKLWDDEGV
KACFERSNEYQLIDCAQYFLERIDSVSLVDYTPTDQDLLRCRVLTSGIFETRFQVDKVNFHMFDVGGQRDERRKWIQCFN
DVTAIIYVAACSSYNMVIREDNNTNRLRESLDLFESIWNNRWLRTISIILFLNKQDMLAEKVLAGKSKIEDYFPEYANYT
VPEDATPDAGEDPKVTRAKFFIRDLFLRISTATGDGKHYCYPHFTCAVDTENIRRVFNDCRDIIQRMHLKQYELL
;
_entity_poly.pdbx_strand_id   A,B,C,D
#
# COMPACT_ATOMS: atom_id res chain seq x y z
N ALA A 55 -44.60 43.46 -1.25
CA ALA A 55 -44.75 43.41 -2.70
C ALA A 55 -43.55 42.70 -3.35
N THR A 56 -43.58 42.59 -4.67
CA THR A 56 -42.62 41.80 -5.42
C THR A 56 -41.50 42.70 -5.96
N HIS A 57 -40.26 42.29 -5.70
CA HIS A 57 -39.09 43.02 -6.16
C HIS A 57 -38.53 42.30 -7.39
N ARG A 58 -38.44 43.00 -8.51
CA ARG A 58 -37.96 42.44 -9.77
C ARG A 58 -36.50 42.84 -9.98
N LEU A 59 -35.61 41.86 -9.92
CA LEU A 59 -34.18 42.09 -10.10
C LEU A 59 -33.74 41.66 -11.49
N LEU A 60 -32.76 42.37 -12.03
CA LEU A 60 -32.27 42.14 -13.39
C LEU A 60 -30.77 41.92 -13.34
N LEU A 61 -30.32 40.74 -13.78
CA LEU A 61 -28.91 40.39 -13.82
C LEU A 61 -28.32 40.83 -15.16
N LEU A 62 -27.44 41.83 -15.13
CA LEU A 62 -26.71 42.25 -16.30
C LEU A 62 -25.22 41.98 -16.14
N GLY A 63 -24.52 41.86 -17.25
CA GLY A 63 -23.11 41.55 -17.22
C GLY A 63 -22.68 40.87 -18.50
N ALA A 64 -21.38 40.91 -18.76
CA ALA A 64 -20.84 40.34 -19.98
C ALA A 64 -20.93 38.82 -19.95
N GLY A 65 -20.55 38.20 -21.06
CA GLY A 65 -20.65 36.75 -21.18
C GLY A 65 -19.73 36.05 -20.19
N GLU A 66 -20.22 34.94 -19.64
CA GLU A 66 -19.49 34.10 -18.70
C GLU A 66 -19.10 34.84 -17.41
N SER A 67 -19.84 35.89 -17.05
CA SER A 67 -19.54 36.62 -15.82
C SER A 67 -20.00 35.85 -14.59
N GLY A 68 -21.15 35.17 -14.67
CA GLY A 68 -21.63 34.39 -13.55
C GLY A 68 -23.07 34.65 -13.17
N LYS A 69 -23.81 35.34 -14.04
CA LYS A 69 -25.19 35.70 -13.74
C LYS A 69 -26.06 34.46 -13.56
N SER A 70 -26.00 33.53 -14.51
CA SER A 70 -26.81 32.32 -14.43
C SER A 70 -26.47 31.51 -13.19
N THR A 71 -25.19 31.52 -12.78
CA THR A 71 -24.80 30.80 -11.58
C THR A 71 -25.41 31.41 -10.34
N ILE A 72 -25.62 32.73 -10.34
CA ILE A 72 -26.27 33.39 -9.20
C ILE A 72 -27.69 32.87 -9.03
N VAL A 73 -28.44 32.75 -10.13
CA VAL A 73 -29.78 32.18 -10.05
C VAL A 73 -29.72 30.76 -9.55
N LYS A 74 -28.75 29.97 -10.03
CA LYS A 74 -28.60 28.60 -9.55
C LYS A 74 -28.41 28.56 -8.04
N GLN A 75 -27.75 29.57 -7.48
CA GLN A 75 -27.63 29.66 -6.02
C GLN A 75 -28.97 30.01 -5.39
N MET A 76 -29.76 30.86 -6.06
CA MET A 76 -31.11 31.14 -5.56
C MET A 76 -31.97 29.90 -5.59
N ARG A 77 -31.78 29.01 -6.56
CA ARG A 77 -32.46 27.73 -6.59
C ARG A 77 -31.91 26.73 -5.58
N ILE A 78 -30.80 27.04 -4.93
CA ILE A 78 -30.27 26.18 -3.87
C ILE A 78 -30.81 26.59 -2.51
N LEU A 79 -30.87 27.90 -2.26
CA LEU A 79 -31.18 28.44 -0.95
C LEU A 79 -32.67 28.66 -0.73
N HIS A 80 -33.38 29.19 -1.73
CA HIS A 80 -34.75 29.66 -1.53
C HIS A 80 -35.80 28.91 -2.33
N VAL A 81 -35.39 28.09 -3.29
CA VAL A 81 -36.23 27.03 -3.82
C VAL A 81 -35.47 25.72 -3.60
N ASN A 82 -36.19 24.61 -3.55
CA ASN A 82 -35.57 23.34 -3.19
C ASN A 82 -34.85 22.73 -4.40
N GLY A 83 -33.57 23.09 -4.54
CA GLY A 83 -32.68 22.47 -5.52
C GLY A 83 -33.18 22.58 -6.95
N PHE A 84 -32.95 21.50 -7.70
CA PHE A 84 -33.30 21.42 -9.12
C PHE A 84 -34.20 20.22 -9.38
N ASN A 85 -35.12 20.39 -10.33
CA ASN A 85 -36.02 19.31 -10.71
C ASN A 85 -35.23 18.19 -11.38
N PRO A 86 -35.61 16.92 -11.13
CA PRO A 86 -34.86 15.77 -11.66
C PRO A 86 -34.75 15.75 -13.18
N GLU A 88 -34.18 21.65 -17.20
CA GLU A 88 -34.33 20.54 -16.26
C GLU A 88 -32.98 20.06 -15.74
N LYS A 89 -32.95 18.80 -15.30
CA LYS A 89 -31.75 18.17 -14.77
C LYS A 89 -31.75 16.72 -15.21
N LYS A 90 -30.61 16.06 -14.99
CA LYS A 90 -30.27 14.74 -15.52
C LYS A 90 -29.94 14.92 -17.00
N GLN A 91 -30.26 16.10 -17.53
CA GLN A 91 -29.80 16.56 -18.83
C GLN A 91 -28.58 17.45 -18.69
N LYS A 92 -28.41 18.07 -17.52
CA LYS A 92 -27.18 18.79 -17.21
C LYS A 92 -25.97 17.86 -17.25
N ILE A 93 -26.20 16.56 -17.07
CA ILE A 93 -25.13 15.57 -17.25
C ILE A 93 -24.54 15.70 -18.65
N LEU A 94 -25.42 15.82 -19.65
CA LEU A 94 -24.95 16.04 -21.03
C LEU A 94 -24.21 17.37 -21.12
N ASP A 95 -24.75 18.41 -20.50
CA ASP A 95 -24.08 19.71 -20.51
C ASP A 95 -22.74 19.65 -19.80
N ILE A 96 -22.67 18.95 -18.65
CA ILE A 96 -21.41 18.81 -17.95
C ILE A 96 -20.41 18.00 -18.78
N ARG A 97 -20.88 16.91 -19.41
CA ARG A 97 -19.97 16.13 -20.25
C ARG A 97 -19.52 16.92 -21.47
N LYS A 98 -20.38 17.79 -22.00
CA LYS A 98 -19.94 18.69 -23.06
C LYS A 98 -18.82 19.60 -22.58
N ASN A 99 -18.89 20.03 -21.31
CA ASN A 99 -17.82 20.86 -20.75
C ASN A 99 -16.51 20.07 -20.69
N VAL A 100 -16.57 18.82 -20.22
CA VAL A 100 -15.37 17.99 -20.18
C VAL A 100 -14.81 17.81 -21.58
N LYS A 101 -15.67 17.54 -22.56
CA LYS A 101 -15.22 17.41 -23.94
C LYS A 101 -14.67 18.73 -24.46
N ASP A 102 -15.35 19.84 -24.17
CA ASP A 102 -14.88 21.14 -24.65
C ASP A 102 -13.53 21.51 -24.04
N ALA A 103 -13.35 21.24 -22.75
CA ALA A 103 -12.11 21.64 -22.09
C ALA A 103 -10.91 20.87 -22.65
N ILE A 104 -11.03 19.55 -22.74
CA ILE A 104 -9.89 18.76 -23.21
C ILE A 104 -9.63 19.02 -24.69
N VAL A 105 -10.69 19.27 -25.47
CA VAL A 105 -10.49 19.57 -26.89
C VAL A 105 -9.79 20.90 -27.06
N THR A 106 -10.19 21.91 -26.28
CA THR A 106 -9.59 23.23 -26.41
C THR A 106 -8.12 23.22 -26.00
N ILE A 107 -7.76 22.42 -24.99
CA ILE A 107 -6.38 22.42 -24.51
C ILE A 107 -5.46 21.70 -25.49
N VAL A 108 -5.90 20.53 -25.99
CA VAL A 108 -5.03 19.78 -26.90
C VAL A 108 -4.86 20.51 -28.22
N SER A 109 -5.89 21.22 -28.67
CA SER A 109 -5.76 22.00 -29.90
C SER A 109 -4.90 23.24 -29.68
N ALA A 110 -4.77 23.70 -28.43
CA ALA A 110 -3.95 24.87 -28.15
C ALA A 110 -2.48 24.52 -27.99
N MET A 111 -2.16 23.27 -27.62
CA MET A 111 -0.77 22.92 -27.35
C MET A 111 0.15 23.19 -28.54
N SER A 112 -0.38 23.09 -29.76
CA SER A 112 0.42 23.30 -30.95
C SER A 112 0.18 24.65 -31.62
N THR A 113 -0.82 25.40 -31.18
CA THR A 113 -1.11 26.72 -31.73
C THR A 113 -0.67 27.86 -30.82
N ILE A 114 -0.36 27.56 -29.55
CA ILE A 114 0.20 28.56 -28.66
C ILE A 114 1.66 28.81 -29.02
N ILE A 115 2.13 30.04 -28.80
CA ILE A 115 3.50 30.40 -29.13
C ILE A 115 4.22 30.90 -27.88
N PRO A 116 5.24 30.18 -27.37
CA PRO A 116 5.74 28.92 -27.90
C PRO A 116 4.83 27.73 -27.62
N PRO A 117 4.85 26.73 -28.50
CA PRO A 117 3.98 25.56 -28.32
C PRO A 117 4.43 24.71 -27.14
N VAL A 118 3.57 23.77 -26.77
CA VAL A 118 3.80 22.89 -25.64
C VAL A 118 3.73 21.45 -26.14
N PRO A 119 4.78 20.65 -25.96
CA PRO A 119 4.71 19.23 -26.31
C PRO A 119 4.23 18.38 -25.15
N LEU A 120 3.83 17.15 -25.48
CA LEU A 120 3.48 16.19 -24.45
C LEU A 120 4.71 15.84 -23.62
N ALA A 121 4.50 15.68 -22.31
CA ALA A 121 5.60 15.26 -21.46
C ALA A 121 5.93 13.79 -21.64
N ASN A 122 4.96 13.00 -22.09
CA ASN A 122 5.18 11.59 -22.41
C ASN A 122 4.85 11.34 -23.88
N PRO A 123 5.82 11.01 -24.72
CA PRO A 123 5.51 10.78 -26.14
C PRO A 123 4.55 9.62 -26.37
N GLU A 124 4.41 8.72 -25.41
CA GLU A 124 3.47 7.61 -25.55
C GLU A 124 2.03 8.07 -25.53
N ASN A 125 1.76 9.30 -25.07
CA ASN A 125 0.42 9.86 -25.06
C ASN A 125 -0.02 10.41 -26.41
N GLN A 126 0.81 10.24 -27.46
CA GLN A 126 0.49 10.83 -28.75
C GLN A 126 -0.81 10.26 -29.32
N PHE A 127 -1.00 8.95 -29.23
CA PHE A 127 -2.24 8.36 -29.74
C PHE A 127 -3.45 8.81 -28.94
N ARG A 128 -3.26 9.25 -27.70
CA ARG A 128 -4.38 9.80 -26.93
C ARG A 128 -4.77 11.18 -27.46
N SER A 129 -3.78 12.03 -27.71
CA SER A 129 -4.07 13.34 -28.28
C SER A 129 -4.65 13.22 -29.68
N ASP A 130 -4.25 12.19 -30.43
CA ASP A 130 -4.84 11.96 -31.74
C ASP A 130 -6.30 11.52 -31.64
N TYR A 131 -6.67 10.85 -30.54
CA TYR A 131 -8.05 10.45 -30.36
C TYR A 131 -8.95 11.65 -30.09
N ILE A 132 -8.51 12.55 -29.20
CA ILE A 132 -9.34 13.70 -28.87
C ILE A 132 -9.48 14.63 -30.07
N LYS A 133 -8.45 14.72 -30.90
CA LYS A 133 -8.56 15.55 -32.10
C LYS A 133 -9.53 14.96 -33.11
N SER A 134 -9.63 13.63 -33.17
CA SER A 134 -10.56 13.00 -34.11
C SER A 134 -12.00 13.12 -33.65
N ILE A 135 -12.25 13.10 -32.34
CA ILE A 135 -13.60 13.28 -31.80
C ILE A 135 -13.93 14.75 -31.55
N ALA A 136 -12.97 15.65 -31.71
CA ALA A 136 -13.21 17.07 -31.41
C ALA A 136 -14.35 17.69 -32.20
N PRO A 137 -14.46 17.50 -33.52
CA PRO A 137 -15.58 18.14 -34.25
C PRO A 137 -16.90 17.39 -34.16
N ILE A 138 -16.92 16.15 -33.67
CA ILE A 138 -18.15 15.37 -33.64
C ILE A 138 -19.12 16.01 -32.66
N THR A 139 -20.29 16.42 -33.17
CA THR A 139 -21.36 16.98 -32.36
C THR A 139 -22.32 15.93 -31.78
N ASP A 140 -22.31 14.71 -32.29
CA ASP A 140 -23.22 13.68 -31.80
C ASP A 140 -22.42 12.66 -31.00
N PHE A 141 -21.55 13.16 -30.13
CA PHE A 141 -20.61 12.28 -29.45
C PHE A 141 -21.32 11.35 -28.48
N GLU A 142 -20.80 10.13 -28.38
CA GLU A 142 -21.42 9.08 -27.58
C GLU A 142 -21.04 9.16 -26.10
N TYR A 143 -19.84 9.66 -25.80
CA TYR A 143 -19.29 9.72 -24.44
C TYR A 143 -19.06 8.32 -23.86
N SER A 144 -18.31 7.51 -24.60
CA SER A 144 -17.94 6.17 -24.15
C SER A 144 -16.87 6.25 -23.06
N GLN A 145 -16.54 5.10 -22.48
CA GLN A 145 -15.45 5.06 -21.50
C GLN A 145 -14.10 5.34 -22.13
N GLU A 146 -13.92 5.00 -23.41
CA GLU A 146 -12.67 5.31 -24.09
C GLU A 146 -12.39 6.81 -24.04
N PHE A 147 -13.41 7.64 -24.22
CA PHE A 147 -13.24 9.08 -24.11
C PHE A 147 -12.70 9.47 -22.74
N PHE A 148 -13.36 9.02 -21.67
CA PHE A 148 -12.94 9.42 -20.33
C PHE A 148 -11.59 8.82 -19.96
N ASP A 149 -11.32 7.60 -20.42
CA ASP A 149 -10.03 6.97 -20.13
C ASP A 149 -8.88 7.78 -20.70
N HIS A 150 -9.05 8.33 -21.90
CA HIS A 150 -8.00 9.14 -22.49
C HIS A 150 -7.89 10.50 -21.81
N VAL A 151 -9.03 11.09 -21.44
CA VAL A 151 -9.01 12.38 -20.74
C VAL A 151 -8.32 12.24 -19.39
N LYS A 152 -8.54 11.12 -18.70
CA LYS A 152 -7.92 10.91 -17.40
C LYS A 152 -6.39 10.92 -17.52
N LYS A 153 -5.84 10.11 -18.41
CA LYS A 153 -4.39 10.03 -18.56
C LYS A 153 -3.81 11.22 -19.31
N LEU A 154 -4.59 11.90 -20.14
CA LEU A 154 -4.10 13.12 -20.77
C LEU A 154 -3.93 14.23 -19.75
N TRP A 155 -4.88 14.36 -18.81
CA TRP A 155 -4.76 15.38 -17.78
C TRP A 155 -3.56 15.11 -16.87
N ASP A 156 -3.16 13.85 -16.73
CA ASP A 156 -1.97 13.51 -15.96
C ASP A 156 -0.70 13.94 -16.68
N ASP A 157 -0.74 14.04 -18.01
CA ASP A 157 0.43 14.47 -18.78
C ASP A 157 0.77 15.91 -18.40
N GLU A 158 2.00 16.14 -17.98
CA GLU A 158 2.38 17.48 -17.51
C GLU A 158 2.34 18.50 -18.65
N GLY A 159 2.50 18.06 -19.89
CA GLY A 159 2.38 18.98 -21.01
C GLY A 159 0.99 19.56 -21.15
N VAL A 160 -0.03 18.74 -20.89
CA VAL A 160 -1.41 19.24 -20.90
C VAL A 160 -1.61 20.24 -19.77
N LYS A 161 -1.05 19.95 -18.60
CA LYS A 161 -1.09 20.92 -17.51
C LYS A 161 -0.31 22.18 -17.86
N ALA A 162 0.84 22.02 -18.53
CA ALA A 162 1.63 23.17 -18.94
C ALA A 162 0.86 24.07 -19.90
N CYS A 163 0.18 23.47 -20.88
CA CYS A 163 -0.65 24.26 -21.78
C CYS A 163 -1.84 24.86 -21.03
N PHE A 164 -2.35 24.16 -20.02
CA PHE A 164 -3.47 24.68 -19.25
C PHE A 164 -3.07 25.94 -18.48
N GLU A 165 -1.88 25.95 -17.91
CA GLU A 165 -1.45 27.09 -17.11
C GLU A 165 -1.27 28.36 -17.94
N ARG A 166 -1.26 28.22 -19.27
CA ARG A 166 -1.24 29.36 -20.18
C ARG A 166 -2.59 29.54 -20.87
N SER A 167 -3.68 29.23 -20.16
CA SER A 167 -5.00 29.24 -20.77
C SER A 167 -5.42 30.63 -21.22
N ASN A 168 -4.85 31.68 -20.62
CA ASN A 168 -5.23 33.04 -20.99
C ASN A 168 -4.82 33.41 -22.41
N GLU A 169 -4.00 32.59 -23.06
CA GLU A 169 -3.60 32.81 -24.45
C GLU A 169 -4.57 32.18 -25.44
N TYR A 170 -5.68 31.64 -24.97
CA TYR A 170 -6.77 31.13 -25.80
C TYR A 170 -8.05 31.18 -24.97
N GLN A 171 -9.12 30.58 -25.48
CA GLN A 171 -10.43 30.65 -24.83
C GLN A 171 -10.70 29.33 -24.11
N LEU A 172 -10.66 29.36 -22.78
CA LEU A 172 -10.94 28.18 -21.97
C LEU A 172 -11.99 28.51 -20.92
N ILE A 173 -12.99 27.65 -20.79
CA ILE A 173 -14.04 27.85 -19.80
C ILE A 173 -13.46 27.73 -18.40
N ASP A 174 -13.95 28.55 -17.47
CA ASP A 174 -13.38 28.62 -16.14
C ASP A 174 -13.63 27.36 -15.32
N CYS A 175 -14.54 26.50 -15.74
CA CYS A 175 -14.82 25.25 -15.04
C CYS A 175 -13.97 24.10 -15.53
N ALA A 176 -12.94 24.38 -16.34
CA ALA A 176 -12.15 23.32 -16.95
C ALA A 176 -11.37 22.52 -15.91
N GLN A 177 -10.65 23.23 -15.03
CA GLN A 177 -9.85 22.54 -14.02
C GLN A 177 -10.74 21.72 -13.08
N TYR A 178 -11.92 22.25 -12.73
CA TYR A 178 -12.80 21.56 -11.80
C TYR A 178 -13.28 20.23 -12.37
N PHE A 179 -13.73 20.24 -13.63
CA PHE A 179 -14.28 19.02 -14.20
C PHE A 179 -13.19 18.04 -14.59
N LEU A 180 -12.04 18.53 -15.05
CA LEU A 180 -10.92 17.64 -15.31
C LEU A 180 -10.40 17.00 -14.03
N GLU A 181 -10.46 17.73 -12.92
CA GLU A 181 -10.05 17.18 -11.63
C GLU A 181 -11.12 16.26 -11.04
N ARG A 182 -12.36 16.36 -11.50
CA ARG A 182 -13.46 15.51 -11.06
C ARG A 182 -13.88 14.52 -12.13
N ILE A 183 -12.94 14.11 -13.00
CA ILE A 183 -13.27 13.23 -14.11
C ILE A 183 -13.71 11.86 -13.62
N ASP A 184 -13.21 11.42 -12.46
CA ASP A 184 -13.53 10.08 -11.97
C ASP A 184 -15.02 9.91 -11.72
N SER A 185 -15.68 10.96 -11.24
CA SER A 185 -17.12 10.89 -11.02
C SER A 185 -17.90 11.03 -12.32
N VAL A 186 -17.53 12.01 -13.14
CA VAL A 186 -18.29 12.32 -14.35
C VAL A 186 -18.33 11.12 -15.30
N SER A 187 -17.32 10.25 -15.25
CA SER A 187 -17.23 9.13 -16.17
C SER A 187 -18.11 7.95 -15.76
N LEU A 188 -18.67 7.96 -14.56
CA LEU A 188 -19.51 6.86 -14.10
C LEU A 188 -20.79 6.77 -14.93
N VAL A 189 -21.26 5.53 -15.12
CA VAL A 189 -22.52 5.32 -15.83
C VAL A 189 -23.70 5.85 -15.00
N ASP A 190 -23.66 5.63 -13.69
CA ASP A 190 -24.66 6.15 -12.77
C ASP A 190 -24.24 7.46 -12.13
N TYR A 191 -23.46 8.27 -12.85
CA TYR A 191 -23.00 9.56 -12.36
C TYR A 191 -24.17 10.51 -12.14
N THR A 192 -24.40 10.89 -10.87
CA THR A 192 -25.40 11.89 -10.52
C THR A 192 -24.70 13.19 -10.13
N PRO A 193 -25.00 14.30 -10.81
CA PRO A 193 -24.25 15.55 -10.56
C PRO A 193 -24.51 16.12 -9.17
N THR A 194 -23.43 16.47 -8.49
CA THR A 194 -23.47 17.26 -7.27
C THR A 194 -24.03 18.66 -7.55
N ASP A 195 -24.54 19.30 -6.50
CA ASP A 195 -24.94 20.70 -6.60
C ASP A 195 -23.78 21.57 -7.06
N GLN A 196 -22.56 21.25 -6.61
CA GLN A 196 -21.39 21.98 -7.08
C GLN A 196 -21.11 21.67 -8.54
N ASP A 197 -21.28 20.41 -8.94
CA ASP A 197 -21.15 20.07 -10.36
C ASP A 197 -22.15 20.86 -11.20
N LEU A 198 -23.34 21.10 -10.66
CA LEU A 198 -24.34 21.88 -11.38
C LEU A 198 -24.03 23.36 -11.38
N LEU A 199 -23.37 23.87 -10.33
CA LEU A 199 -22.95 25.26 -10.32
C LEU A 199 -21.83 25.51 -11.32
N ARG A 200 -20.87 24.59 -11.41
CA ARG A 200 -19.76 24.77 -12.33
C ARG A 200 -20.14 24.52 -13.78
N CYS A 201 -21.28 23.87 -14.03
CA CYS A 201 -21.70 23.59 -15.40
C CYS A 201 -21.93 24.89 -16.16
N ARG A 202 -21.27 25.01 -17.32
CA ARG A 202 -21.32 26.21 -18.14
C ARG A 202 -22.16 25.94 -19.37
N VAL A 203 -23.23 26.72 -19.54
CA VAL A 203 -24.06 26.71 -20.74
C VAL A 203 -24.37 28.14 -21.12
N LEU A 204 -24.13 28.51 -22.37
CA LEU A 204 -24.43 29.85 -22.83
C LEU A 204 -25.92 30.15 -22.70
N THR A 205 -26.23 31.36 -22.22
CA THR A 205 -27.62 31.77 -22.02
C THR A 205 -28.10 32.55 -23.23
N SER A 206 -29.11 32.02 -23.91
CA SER A 206 -29.78 32.70 -25.01
C SER A 206 -31.21 32.98 -24.62
N GLY A 207 -31.61 34.24 -24.73
CA GLY A 207 -32.97 34.61 -24.38
C GLY A 207 -33.11 35.23 -23.01
N ILE A 208 -34.30 35.11 -22.42
CA ILE A 208 -34.62 35.69 -21.12
C ILE A 208 -35.22 34.60 -20.25
N PHE A 209 -34.45 34.12 -19.28
CA PHE A 209 -34.93 33.12 -18.33
C PHE A 209 -35.38 33.79 -17.04
N GLU A 210 -36.55 33.40 -16.55
CA GLU A 210 -37.16 33.99 -15.37
C GLU A 210 -37.19 32.98 -14.23
N THR A 211 -36.94 33.47 -13.00
CA THR A 211 -36.95 32.65 -11.81
C THR A 211 -37.59 33.43 -10.68
N ARG A 212 -38.58 32.82 -10.01
CA ARG A 212 -39.32 33.46 -8.94
C ARG A 212 -39.13 32.68 -7.65
N PHE A 213 -38.80 33.39 -6.58
CA PHE A 213 -38.64 32.80 -5.25
C PHE A 213 -39.01 33.86 -4.21
N GLN A 214 -39.26 33.41 -2.99
CA GLN A 214 -39.59 34.31 -1.89
C GLN A 214 -38.73 33.97 -0.68
N VAL A 215 -38.33 35.00 0.05
CA VAL A 215 -37.52 34.86 1.27
C VAL A 215 -38.23 35.61 2.38
N ASP A 216 -38.52 34.92 3.48
CA ASP A 216 -39.19 35.52 4.64
C ASP A 216 -40.47 36.26 4.23
N LYS A 217 -41.26 35.62 3.37
CA LYS A 217 -42.58 36.11 2.96
C LYS A 217 -42.49 37.44 2.20
N VAL A 218 -41.49 37.55 1.32
CA VAL A 218 -41.46 38.61 0.32
C VAL A 218 -40.94 38.02 -0.99
N ASN A 219 -41.61 38.32 -2.08
CA ASN A 219 -41.33 37.69 -3.36
C ASN A 219 -40.18 38.39 -4.09
N PHE A 220 -39.40 37.60 -4.83
CA PHE A 220 -38.27 38.10 -5.60
C PHE A 220 -38.34 37.50 -6.99
N HIS A 221 -38.65 38.32 -7.99
CA HIS A 221 -38.60 37.89 -9.39
C HIS A 221 -37.21 38.21 -9.95
N MET A 222 -36.58 37.20 -10.56
CA MET A 222 -35.20 37.32 -11.03
C MET A 222 -35.14 37.01 -12.52
N PHE A 223 -34.48 37.89 -13.27
CA PHE A 223 -34.35 37.76 -14.72
C PHE A 223 -32.90 37.43 -15.07
N ASP A 224 -32.70 36.25 -15.65
CA ASP A 224 -31.41 35.81 -16.15
C ASP A 224 -31.35 36.04 -17.66
N VAL A 225 -30.30 36.72 -18.11
CA VAL A 225 -30.15 37.09 -19.51
C VAL A 225 -28.77 36.65 -20.00
N GLY A 226 -28.59 36.71 -21.32
CA GLY A 226 -27.30 36.39 -21.91
C GLY A 226 -26.39 37.60 -21.93
N GLY A 227 -25.09 37.34 -21.78
CA GLY A 227 -24.14 38.42 -21.59
C GLY A 227 -23.33 38.81 -22.81
N GLN A 228 -23.16 37.89 -23.74
CA GLN A 228 -22.35 38.18 -24.92
C GLN A 228 -23.02 39.24 -25.79
N ARG A 229 -22.25 39.74 -26.75
CA ARG A 229 -22.59 40.99 -27.42
C ARG A 229 -23.93 40.90 -28.15
N ASP A 230 -24.17 39.79 -28.86
CA ASP A 230 -25.39 39.68 -29.65
C ASP A 230 -26.63 39.55 -28.75
N GLU A 231 -26.46 39.05 -27.53
CA GLU A 231 -27.60 38.93 -26.63
C GLU A 231 -28.03 40.27 -26.06
N ARG A 232 -27.13 41.27 -26.06
CA ARG A 232 -27.44 42.58 -25.48
C ARG A 232 -28.57 43.31 -26.21
N ARG A 233 -28.86 42.92 -27.45
CA ARG A 233 -29.87 43.61 -28.24
C ARG A 233 -31.25 43.54 -27.59
N LYS A 234 -31.55 42.42 -26.93
CA LYS A 234 -32.84 42.20 -26.31
C LYS A 234 -32.93 42.79 -24.90
N TRP A 235 -31.83 43.30 -24.35
CA TRP A 235 -31.83 43.74 -22.96
C TRP A 235 -32.88 44.79 -22.67
N ILE A 236 -33.20 45.64 -23.65
CA ILE A 236 -34.16 46.72 -23.43
C ILE A 236 -35.54 46.19 -23.04
N GLN A 237 -35.86 44.95 -23.44
CA GLN A 237 -37.16 44.38 -23.09
C GLN A 237 -37.28 44.08 -21.61
N CYS A 238 -36.14 43.84 -20.94
CA CYS A 238 -36.17 43.58 -19.51
C CYS A 238 -36.20 44.85 -18.66
N PHE A 239 -36.21 46.04 -19.27
CA PHE A 239 -36.25 47.29 -18.51
C PHE A 239 -37.67 47.65 -18.08
N ASN A 240 -38.45 46.68 -17.63
CA ASN A 240 -39.83 46.88 -17.21
C ASN A 240 -39.90 46.63 -15.71
N ASP A 241 -40.20 47.70 -14.95
CA ASP A 241 -40.50 47.60 -13.53
C ASP A 241 -39.36 46.92 -12.76
N VAL A 242 -38.21 47.60 -12.76
CA VAL A 242 -36.98 47.06 -12.18
C VAL A 242 -36.70 47.77 -10.86
N THR A 243 -36.59 46.98 -9.78
CA THR A 243 -36.26 47.57 -8.49
C THR A 243 -34.77 47.82 -8.35
N ALA A 244 -33.95 46.87 -8.80
CA ALA A 244 -32.50 47.02 -8.76
C ALA A 244 -31.89 46.17 -9.87
N ILE A 245 -30.64 46.47 -10.19
CA ILE A 245 -29.88 45.73 -11.19
C ILE A 245 -28.69 45.08 -10.51
N ILE A 246 -28.46 43.81 -10.79
CA ILE A 246 -27.32 43.06 -10.25
C ILE A 246 -26.35 42.86 -11.40
N TYR A 247 -25.31 43.69 -11.45
CA TYR A 247 -24.27 43.58 -12.46
C TYR A 247 -23.16 42.68 -11.95
N VAL A 248 -22.93 41.56 -12.65
CA VAL A 248 -21.91 40.59 -12.29
C VAL A 248 -20.70 40.80 -13.19
N ALA A 249 -19.51 40.93 -12.58
CA ALA A 249 -18.27 41.16 -13.31
C ALA A 249 -17.26 40.10 -12.93
N ALA A 250 -16.61 39.52 -13.93
CA ALA A 250 -15.60 38.48 -13.72
C ALA A 250 -14.26 39.15 -13.44
N CYS A 251 -13.94 39.30 -12.15
CA CYS A 251 -12.70 39.96 -11.76
C CYS A 251 -11.47 39.12 -12.04
N SER A 252 -11.62 37.80 -12.19
CA SER A 252 -10.48 36.93 -12.47
C SER A 252 -9.94 37.10 -13.88
N SER A 253 -10.73 37.65 -14.80
CA SER A 253 -10.40 37.65 -16.22
C SER A 253 -9.71 38.95 -16.66
N TYR A 254 -8.84 39.51 -15.82
CA TYR A 254 -8.11 40.72 -16.20
C TYR A 254 -7.02 40.44 -17.22
N ASN A 255 -6.59 39.19 -17.36
CA ASN A 255 -5.54 38.81 -18.30
C ASN A 255 -6.08 38.09 -19.52
N MET A 256 -7.38 37.86 -19.58
CA MET A 256 -8.03 37.11 -20.65
C MET A 256 -8.76 38.05 -21.60
N VAL A 257 -9.10 37.52 -22.78
CA VAL A 257 -9.84 38.28 -23.79
C VAL A 257 -11.19 37.61 -24.02
N ILE A 258 -12.16 38.41 -24.47
CA ILE A 258 -13.52 37.94 -24.69
C ILE A 258 -13.55 37.00 -25.90
N ARG A 259 -14.65 36.25 -26.05
CA ARG A 259 -14.76 35.28 -27.13
C ARG A 259 -15.28 35.89 -28.42
N GLU A 260 -16.03 36.99 -28.35
CA GLU A 260 -16.68 37.53 -29.54
C GLU A 260 -15.67 37.99 -30.58
N ASP A 261 -14.50 38.48 -30.15
CA ASP A 261 -13.47 38.91 -31.09
C ASP A 261 -12.06 38.44 -30.75
N ASN A 262 -11.85 37.83 -29.58
CA ASN A 262 -10.52 37.42 -29.11
C ASN A 262 -9.53 38.57 -29.05
N ASN A 263 -10.03 39.80 -28.99
CA ASN A 263 -9.19 40.99 -28.90
C ASN A 263 -9.45 41.82 -27.66
N THR A 264 -10.71 42.12 -27.37
CA THR A 264 -11.04 43.00 -26.25
C THR A 264 -10.78 42.30 -24.91
N ASN A 265 -10.12 43.01 -24.00
CA ASN A 265 -9.87 42.49 -22.66
C ASN A 265 -11.20 42.29 -21.92
N ARG A 266 -11.31 41.16 -21.21
CA ARG A 266 -12.57 40.80 -20.58
C ARG A 266 -12.95 41.78 -19.48
N LEU A 267 -12.00 42.13 -18.61
CA LEU A 267 -12.28 43.11 -17.57
C LEU A 267 -12.62 44.47 -18.17
N ARG A 268 -11.93 44.84 -19.24
CA ARG A 268 -12.27 46.08 -19.92
C ARG A 268 -13.66 46.03 -20.55
N GLU A 269 -14.08 44.84 -20.99
CA GLU A 269 -15.44 44.70 -21.50
C GLU A 269 -16.46 44.94 -20.39
N SER A 270 -16.20 44.39 -19.21
CA SER A 270 -17.10 44.62 -18.08
C SER A 270 -17.14 46.10 -17.70
N LEU A 271 -15.99 46.75 -17.71
CA LEU A 271 -15.93 48.17 -17.34
C LEU A 271 -16.67 49.03 -18.36
N ASP A 272 -16.44 48.77 -19.65
CA ASP A 272 -17.12 49.53 -20.69
C ASP A 272 -18.62 49.25 -20.69
N LEU A 273 -19.01 48.00 -20.42
CA LEU A 273 -20.43 47.68 -20.38
C LEU A 273 -21.08 48.27 -19.14
N PHE A 274 -20.38 48.25 -18.01
CA PHE A 274 -20.93 48.84 -16.78
C PHE A 274 -21.19 50.34 -16.94
N GLU A 275 -20.31 51.04 -17.65
CA GLU A 275 -20.54 52.47 -17.89
C GLU A 275 -21.80 52.69 -18.74
N SER A 276 -22.02 51.82 -19.73
CA SER A 276 -23.23 51.94 -20.55
C SER A 276 -24.48 51.76 -19.69
N ILE A 277 -24.44 50.82 -18.75
CA ILE A 277 -25.59 50.59 -17.87
C ILE A 277 -25.77 51.78 -16.92
N TRP A 278 -24.67 52.21 -16.29
CA TRP A 278 -24.76 53.28 -15.31
C TRP A 278 -25.18 54.60 -15.95
N ASN A 279 -24.65 54.91 -17.13
CA ASN A 279 -24.95 56.16 -17.82
C ASN A 279 -26.06 56.00 -18.85
N ASN A 280 -26.80 54.89 -18.82
CA ASN A 280 -27.94 54.73 -19.70
C ASN A 280 -29.00 55.78 -19.38
N ARG A 281 -29.52 56.43 -20.42
CA ARG A 281 -30.54 57.44 -20.21
C ARG A 281 -31.79 56.87 -19.57
N TRP A 282 -32.12 55.62 -19.91
CA TRP A 282 -33.34 55.00 -19.39
C TRP A 282 -33.18 54.53 -17.95
N LEU A 283 -31.95 54.42 -17.46
CA LEU A 283 -31.67 53.82 -16.16
C LEU A 283 -31.21 54.87 -15.14
N ARG A 284 -31.67 56.12 -15.30
CA ARG A 284 -31.36 57.16 -14.34
C ARG A 284 -31.78 56.77 -12.92
N THR A 285 -33.02 56.30 -12.79
CA THR A 285 -33.55 55.97 -11.46
C THR A 285 -32.94 54.69 -10.91
N ILE A 286 -32.66 53.71 -11.79
CA ILE A 286 -32.32 52.36 -11.33
C ILE A 286 -30.93 52.35 -10.69
N SER A 287 -30.84 51.76 -9.51
CA SER A 287 -29.57 51.56 -8.85
C SER A 287 -29.00 50.18 -9.20
N ILE A 288 -27.69 50.03 -9.05
CA ILE A 288 -26.98 48.83 -9.43
C ILE A 288 -26.36 48.19 -8.20
N ILE A 289 -26.63 46.91 -8.00
CA ILE A 289 -25.92 46.10 -7.01
C ILE A 289 -24.81 45.39 -7.74
N LEU A 290 -23.57 45.75 -7.44
CA LEU A 290 -22.41 45.32 -8.21
C LEU A 290 -21.77 44.10 -7.54
N PHE A 291 -21.80 42.97 -8.24
CA PHE A 291 -21.19 41.74 -7.76
C PHE A 291 -19.81 41.61 -8.41
N LEU A 292 -18.77 41.94 -7.64
CA LEU A 292 -17.38 41.76 -8.08
C LEU A 292 -17.06 40.27 -7.94
N ASN A 293 -17.38 39.52 -8.99
CA ASN A 293 -17.47 38.08 -8.92
C ASN A 293 -16.12 37.41 -9.11
N LYS A 294 -16.10 36.09 -8.83
CA LYS A 294 -14.94 35.23 -9.08
C LYS A 294 -13.75 35.62 -8.21
N GLN A 295 -14.00 35.88 -6.94
CA GLN A 295 -12.93 36.26 -6.03
C GLN A 295 -11.96 35.12 -5.77
N ASP A 296 -12.44 33.87 -5.80
CA ASP A 296 -11.55 32.73 -5.54
C ASP A 296 -10.58 32.53 -6.69
N MET A 297 -11.07 32.55 -7.93
CA MET A 297 -10.17 32.45 -9.08
C MET A 297 -9.28 33.68 -9.18
N LEU A 298 -9.77 34.83 -8.71
CA LEU A 298 -8.93 36.03 -8.67
C LEU A 298 -7.76 35.86 -7.71
N ALA A 299 -8.02 35.30 -6.53
CA ALA A 299 -6.95 35.08 -5.56
C ALA A 299 -5.91 34.10 -6.09
N GLU A 300 -6.36 33.05 -6.77
CA GLU A 300 -5.43 32.01 -7.21
C GLU A 300 -4.40 32.56 -8.21
N LYS A 301 -4.83 33.46 -9.10
CA LYS A 301 -3.88 33.97 -10.09
C LYS A 301 -3.03 35.11 -9.54
N VAL A 302 -3.53 35.84 -8.54
CA VAL A 302 -2.69 36.82 -7.87
C VAL A 302 -1.65 36.11 -7.01
N LEU A 303 -2.03 35.00 -6.37
CA LEU A 303 -1.06 34.23 -5.59
C LEU A 303 -0.13 33.43 -6.47
N ALA A 304 -0.54 33.11 -7.70
CA ALA A 304 0.37 32.46 -8.63
C ALA A 304 1.48 33.40 -9.06
N GLY A 305 1.16 34.67 -9.28
CA GLY A 305 2.16 35.66 -9.62
C GLY A 305 2.70 35.55 -11.03
N LYS A 306 1.93 34.98 -11.96
CA LYS A 306 2.36 34.84 -13.34
C LYS A 306 1.85 35.96 -14.24
N SER A 307 0.58 36.37 -14.06
CA SER A 307 0.00 37.48 -14.80
C SER A 307 -0.12 38.67 -13.86
N LYS A 308 0.67 39.72 -14.12
CA LYS A 308 0.64 40.95 -13.33
C LYS A 308 -0.47 41.84 -13.82
N ILE A 309 -1.30 42.33 -12.89
CA ILE A 309 -2.37 43.27 -13.23
C ILE A 309 -1.82 44.53 -13.89
N GLU A 310 -0.64 44.99 -13.49
CA GLU A 310 -0.05 46.18 -14.09
C GLU A 310 0.15 46.02 -15.59
N ASP A 311 0.46 44.80 -16.05
CA ASP A 311 0.65 44.57 -17.48
C ASP A 311 -0.61 44.90 -18.27
N TYR A 312 -1.77 44.69 -17.66
CA TYR A 312 -3.04 44.92 -18.33
C TYR A 312 -3.70 46.23 -17.92
N PHE A 313 -3.43 46.71 -16.70
CA PHE A 313 -3.92 48.00 -16.23
C PHE A 313 -2.76 48.75 -15.60
N PRO A 314 -2.08 49.62 -16.36
CA PRO A 314 -0.84 50.23 -15.85
C PRO A 314 -1.01 51.07 -14.59
N GLU A 315 -2.17 51.70 -14.39
CA GLU A 315 -2.37 52.54 -13.21
C GLU A 315 -2.40 51.75 -11.91
N TYR A 316 -2.34 50.42 -11.98
CA TYR A 316 -2.35 49.58 -10.79
C TYR A 316 -1.09 49.79 -9.95
N ALA A 317 0.02 50.20 -10.57
CA ALA A 317 1.26 50.39 -9.82
C ALA A 317 1.14 51.48 -8.77
N ASN A 318 0.29 52.48 -9.00
CA ASN A 318 0.08 53.54 -8.03
C ASN A 318 -1.01 53.22 -7.04
N TYR A 319 -1.97 52.39 -7.41
CA TYR A 319 -3.03 52.08 -6.47
C TYR A 319 -2.44 51.40 -5.24
N THR A 320 -2.97 51.76 -4.08
CA THR A 320 -2.58 51.17 -2.82
C THR A 320 -3.83 50.87 -2.03
N VAL A 321 -3.73 49.88 -1.14
CA VAL A 321 -4.88 49.52 -0.32
C VAL A 321 -5.26 50.76 0.47
N PRO A 322 -6.50 51.23 0.37
CA PRO A 322 -6.90 52.40 1.17
C PRO A 322 -6.88 52.06 2.64
N GLU A 323 -6.22 52.93 3.42
CA GLU A 323 -6.00 52.67 4.85
C GLU A 323 -7.32 52.50 5.60
N ASP A 324 -8.42 53.00 5.05
CA ASP A 324 -9.72 52.87 5.69
C ASP A 324 -10.27 51.46 5.58
N THR A 326 -11.11 47.05 5.42
CA THR A 326 -10.62 46.01 6.32
C THR A 326 -10.72 44.64 5.67
N PRO A 327 -9.60 43.92 5.60
CA PRO A 327 -9.59 42.62 4.95
C PRO A 327 -10.27 41.55 5.79
N ASP A 328 -10.41 40.37 5.19
CA ASP A 328 -10.97 39.21 5.87
C ASP A 328 -9.92 38.58 6.79
N ALA A 329 -10.25 37.42 7.34
CA ALA A 329 -9.36 36.73 8.26
C ALA A 329 -8.08 36.29 7.56
N GLY A 330 -6.96 36.91 7.90
CA GLY A 330 -5.68 36.58 7.32
C GLY A 330 -5.66 36.54 5.80
N GLU A 331 -6.20 37.57 5.16
CA GLU A 331 -6.24 37.61 3.71
C GLU A 331 -4.92 38.15 3.19
N ASP A 332 -4.31 37.45 2.24
CA ASP A 332 -3.02 37.85 1.70
C ASP A 332 -3.13 39.26 1.14
N PRO A 333 -2.23 40.18 1.52
CA PRO A 333 -2.30 41.55 0.99
C PRO A 333 -2.29 41.64 -0.51
N LYS A 334 -1.59 40.73 -1.20
CA LYS A 334 -1.64 40.72 -2.66
C LYS A 334 -3.06 40.51 -3.16
N VAL A 335 -3.81 39.62 -2.50
CA VAL A 335 -5.21 39.40 -2.89
C VAL A 335 -6.06 40.61 -2.51
N THR A 336 -5.78 41.22 -1.36
CA THR A 336 -6.53 42.39 -0.92
C THR A 336 -6.35 43.55 -1.90
N ARG A 337 -5.11 43.88 -2.21
CA ARG A 337 -4.84 44.99 -3.13
C ARG A 337 -5.47 44.76 -4.49
N ALA A 338 -5.51 43.51 -4.94
CA ALA A 338 -6.01 43.21 -6.28
C ALA A 338 -7.51 43.46 -6.38
N LYS A 339 -8.28 42.98 -5.40
CA LYS A 339 -9.73 43.09 -5.49
C LYS A 339 -10.21 44.51 -5.18
N PHE A 340 -9.52 45.23 -4.30
CA PHE A 340 -9.91 46.61 -4.03
C PHE A 340 -9.57 47.53 -5.21
N PHE A 341 -8.54 47.21 -5.99
CA PHE A 341 -8.26 47.99 -7.19
C PHE A 341 -9.34 47.80 -8.24
N ILE A 342 -9.72 46.54 -8.50
CA ILE A 342 -10.77 46.28 -9.48
C ILE A 342 -12.07 46.95 -9.08
N ARG A 343 -12.34 47.03 -7.78
CA ARG A 343 -13.52 47.75 -7.31
C ARG A 343 -13.41 49.24 -7.64
N ASP A 344 -12.25 49.84 -7.36
CA ASP A 344 -12.08 51.26 -7.64
C ASP A 344 -12.09 51.58 -9.13
N LEU A 345 -11.97 50.57 -10.01
CA LEU A 345 -12.21 50.82 -11.42
C LEU A 345 -13.69 51.09 -11.68
N PHE A 346 -14.57 50.31 -11.06
CA PHE A 346 -16.00 50.52 -11.23
C PHE A 346 -16.48 51.74 -10.46
N LEU A 347 -16.05 51.86 -9.20
CA LEU A 347 -16.49 52.99 -8.37
C LEU A 347 -16.08 54.33 -9.00
N ARG A 348 -14.95 54.34 -9.72
CA ARG A 348 -14.56 55.53 -10.46
C ARG A 348 -15.57 55.87 -11.55
N ILE A 349 -16.10 54.84 -12.22
CA ILE A 349 -17.12 55.06 -13.25
C ILE A 349 -18.41 55.58 -12.64
N SER A 350 -18.85 54.96 -11.54
CA SER A 350 -20.15 55.29 -10.97
C SER A 350 -20.16 56.58 -10.17
N THR A 351 -18.99 57.03 -9.68
CA THR A 351 -18.93 58.29 -8.95
C THR A 351 -18.94 59.49 -9.89
N ALA A 352 -18.56 59.31 -11.15
CA ALA A 352 -18.45 60.44 -12.06
C ALA A 352 -19.81 61.02 -12.43
N THR A 353 -20.84 60.18 -12.54
CA THR A 353 -22.17 60.62 -12.94
C THR A 353 -23.21 60.01 -12.03
N GLY A 354 -24.44 60.51 -12.15
CA GLY A 354 -25.55 60.03 -11.37
C GLY A 354 -26.25 61.12 -10.58
N ASP A 355 -25.46 62.05 -10.04
CA ASP A 355 -25.96 63.21 -9.29
C ASP A 355 -26.90 62.81 -8.17
N GLY A 356 -26.70 61.63 -7.60
CA GLY A 356 -27.49 61.18 -6.47
C GLY A 356 -28.83 60.55 -6.81
N LYS A 357 -29.22 60.55 -8.10
CA LYS A 357 -30.51 59.99 -8.47
C LYS A 357 -30.55 58.47 -8.30
N HIS A 358 -29.38 57.82 -8.38
CA HIS A 358 -29.28 56.40 -8.08
C HIS A 358 -27.87 56.13 -7.56
N TYR A 359 -27.68 54.93 -7.01
CA TYR A 359 -26.45 54.59 -6.30
C TYR A 359 -25.96 53.23 -6.75
N CYS A 360 -24.78 52.84 -6.26
CA CYS A 360 -24.14 51.59 -6.63
C CYS A 360 -23.65 50.89 -5.36
N TYR A 361 -24.06 49.64 -5.18
CA TYR A 361 -23.73 48.86 -3.99
C TYR A 361 -22.77 47.73 -4.34
N PRO A 362 -21.50 47.84 -4.03
CA PRO A 362 -20.53 46.80 -4.37
C PRO A 362 -20.46 45.67 -3.35
N HIS A 363 -20.22 44.46 -3.87
CA HIS A 363 -20.03 43.29 -3.03
C HIS A 363 -18.98 42.39 -3.67
N PHE A 364 -18.15 41.77 -2.84
CA PHE A 364 -17.21 40.74 -3.29
C PHE A 364 -17.94 39.40 -3.25
N THR A 365 -18.02 38.74 -4.41
CA THR A 365 -18.87 37.56 -4.55
C THR A 365 -18.08 36.40 -5.16
N CYS A 366 -18.53 35.20 -4.82
CA CYS A 366 -18.03 33.94 -5.38
C CYS A 366 -19.26 33.11 -5.71
N ALA A 367 -19.72 33.18 -6.96
CA ALA A 367 -21.03 32.66 -7.31
C ALA A 367 -21.14 31.15 -7.15
N VAL A 368 -20.02 30.44 -7.03
CA VAL A 368 -20.08 28.99 -6.84
C VAL A 368 -20.03 28.58 -5.38
N ASP A 369 -19.84 29.53 -4.46
CA ASP A 369 -19.83 29.25 -3.03
C ASP A 369 -21.23 29.53 -2.49
N THR A 370 -21.96 28.46 -2.14
CA THR A 370 -23.34 28.63 -1.69
C THR A 370 -23.40 29.50 -0.44
N GLU A 371 -22.50 29.29 0.51
CA GLU A 371 -22.52 30.06 1.74
C GLU A 371 -22.24 31.54 1.46
N ASN A 372 -21.32 31.82 0.52
CA ASN A 372 -21.02 33.20 0.14
C ASN A 372 -22.24 33.89 -0.45
N ILE A 373 -22.91 33.24 -1.41
CA ILE A 373 -24.07 33.87 -2.03
C ILE A 373 -25.20 34.04 -1.04
N ARG A 374 -25.33 33.14 -0.07
CA ARG A 374 -26.29 33.35 1.00
C ARG A 374 -25.99 34.64 1.74
N ARG A 375 -24.73 34.83 2.13
CA ARG A 375 -24.33 36.04 2.85
C ARG A 375 -24.47 37.28 1.98
N VAL A 376 -24.05 37.20 0.72
CA VAL A 376 -24.12 38.38 -0.15
C VAL A 376 -25.57 38.75 -0.45
N PHE A 377 -26.37 37.79 -0.90
CA PHE A 377 -27.77 38.08 -1.20
C PHE A 377 -28.59 38.41 0.04
N ASN A 378 -28.13 37.99 1.22
CA ASN A 378 -28.89 38.26 2.44
C ASN A 378 -29.00 39.75 2.70
N ASP A 379 -27.85 40.43 2.83
CA ASP A 379 -27.87 41.87 3.04
C ASP A 379 -28.21 42.64 1.77
N CYS A 380 -28.26 41.98 0.62
CA CYS A 380 -28.87 42.60 -0.56
C CYS A 380 -30.34 42.93 -0.28
N ARG A 381 -31.03 42.03 0.42
CA ARG A 381 -32.43 42.30 0.78
C ARG A 381 -32.54 43.44 1.77
N ASP A 382 -31.53 43.63 2.62
CA ASP A 382 -31.51 44.80 3.51
C ASP A 382 -31.41 46.10 2.73
N ILE A 383 -30.60 46.11 1.67
CA ILE A 383 -30.48 47.30 0.83
C ILE A 383 -31.81 47.65 0.19
N ILE A 384 -32.58 46.64 -0.24
CA ILE A 384 -33.89 46.89 -0.83
C ILE A 384 -34.82 47.50 0.21
N GLN A 385 -34.76 47.02 1.45
CA GLN A 385 -35.60 47.58 2.51
C GLN A 385 -35.28 49.05 2.74
N ARG A 386 -33.99 49.41 2.76
CA ARG A 386 -33.64 50.81 2.95
C ARG A 386 -34.06 51.67 1.77
N MET A 387 -34.29 51.07 0.59
CA MET A 387 -34.78 51.83 -0.56
C MET A 387 -36.20 52.31 -0.36
N HIS A 388 -36.96 51.68 0.54
CA HIS A 388 -38.34 52.06 0.79
C HIS A 388 -38.47 53.50 1.31
N ALA B 55 -50.57 -27.63 -2.09
CA ALA B 55 -49.75 -28.33 -3.06
C ALA B 55 -48.31 -27.81 -3.02
N THR B 56 -47.37 -28.62 -3.50
CA THR B 56 -45.97 -28.23 -3.57
C THR B 56 -45.51 -28.28 -5.02
N HIS B 57 -44.91 -27.19 -5.47
CA HIS B 57 -44.36 -27.08 -6.82
C HIS B 57 -42.85 -27.20 -6.74
N ARG B 58 -42.29 -28.17 -7.47
CA ARG B 58 -40.86 -28.43 -7.45
C ARG B 58 -40.22 -27.73 -8.64
N LEU B 59 -39.42 -26.72 -8.36
CA LEU B 59 -38.74 -25.95 -9.40
C LEU B 59 -37.29 -26.36 -9.49
N LEU B 60 -36.75 -26.32 -10.71
CA LEU B 60 -35.38 -26.73 -10.99
C LEU B 60 -34.68 -25.59 -11.71
N LEU B 61 -33.61 -25.07 -11.10
CA LEU B 61 -32.81 -24.01 -11.69
C LEU B 61 -31.71 -24.62 -12.54
N LEU B 62 -31.79 -24.41 -13.85
CA LEU B 62 -30.75 -24.85 -14.77
C LEU B 62 -30.08 -23.64 -15.42
N GLY B 63 -28.86 -23.85 -15.86
CA GLY B 63 -28.06 -22.78 -16.45
C GLY B 63 -26.59 -23.08 -16.28
N ALA B 64 -25.78 -22.43 -17.12
CA ALA B 64 -24.34 -22.66 -17.12
C ALA B 64 -23.71 -22.11 -15.85
N GLY B 65 -22.40 -22.32 -15.71
CA GLY B 65 -21.71 -21.87 -14.51
C GLY B 65 -21.74 -20.36 -14.38
N GLU B 66 -21.88 -19.89 -13.14
CA GLU B 66 -21.91 -18.47 -12.81
C GLU B 66 -23.07 -17.74 -13.50
N SER B 67 -24.14 -18.48 -13.82
CA SER B 67 -25.30 -17.85 -14.44
C SER B 67 -26.11 -17.05 -13.42
N GLY B 68 -26.24 -17.56 -12.20
CA GLY B 68 -26.96 -16.85 -11.16
C GLY B 68 -28.02 -17.69 -10.47
N LYS B 69 -27.97 -19.01 -10.68
CA LYS B 69 -28.97 -19.89 -10.11
C LYS B 69 -28.95 -19.85 -8.58
N SER B 70 -27.78 -20.06 -7.98
CA SER B 70 -27.69 -20.05 -6.53
C SER B 70 -28.07 -18.70 -5.96
N THR B 71 -27.76 -17.61 -6.66
CA THR B 71 -28.13 -16.28 -6.18
C THR B 71 -29.64 -16.11 -6.15
N ILE B 72 -30.37 -16.74 -7.09
CA ILE B 72 -31.83 -16.69 -7.05
C ILE B 72 -32.36 -17.35 -5.79
N VAL B 73 -31.81 -18.52 -5.43
CA VAL B 73 -32.22 -19.18 -4.20
C VAL B 73 -31.95 -18.28 -2.99
N LYS B 74 -30.79 -17.62 -2.99
CA LYS B 74 -30.47 -16.69 -1.91
C LYS B 74 -31.55 -15.62 -1.78
N GLN B 75 -32.14 -15.20 -2.91
CA GLN B 75 -33.23 -14.23 -2.85
C GLN B 75 -34.50 -14.85 -2.29
N MET B 76 -34.78 -16.11 -2.59
CA MET B 76 -35.92 -16.78 -1.97
C MET B 76 -35.73 -16.92 -0.46
N ARG B 77 -34.49 -17.09 -0.01
CA ARG B 77 -34.19 -17.10 1.42
C ARG B 77 -34.21 -15.71 2.05
N ILE B 78 -34.33 -14.65 1.25
CA ILE B 78 -34.47 -13.31 1.79
C ILE B 78 -35.94 -12.92 1.93
N LEU B 79 -36.77 -13.28 0.96
CA LEU B 79 -38.14 -12.81 0.90
C LEU B 79 -39.11 -13.71 1.66
N HIS B 80 -38.94 -15.02 1.56
CA HIS B 80 -39.91 -15.97 2.07
C HIS B 80 -39.39 -16.88 3.16
N VAL B 81 -38.09 -16.89 3.41
CA VAL B 81 -37.52 -17.39 4.65
C VAL B 81 -36.80 -16.21 5.30
N ASN B 82 -36.66 -16.25 6.62
CA ASN B 82 -36.08 -15.12 7.34
C ASN B 82 -34.56 -15.20 7.23
N GLY B 83 -34.03 -14.58 6.18
CA GLY B 83 -32.61 -14.46 5.96
C GLY B 83 -31.91 -15.81 5.89
N PHE B 84 -30.70 -15.84 6.43
CA PHE B 84 -29.86 -17.02 6.42
C PHE B 84 -29.56 -17.45 7.84
N ASN B 85 -29.30 -18.74 8.01
CA ASN B 85 -28.91 -19.28 9.30
C ASN B 85 -27.60 -18.63 9.75
N PRO B 86 -27.55 -18.02 10.93
CA PRO B 86 -26.28 -17.42 11.37
C PRO B 86 -25.31 -18.46 11.89
N GLU B 87 -25.25 -19.59 11.20
CA GLU B 87 -24.22 -20.61 11.41
C GLU B 87 -23.40 -20.84 10.15
N GLU B 88 -24.06 -21.00 9.00
CA GLU B 88 -23.37 -20.95 7.73
C GLU B 88 -22.94 -19.53 7.40
N LYS B 89 -23.68 -18.53 7.90
CA LYS B 89 -23.28 -17.14 7.74
C LYS B 89 -21.91 -16.88 8.36
N LYS B 90 -21.50 -17.70 9.33
CA LYS B 90 -20.24 -17.48 10.02
C LYS B 90 -19.06 -17.92 9.17
N GLN B 91 -19.30 -18.75 8.15
CA GLN B 91 -18.29 -19.15 7.18
C GLN B 91 -18.36 -18.38 5.87
N LYS B 92 -19.51 -17.78 5.54
CA LYS B 92 -19.59 -16.96 4.34
C LYS B 92 -18.60 -15.81 4.37
N ILE B 93 -18.19 -15.37 5.56
CA ILE B 93 -17.09 -14.41 5.67
C ILE B 93 -15.84 -14.95 4.99
N LEU B 94 -15.52 -16.22 5.25
CA LEU B 94 -14.39 -16.86 4.59
C LEU B 94 -14.58 -16.92 3.07
N ASP B 95 -15.78 -17.30 2.62
CA ASP B 95 -16.03 -17.34 1.18
C ASP B 95 -15.97 -15.95 0.57
N ILE B 96 -16.52 -14.95 1.26
CA ILE B 96 -16.44 -13.58 0.75
C ILE B 96 -14.99 -13.11 0.71
N ARG B 97 -14.22 -13.43 1.75
CA ARG B 97 -12.82 -13.04 1.78
C ARG B 97 -12.02 -13.78 0.71
N LYS B 98 -12.37 -15.04 0.43
CA LYS B 98 -11.72 -15.76 -0.66
C LYS B 98 -11.98 -15.08 -1.99
N ASN B 99 -13.19 -14.53 -2.18
CA ASN B 99 -13.48 -13.80 -3.40
C ASN B 99 -12.62 -12.56 -3.52
N VAL B 100 -12.44 -11.83 -2.42
CA VAL B 100 -11.55 -10.66 -2.43
C VAL B 100 -10.13 -11.07 -2.80
N LYS B 101 -9.65 -12.17 -2.22
CA LYS B 101 -8.31 -12.65 -2.54
C LYS B 101 -8.22 -13.14 -3.98
N ASP B 102 -9.26 -13.84 -4.45
CA ASP B 102 -9.25 -14.33 -5.83
C ASP B 102 -9.25 -13.17 -6.82
N ALA B 103 -10.02 -12.12 -6.53
CA ALA B 103 -10.12 -10.99 -7.45
C ALA B 103 -8.79 -10.27 -7.57
N ILE B 104 -8.17 -9.92 -6.42
CA ILE B 104 -6.94 -9.15 -6.47
C ILE B 104 -5.79 -9.98 -7.04
N VAL B 105 -5.77 -11.28 -6.77
CA VAL B 105 -4.72 -12.14 -7.32
C VAL B 105 -4.88 -12.25 -8.84
N THR B 106 -6.12 -12.43 -9.30
CA THR B 106 -6.36 -12.59 -10.72
C THR B 106 -6.03 -11.32 -11.50
N ILE B 107 -6.29 -10.16 -10.91
CA ILE B 107 -6.08 -8.91 -11.64
C ILE B 107 -4.59 -8.59 -11.74
N VAL B 108 -3.85 -8.76 -10.64
CA VAL B 108 -2.43 -8.41 -10.68
C VAL B 108 -1.65 -9.38 -11.54
N SER B 109 -2.04 -10.65 -11.57
CA SER B 109 -1.34 -11.61 -12.41
C SER B 109 -1.62 -11.40 -13.89
N ALA B 110 -2.71 -10.72 -14.22
CA ALA B 110 -3.04 -10.43 -15.60
C ALA B 110 -2.31 -9.21 -16.13
N MET B 111 -1.89 -8.30 -15.24
CA MET B 111 -1.29 -7.04 -15.67
C MET B 111 -0.06 -7.27 -16.55
N SER B 112 0.66 -8.37 -16.35
CA SER B 112 1.85 -8.68 -17.12
C SER B 112 1.64 -9.76 -18.17
N THR B 113 0.52 -10.49 -18.15
CA THR B 113 0.22 -11.51 -19.14
C THR B 113 -0.84 -11.10 -20.14
N ILE B 114 -1.56 -10.01 -19.89
CA ILE B 114 -2.50 -9.48 -20.86
C ILE B 114 -1.72 -8.81 -21.99
N ILE B 115 -2.28 -8.86 -23.21
CA ILE B 115 -1.63 -8.26 -24.37
C ILE B 115 -2.55 -7.21 -24.99
N PRO B 116 -2.17 -5.92 -24.96
CA PRO B 116 -0.95 -5.39 -24.36
C PRO B 116 -0.97 -5.37 -22.83
N PRO B 117 0.19 -5.50 -22.20
CA PRO B 117 0.24 -5.53 -20.74
C PRO B 117 -0.10 -4.18 -20.13
N VAL B 118 -0.31 -4.20 -18.82
CA VAL B 118 -0.69 -3.02 -18.05
C VAL B 118 0.32 -2.85 -16.92
N PRO B 119 0.99 -1.70 -16.82
CA PRO B 119 1.87 -1.45 -15.68
C PRO B 119 1.12 -0.74 -14.55
N LEU B 120 1.75 -0.76 -13.37
CA LEU B 120 1.22 0.02 -12.25
C LEU B 120 1.32 1.51 -12.57
N ALA B 121 0.28 2.26 -12.19
CA ALA B 121 0.31 3.71 -12.36
C ALA B 121 1.20 4.40 -11.35
N ASN B 122 1.43 3.78 -10.20
CA ASN B 122 2.34 4.30 -9.18
C ASN B 122 3.47 3.29 -8.99
N PRO B 123 4.70 3.61 -9.38
CA PRO B 123 5.79 2.64 -9.25
C PRO B 123 6.08 2.23 -7.82
N GLU B 124 5.69 3.04 -6.83
CA GLU B 124 5.94 2.69 -5.44
C GLU B 124 5.07 1.52 -4.96
N ASN B 125 4.02 1.18 -5.70
CA ASN B 125 3.16 0.04 -5.37
C ASN B 125 3.76 -1.31 -5.79
N GLN B 126 4.99 -1.33 -6.28
CA GLN B 126 5.58 -2.58 -6.77
C GLN B 126 5.65 -3.63 -5.68
N PHE B 127 6.10 -3.24 -4.48
CA PHE B 127 6.18 -4.20 -3.39
C PHE B 127 4.82 -4.72 -2.96
N ARG B 128 3.75 -3.98 -3.26
CA ARG B 128 2.40 -4.46 -2.96
C ARG B 128 1.99 -5.56 -3.92
N SER B 129 2.24 -5.35 -5.22
CA SER B 129 1.94 -6.40 -6.20
C SER B 129 2.80 -7.63 -5.99
N ASP B 130 4.04 -7.45 -5.51
CA ASP B 130 4.87 -8.61 -5.20
C ASP B 130 4.33 -9.37 -4.00
N TYR B 131 3.65 -8.68 -3.08
CA TYR B 131 3.07 -9.37 -1.93
C TYR B 131 1.89 -10.25 -2.35
N ILE B 132 1.00 -9.71 -3.19
CA ILE B 132 -0.17 -10.48 -3.58
C ILE B 132 0.24 -11.67 -4.43
N LYS B 133 1.31 -11.53 -5.23
CA LYS B 133 1.78 -12.67 -6.00
C LYS B 133 2.42 -13.73 -5.11
N SER B 134 3.00 -13.33 -3.98
CA SER B 134 3.62 -14.30 -3.08
C SER B 134 2.57 -15.10 -2.31
N ILE B 135 1.45 -14.46 -1.96
CA ILE B 135 0.36 -15.15 -1.28
C ILE B 135 -0.64 -15.77 -2.25
N ALA B 136 -0.47 -15.53 -3.55
CA ALA B 136 -1.44 -16.00 -4.53
C ALA B 136 -1.64 -17.52 -4.50
N PRO B 137 -0.59 -18.36 -4.48
CA PRO B 137 -0.83 -19.81 -4.43
C PRO B 137 -1.11 -20.35 -3.03
N ILE B 138 -0.87 -19.56 -1.98
CA ILE B 138 -1.06 -20.05 -0.61
C ILE B 138 -2.53 -20.31 -0.35
N THR B 139 -2.85 -21.55 -0.01
CA THR B 139 -4.18 -21.91 0.44
C THR B 139 -4.30 -21.65 1.94
N ASP B 140 -5.54 -21.73 2.43
CA ASP B 140 -5.88 -21.42 3.83
C ASP B 140 -5.14 -20.20 4.35
N PHE B 141 -5.25 -19.12 3.57
CA PHE B 141 -4.56 -17.87 3.87
C PHE B 141 -5.14 -17.24 5.13
N GLU B 142 -4.28 -16.48 5.84
CA GLU B 142 -4.66 -15.96 7.14
C GLU B 142 -5.59 -14.76 7.05
N TYR B 143 -5.46 -13.95 6.00
CA TYR B 143 -6.26 -12.73 5.82
C TYR B 143 -5.96 -11.71 6.93
N SER B 144 -4.68 -11.40 7.09
CA SER B 144 -4.26 -10.41 8.06
C SER B 144 -4.61 -9.00 7.57
N GLN B 145 -4.39 -8.02 8.45
CA GLN B 145 -4.59 -6.63 8.06
C GLN B 145 -3.60 -6.20 6.99
N GLU B 146 -2.42 -6.82 6.96
CA GLU B 146 -1.46 -6.54 5.89
C GLU B 146 -2.06 -6.84 4.53
N PHE B 147 -2.79 -7.95 4.41
CA PHE B 147 -3.45 -8.28 3.14
C PHE B 147 -4.41 -7.17 2.72
N PHE B 148 -5.32 -6.78 3.61
CA PHE B 148 -6.33 -5.80 3.26
C PHE B 148 -5.70 -4.42 3.01
N ASP B 149 -4.65 -4.08 3.74
CA ASP B 149 -3.97 -2.80 3.51
C ASP B 149 -3.38 -2.74 2.11
N HIS B 150 -2.84 -3.85 1.62
CA HIS B 150 -2.25 -3.87 0.28
C HIS B 150 -3.34 -3.87 -0.79
N VAL B 151 -4.42 -4.63 -0.58
CA VAL B 151 -5.50 -4.67 -1.57
C VAL B 151 -6.13 -3.31 -1.72
N LYS B 152 -6.31 -2.59 -0.60
CA LYS B 152 -6.90 -1.26 -0.65
C LYS B 152 -6.07 -0.32 -1.50
N LYS B 153 -4.76 -0.22 -1.21
CA LYS B 153 -3.92 0.72 -1.92
C LYS B 153 -3.60 0.26 -3.33
N LEU B 154 -3.63 -1.05 -3.58
CA LEU B 154 -3.47 -1.54 -4.95
C LEU B 154 -4.70 -1.21 -5.79
N TRP B 155 -5.89 -1.34 -5.20
CA TRP B 155 -7.12 -1.05 -5.93
C TRP B 155 -7.23 0.42 -6.30
N ASP B 156 -6.58 1.30 -5.54
CA ASP B 156 -6.55 2.72 -5.88
C ASP B 156 -5.67 2.99 -7.09
N ASP B 157 -4.70 2.12 -7.37
CA ASP B 157 -3.79 2.31 -8.49
C ASP B 157 -4.54 2.23 -9.82
N GLU B 158 -4.35 3.27 -10.65
CA GLU B 158 -5.05 3.34 -11.93
C GLU B 158 -4.64 2.20 -12.87
N GLY B 159 -3.43 1.68 -12.73
CA GLY B 159 -3.02 0.54 -13.53
C GLY B 159 -3.83 -0.71 -13.22
N VAL B 160 -4.11 -0.93 -11.94
CA VAL B 160 -4.95 -2.07 -11.56
C VAL B 160 -6.37 -1.89 -12.09
N LYS B 161 -6.90 -0.67 -12.01
CA LYS B 161 -8.22 -0.40 -12.60
C LYS B 161 -8.19 -0.57 -14.11
N ALA B 162 -7.10 -0.15 -14.75
CA ALA B 162 -6.99 -0.30 -16.19
C ALA B 162 -7.00 -1.78 -16.59
N CYS B 163 -6.27 -2.62 -15.86
CA CYS B 163 -6.33 -4.05 -16.12
C CYS B 163 -7.70 -4.63 -15.79
N PHE B 164 -8.38 -4.06 -14.78
CA PHE B 164 -9.70 -4.54 -14.42
C PHE B 164 -10.71 -4.27 -15.53
N GLU B 165 -10.65 -3.09 -16.16
CA GLU B 165 -11.62 -2.75 -17.19
C GLU B 165 -11.44 -3.60 -18.44
N ARG B 166 -10.35 -4.36 -18.54
CA ARG B 166 -10.13 -5.32 -19.61
C ARG B 166 -10.30 -6.75 -19.11
N SER B 167 -11.23 -6.95 -18.16
CA SER B 167 -11.38 -8.25 -17.51
C SER B 167 -11.82 -9.35 -18.47
N ASN B 168 -12.47 -8.99 -19.57
CA ASN B 168 -12.95 -10.01 -20.52
C ASN B 168 -11.81 -10.76 -21.20
N GLU B 169 -10.58 -10.31 -21.04
CA GLU B 169 -9.41 -10.97 -21.58
C GLU B 169 -8.83 -12.02 -20.63
N TYR B 170 -9.49 -12.28 -19.52
CA TYR B 170 -9.14 -13.37 -18.61
C TYR B 170 -10.38 -13.74 -17.82
N GLN B 171 -10.21 -14.59 -16.80
CA GLN B 171 -11.33 -15.09 -15.99
C GLN B 171 -11.35 -14.36 -14.66
N LEU B 172 -12.33 -13.47 -14.48
CA LEU B 172 -12.52 -12.73 -13.24
C LEU B 172 -13.97 -12.87 -12.80
N ILE B 173 -14.17 -13.19 -11.53
CA ILE B 173 -15.51 -13.35 -10.99
C ILE B 173 -16.25 -12.02 -11.01
N ASP B 174 -17.55 -12.06 -11.32
CA ASP B 174 -18.33 -10.85 -11.54
C ASP B 174 -18.53 -10.03 -10.27
N CYS B 175 -18.27 -10.59 -9.10
CA CYS B 175 -18.40 -9.85 -7.85
C CYS B 175 -17.12 -9.15 -7.44
N ALA B 176 -16.14 -9.08 -8.34
CA ALA B 176 -14.83 -8.53 -7.99
C ALA B 176 -14.92 -7.04 -7.69
N GLN B 177 -15.55 -6.28 -8.58
CA GLN B 177 -15.66 -4.84 -8.40
C GLN B 177 -16.40 -4.50 -7.12
N TYR B 178 -17.46 -5.25 -6.81
CA TYR B 178 -18.28 -4.97 -5.64
C TYR B 178 -17.50 -5.14 -4.34
N PHE B 179 -16.75 -6.24 -4.23
CA PHE B 179 -16.05 -6.54 -2.98
C PHE B 179 -14.80 -5.68 -2.83
N LEU B 180 -14.10 -5.40 -3.93
CA LEU B 180 -12.97 -4.49 -3.86
C LEU B 180 -13.40 -3.07 -3.51
N GLU B 181 -14.58 -2.65 -3.97
CA GLU B 181 -15.11 -1.34 -3.63
C GLU B 181 -15.64 -1.30 -2.20
N ARG B 182 -15.90 -2.45 -1.60
CA ARG B 182 -16.38 -2.55 -0.23
C ARG B 182 -15.30 -3.12 0.69
N ILE B 183 -14.03 -2.90 0.34
CA ILE B 183 -12.92 -3.51 1.09
C ILE B 183 -12.83 -2.94 2.49
N ASP B 184 -13.22 -1.68 2.69
CA ASP B 184 -13.15 -1.08 4.03
C ASP B 184 -14.07 -1.79 5.00
N SER B 185 -15.22 -2.26 4.53
CA SER B 185 -16.14 -3.00 5.39
C SER B 185 -15.68 -4.44 5.59
N VAL B 186 -15.31 -5.12 4.49
CA VAL B 186 -14.97 -6.54 4.56
C VAL B 186 -13.77 -6.79 5.46
N SER B 187 -12.87 -5.81 5.58
CA SER B 187 -11.61 -6.01 6.30
C SER B 187 -11.76 -5.95 7.81
N LEU B 188 -12.93 -5.56 8.32
CA LEU B 188 -13.13 -5.46 9.76
C LEU B 188 -13.02 -6.83 10.41
N VAL B 189 -12.50 -6.84 11.64
CA VAL B 189 -12.41 -8.08 12.40
C VAL B 189 -13.80 -8.59 12.77
N ASP B 190 -14.70 -7.68 13.14
CA ASP B 190 -16.09 -8.02 13.42
C ASP B 190 -16.98 -7.80 12.21
N TYR B 191 -16.43 -8.01 11.01
CA TYR B 191 -17.18 -7.82 9.78
C TYR B 191 -18.38 -8.75 9.72
N THR B 192 -19.58 -8.17 9.71
CA THR B 192 -20.81 -8.92 9.55
C THR B 192 -21.34 -8.70 8.14
N PRO B 193 -21.49 -9.75 7.33
CA PRO B 193 -21.88 -9.55 5.93
C PRO B 193 -23.28 -8.98 5.79
N THR B 194 -23.41 -7.94 4.97
CA THR B 194 -24.71 -7.46 4.53
C THR B 194 -25.42 -8.55 3.72
N ASP B 195 -26.75 -8.46 3.65
CA ASP B 195 -27.50 -9.35 2.78
C ASP B 195 -27.01 -9.25 1.33
N GLN B 196 -26.63 -8.04 0.91
CA GLN B 196 -26.12 -7.87 -0.44
C GLN B 196 -24.75 -8.53 -0.58
N ASP B 197 -23.91 -8.45 0.44
CA ASP B 197 -22.63 -9.15 0.42
C ASP B 197 -22.81 -10.65 0.27
N LEU B 198 -23.87 -11.19 0.89
CA LEU B 198 -24.14 -12.62 0.77
C LEU B 198 -24.66 -12.96 -0.61
N LEU B 199 -25.37 -12.03 -1.25
CA LEU B 199 -25.84 -12.25 -2.61
C LEU B 199 -24.68 -12.25 -3.58
N ARG B 200 -23.72 -11.33 -3.39
CA ARG B 200 -22.57 -11.23 -4.29
C ARG B 200 -21.54 -12.32 -4.06
N CYS B 201 -21.60 -13.02 -2.93
CA CYS B 201 -20.63 -14.07 -2.65
C CYS B 201 -20.75 -15.19 -3.68
N ARG B 202 -19.63 -15.51 -4.32
CA ARG B 202 -19.57 -16.49 -5.39
C ARG B 202 -18.92 -17.76 -4.87
N VAL B 203 -19.64 -18.87 -4.92
CA VAL B 203 -19.11 -20.18 -4.56
C VAL B 203 -19.59 -21.18 -5.60
N LEU B 204 -18.67 -21.95 -6.16
CA LEU B 204 -19.03 -22.97 -7.12
C LEU B 204 -19.94 -24.00 -6.47
N THR B 205 -21.02 -24.36 -7.16
CA THR B 205 -22.00 -25.31 -6.64
C THR B 205 -21.68 -26.71 -7.15
N SER B 206 -21.39 -27.61 -6.21
CA SER B 206 -21.20 -29.02 -6.50
C SER B 206 -22.30 -29.82 -5.81
N GLY B 207 -23.00 -30.63 -6.57
CA GLY B 207 -24.08 -31.43 -6.03
C GLY B 207 -25.45 -30.84 -6.31
N ILE B 208 -26.40 -31.19 -5.45
CA ILE B 208 -27.80 -30.78 -5.58
C ILE B 208 -28.24 -30.22 -4.24
N PHE B 209 -28.41 -28.90 -4.16
CA PHE B 209 -28.87 -28.23 -2.96
C PHE B 209 -30.38 -27.99 -3.06
N GLU B 210 -31.10 -28.30 -1.98
CA GLU B 210 -32.55 -28.20 -1.94
C GLU B 210 -32.98 -27.10 -0.99
N THR B 211 -34.00 -26.34 -1.37
CA THR B 211 -34.50 -25.23 -0.58
C THR B 211 -36.02 -25.23 -0.64
N ARG B 212 -36.66 -25.19 0.53
CA ARG B 212 -38.11 -25.26 0.65
C ARG B 212 -38.64 -24.01 1.34
N PHE B 213 -39.64 -23.38 0.74
CA PHE B 213 -40.29 -22.21 1.30
C PHE B 213 -41.74 -22.19 0.83
N GLN B 214 -42.57 -21.41 1.52
CA GLN B 214 -43.97 -21.27 1.17
C GLN B 214 -44.37 -19.81 1.10
N VAL B 215 -45.22 -19.48 0.13
CA VAL B 215 -45.73 -18.14 -0.08
C VAL B 215 -47.25 -18.20 -0.14
N ASP B 216 -47.92 -17.42 0.71
CA ASP B 216 -49.38 -17.39 0.76
C ASP B 216 -49.96 -18.80 0.90
N LYS B 217 -49.34 -19.60 1.76
CA LYS B 217 -49.83 -20.95 2.10
C LYS B 217 -49.85 -21.87 0.88
N VAL B 218 -48.80 -21.78 0.06
CA VAL B 218 -48.51 -22.79 -0.96
C VAL B 218 -47.01 -23.02 -0.98
N ASN B 219 -46.59 -24.28 -1.00
CA ASN B 219 -45.19 -24.63 -0.87
C ASN B 219 -44.48 -24.54 -2.20
N PHE B 220 -43.20 -24.16 -2.15
CA PHE B 220 -42.35 -24.07 -3.33
C PHE B 220 -41.05 -24.76 -2.99
N HIS B 221 -40.83 -25.94 -3.58
CA HIS B 221 -39.57 -26.65 -3.45
C HIS B 221 -38.65 -26.24 -4.59
N MET B 222 -37.42 -25.85 -4.25
CA MET B 222 -36.47 -25.32 -5.22
C MET B 222 -35.22 -26.17 -5.20
N PHE B 223 -34.78 -26.60 -6.38
CA PHE B 223 -33.61 -27.46 -6.54
C PHE B 223 -32.50 -26.65 -7.19
N ASP B 224 -31.43 -26.41 -6.44
CA ASP B 224 -30.25 -25.71 -6.93
C ASP B 224 -29.16 -26.72 -7.31
N VAL B 225 -28.65 -26.60 -8.54
CA VAL B 225 -27.67 -27.53 -9.08
C VAL B 225 -26.48 -26.75 -9.62
N GLY B 226 -25.41 -27.49 -9.96
CA GLY B 226 -24.22 -26.86 -10.51
C GLY B 226 -24.31 -26.66 -12.00
N GLY B 227 -23.67 -25.58 -12.45
CA GLY B 227 -23.81 -25.14 -13.84
C GLY B 227 -22.68 -25.49 -14.77
N GLN B 228 -21.47 -25.68 -14.24
CA GLN B 228 -20.32 -25.97 -15.08
C GLN B 228 -20.46 -27.37 -15.69
N ARG B 229 -19.59 -27.66 -16.66
CA ARG B 229 -19.81 -28.78 -17.57
C ARG B 229 -19.84 -30.12 -16.83
N ASP B 230 -18.91 -30.32 -15.89
CA ASP B 230 -18.83 -31.61 -15.22
C ASP B 230 -20.00 -31.84 -14.27
N GLU B 231 -20.62 -30.77 -13.77
CA GLU B 231 -21.79 -30.91 -12.91
C GLU B 231 -23.04 -31.28 -13.68
N ARG B 232 -23.08 -31.02 -14.99
CA ARG B 232 -24.25 -31.33 -15.80
C ARG B 232 -24.54 -32.81 -15.86
N ARG B 233 -23.54 -33.65 -15.55
CA ARG B 233 -23.72 -35.10 -15.64
C ARG B 233 -24.81 -35.61 -14.72
N LYS B 234 -24.98 -34.98 -13.55
CA LYS B 234 -25.94 -35.40 -12.54
C LYS B 234 -27.35 -34.84 -12.77
N TRP B 235 -27.53 -33.96 -13.76
CA TRP B 235 -28.80 -33.27 -13.93
C TRP B 235 -29.98 -34.22 -14.10
N ILE B 236 -29.75 -35.39 -14.69
CA ILE B 236 -30.86 -36.33 -14.91
C ILE B 236 -31.48 -36.77 -13.58
N GLN B 237 -30.73 -36.69 -12.49
CA GLN B 237 -31.27 -37.08 -11.18
C GLN B 237 -32.32 -36.10 -10.70
N CYS B 238 -32.23 -34.84 -11.12
CA CYS B 238 -33.23 -33.83 -10.74
C CYS B 238 -34.47 -33.84 -11.61
N PHE B 239 -34.55 -34.71 -12.61
CA PHE B 239 -35.73 -34.75 -13.47
C PHE B 239 -36.87 -35.57 -12.87
N ASN B 240 -37.12 -35.39 -11.57
CA ASN B 240 -38.17 -36.10 -10.85
C ASN B 240 -39.22 -35.09 -10.42
N ASP B 241 -40.42 -35.21 -10.98
CA ASP B 241 -41.59 -34.45 -10.52
C ASP B 241 -41.32 -32.94 -10.59
N VAL B 242 -41.09 -32.45 -11.79
CA VAL B 242 -40.72 -31.06 -12.03
C VAL B 242 -41.93 -30.33 -12.59
N THR B 243 -42.34 -29.26 -11.91
CA THR B 243 -43.45 -28.45 -12.44
C THR B 243 -42.95 -27.46 -13.50
N ALA B 244 -41.81 -26.84 -13.26
CA ALA B 244 -41.24 -25.90 -14.23
C ALA B 244 -39.73 -25.85 -14.04
N ILE B 245 -39.06 -25.33 -15.06
CA ILE B 245 -37.61 -25.13 -15.04
C ILE B 245 -37.34 -23.63 -15.16
N ILE B 246 -36.46 -23.13 -14.31
CA ILE B 246 -36.05 -21.73 -14.34
C ILE B 246 -34.64 -21.71 -14.91
N TYR B 247 -34.52 -21.37 -16.19
CA TYR B 247 -33.22 -21.29 -16.84
C TYR B 247 -32.66 -19.88 -16.68
N VAL B 248 -31.52 -19.79 -16.00
CA VAL B 248 -30.85 -18.51 -15.76
C VAL B 248 -29.74 -18.36 -16.77
N ALA B 249 -29.73 -17.22 -17.46
CA ALA B 249 -28.74 -16.94 -18.50
C ALA B 249 -28.04 -15.63 -18.21
N ALA B 250 -26.71 -15.63 -18.29
CA ALA B 250 -25.91 -14.44 -18.02
C ALA B 250 -25.83 -13.59 -19.28
N CYS B 251 -26.70 -12.59 -19.37
CA CYS B 251 -26.73 -11.73 -20.56
C CYS B 251 -25.52 -10.80 -20.63
N SER B 252 -24.85 -10.55 -19.51
CA SER B 252 -23.68 -9.67 -19.51
C SER B 252 -22.46 -10.30 -20.17
N SER B 253 -22.41 -11.63 -20.30
CA SER B 253 -21.19 -12.33 -20.69
C SER B 253 -21.12 -12.62 -22.18
N TYR B 254 -21.57 -11.68 -23.04
CA TYR B 254 -21.44 -11.89 -24.47
C TYR B 254 -20.02 -11.73 -24.97
N ASN B 255 -19.14 -11.08 -24.21
CA ASN B 255 -17.76 -10.85 -24.62
C ASN B 255 -16.77 -11.72 -23.86
N MET B 256 -17.24 -12.57 -22.96
CA MET B 256 -16.39 -13.39 -22.10
C MET B 256 -16.41 -14.84 -22.58
N VAL B 257 -15.45 -15.62 -22.09
CA VAL B 257 -15.34 -17.03 -22.42
C VAL B 257 -15.54 -17.86 -21.15
N ILE B 258 -16.00 -19.09 -21.31
CA ILE B 258 -16.28 -19.97 -20.18
C ILE B 258 -14.98 -20.41 -19.56
N ARG B 259 -15.05 -20.98 -18.35
CA ARG B 259 -13.84 -21.39 -17.64
C ARG B 259 -13.35 -22.79 -17.99
N GLU B 260 -14.24 -23.65 -18.46
CA GLU B 260 -13.86 -25.05 -18.70
C GLU B 260 -12.81 -25.18 -19.79
N ASP B 261 -12.83 -24.30 -20.80
CA ASP B 261 -11.83 -24.33 -21.86
C ASP B 261 -11.25 -22.97 -22.21
N ASN B 262 -11.78 -21.87 -21.67
CA ASN B 262 -11.36 -20.51 -22.00
C ASN B 262 -11.47 -20.21 -23.48
N ASN B 263 -12.29 -20.96 -24.21
CA ASN B 263 -12.50 -20.75 -25.63
C ASN B 263 -13.96 -20.47 -25.98
N THR B 264 -14.89 -21.26 -25.47
CA THR B 264 -16.29 -21.11 -25.83
C THR B 264 -16.88 -19.83 -25.24
N ASN B 265 -17.58 -19.08 -26.09
CA ASN B 265 -18.25 -17.86 -25.64
C ASN B 265 -19.34 -18.21 -24.62
N ARG B 266 -19.41 -17.42 -23.55
CA ARG B 266 -20.32 -17.75 -22.44
C ARG B 266 -21.78 -17.65 -22.87
N LEU B 267 -22.14 -16.58 -23.59
CA LEU B 267 -23.51 -16.47 -24.08
C LEU B 267 -23.84 -17.59 -25.06
N ARG B 268 -22.87 -17.96 -25.91
CA ARG B 268 -23.07 -19.09 -26.81
C ARG B 268 -23.21 -20.40 -26.04
N GLU B 269 -22.54 -20.52 -24.89
CA GLU B 269 -22.73 -21.71 -24.06
C GLU B 269 -24.16 -21.78 -23.51
N SER B 270 -24.69 -20.64 -23.06
CA SER B 270 -26.07 -20.63 -22.57
C SER B 270 -27.06 -21.00 -23.67
N LEU B 271 -26.83 -20.48 -24.89
CA LEU B 271 -27.74 -20.78 -25.99
C LEU B 271 -27.68 -22.25 -26.36
N ASP B 272 -26.48 -22.83 -26.44
CA ASP B 272 -26.36 -24.24 -26.73
C ASP B 272 -26.90 -25.09 -25.58
N LEU B 273 -26.70 -24.65 -24.34
CA LEU B 273 -27.25 -25.39 -23.20
C LEU B 273 -28.76 -25.24 -23.11
N PHE B 274 -29.27 -24.03 -23.38
CA PHE B 274 -30.71 -23.81 -23.36
C PHE B 274 -31.40 -24.66 -24.41
N GLU B 275 -30.78 -24.82 -25.57
CA GLU B 275 -31.35 -25.68 -26.61
C GLU B 275 -31.36 -27.14 -26.17
N SER B 276 -30.32 -27.58 -25.46
CA SER B 276 -30.30 -28.96 -24.96
C SER B 276 -31.45 -29.20 -23.98
N ILE B 277 -31.74 -28.22 -23.13
CA ILE B 277 -32.83 -28.37 -22.17
C ILE B 277 -34.17 -28.33 -22.89
N TRP B 278 -34.36 -27.36 -23.80
CA TRP B 278 -35.63 -27.21 -24.48
C TRP B 278 -35.94 -28.41 -25.36
N ASN B 279 -34.95 -28.91 -26.10
CA ASN B 279 -35.13 -30.05 -26.99
C ASN B 279 -34.74 -31.37 -26.36
N ASN B 280 -34.61 -31.39 -25.03
CA ASN B 280 -34.35 -32.65 -24.33
C ASN B 280 -35.53 -33.59 -24.52
N ARG B 281 -35.21 -34.85 -24.82
CA ARG B 281 -36.26 -35.85 -25.05
C ARG B 281 -37.13 -36.03 -23.82
N TRP B 282 -36.54 -35.93 -22.63
CA TRP B 282 -37.28 -36.16 -21.39
C TRP B 282 -38.14 -34.97 -20.99
N LEU B 283 -37.90 -33.79 -21.55
CA LEU B 283 -38.50 -32.54 -21.09
C LEU B 283 -39.57 -32.02 -22.06
N ARG B 284 -40.24 -32.94 -22.77
CA ARG B 284 -41.36 -32.55 -23.63
C ARG B 284 -42.41 -31.75 -22.87
N THR B 285 -42.85 -32.28 -21.72
CA THR B 285 -43.92 -31.64 -20.96
C THR B 285 -43.42 -30.39 -20.23
N ILE B 286 -42.17 -30.40 -19.78
CA ILE B 286 -41.70 -29.38 -18.85
C ILE B 286 -41.56 -28.04 -19.57
N SER B 287 -42.12 -26.99 -18.96
CA SER B 287 -41.98 -25.63 -19.45
C SER B 287 -40.81 -24.94 -18.76
N ILE B 288 -40.28 -23.91 -19.42
CA ILE B 288 -39.10 -23.19 -18.96
C ILE B 288 -39.47 -21.74 -18.67
N ILE B 289 -39.12 -21.27 -17.48
CA ILE B 289 -39.17 -19.85 -17.13
C ILE B 289 -37.77 -19.30 -17.33
N LEU B 290 -37.60 -18.39 -18.29
CA LEU B 290 -36.29 -17.93 -18.71
C LEU B 290 -35.95 -16.62 -18.00
N PHE B 291 -34.90 -16.66 -17.17
CA PHE B 291 -34.40 -15.47 -16.47
C PHE B 291 -33.23 -14.90 -17.26
N LEU B 292 -33.50 -13.83 -18.01
CA LEU B 292 -32.45 -13.10 -18.72
C LEU B 292 -31.70 -12.27 -17.69
N ASN B 293 -30.71 -12.89 -17.06
CA ASN B 293 -30.12 -12.38 -15.84
C ASN B 293 -29.05 -11.33 -16.12
N LYS B 294 -28.62 -10.67 -15.03
CA LYS B 294 -27.51 -9.73 -15.04
C LYS B 294 -27.80 -8.52 -15.93
N GLN B 295 -29.02 -7.99 -15.80
CA GLN B 295 -29.40 -6.81 -16.57
C GLN B 295 -28.60 -5.58 -16.16
N ASP B 296 -28.18 -5.52 -14.89
CA ASP B 296 -27.42 -4.36 -14.43
C ASP B 296 -26.02 -4.35 -15.04
N MET B 297 -25.33 -5.50 -15.00
CA MET B 297 -24.02 -5.59 -15.63
C MET B 297 -24.12 -5.52 -17.14
N LEU B 298 -25.23 -6.00 -17.72
CA LEU B 298 -25.43 -5.87 -19.16
C LEU B 298 -25.55 -4.41 -19.56
N ALA B 299 -26.31 -3.63 -18.79
CA ALA B 299 -26.45 -2.21 -19.08
C ALA B 299 -25.11 -1.49 -18.98
N GLU B 300 -24.31 -1.84 -17.96
CA GLU B 300 -23.06 -1.14 -17.72
C GLU B 300 -22.09 -1.31 -18.89
N LYS B 301 -22.04 -2.50 -19.49
CA LYS B 301 -21.09 -2.71 -20.58
C LYS B 301 -21.61 -2.20 -21.92
N VAL B 302 -22.93 -2.16 -22.10
CA VAL B 302 -23.46 -1.51 -23.29
C VAL B 302 -23.26 -0.01 -23.21
N LEU B 303 -23.45 0.55 -22.02
CA LEU B 303 -23.24 1.98 -21.83
C LEU B 303 -21.76 2.35 -21.78
N ALA B 304 -20.89 1.40 -21.42
CA ALA B 304 -19.45 1.66 -21.48
C ALA B 304 -18.98 1.80 -22.91
N GLY B 305 -19.51 0.96 -23.81
CA GLY B 305 -19.17 1.06 -25.22
C GLY B 305 -17.79 0.56 -25.59
N LYS B 306 -17.22 -0.35 -24.80
CA LYS B 306 -15.90 -0.89 -25.09
C LYS B 306 -15.95 -2.21 -25.84
N SER B 307 -16.86 -3.11 -25.45
CA SER B 307 -17.07 -4.37 -26.16
C SER B 307 -18.38 -4.28 -26.92
N LYS B 308 -18.29 -4.29 -28.25
CA LYS B 308 -19.48 -4.24 -29.09
C LYS B 308 -20.04 -5.64 -29.29
N ILE B 309 -21.35 -5.79 -29.07
CA ILE B 309 -22.03 -7.06 -29.30
C ILE B 309 -21.85 -7.49 -30.75
N GLU B 310 -21.80 -6.52 -31.67
CA GLU B 310 -21.62 -6.81 -33.09
C GLU B 310 -20.36 -7.64 -33.34
N ASP B 311 -19.29 -7.36 -32.59
CA ASP B 311 -18.06 -8.12 -32.75
C ASP B 311 -18.25 -9.58 -32.39
N TYR B 312 -19.14 -9.88 -31.44
CA TYR B 312 -19.36 -11.24 -30.98
C TYR B 312 -20.59 -11.89 -31.59
N PHE B 313 -21.60 -11.10 -31.97
CA PHE B 313 -22.78 -11.61 -32.65
C PHE B 313 -23.08 -10.71 -33.85
N PRO B 314 -22.60 -11.08 -35.04
CA PRO B 314 -22.70 -10.16 -36.19
C PRO B 314 -24.13 -9.79 -36.58
N GLU B 315 -25.10 -10.68 -36.38
CA GLU B 315 -26.47 -10.37 -36.76
C GLU B 315 -27.09 -9.27 -35.90
N TYR B 316 -26.40 -8.81 -34.86
CA TYR B 316 -26.91 -7.72 -34.04
C TYR B 316 -26.97 -6.41 -34.83
N ALA B 317 -26.07 -6.24 -35.81
CA ALA B 317 -26.09 -5.03 -36.62
C ALA B 317 -27.38 -4.92 -37.42
N ASN B 318 -28.00 -6.05 -37.74
CA ASN B 318 -29.24 -6.08 -38.49
C ASN B 318 -30.48 -5.99 -37.61
N TYR B 319 -30.38 -6.49 -36.37
CA TYR B 319 -31.51 -6.50 -35.45
C TYR B 319 -31.95 -5.08 -35.09
N THR B 320 -33.26 -4.92 -34.93
CA THR B 320 -33.87 -3.68 -34.47
C THR B 320 -34.90 -3.99 -33.39
N VAL B 321 -35.15 -3.02 -32.53
CA VAL B 321 -36.11 -3.17 -31.44
C VAL B 321 -37.49 -3.49 -32.00
N PRO B 322 -38.15 -4.55 -31.56
CA PRO B 322 -39.52 -4.83 -32.03
C PRO B 322 -40.45 -3.72 -31.59
N GLU B 323 -41.23 -3.20 -32.54
CA GLU B 323 -42.06 -2.02 -32.32
C GLU B 323 -43.09 -2.23 -31.20
N ASP B 324 -43.44 -3.47 -30.89
CA ASP B 324 -44.41 -3.71 -29.82
C ASP B 324 -43.82 -3.57 -28.42
N ALA B 325 -42.51 -3.65 -28.29
CA ALA B 325 -41.87 -3.66 -26.98
C ALA B 325 -41.96 -2.29 -26.31
N THR B 326 -42.10 -2.30 -24.99
CA THR B 326 -42.11 -1.08 -24.20
C THR B 326 -40.95 -1.08 -23.22
N PRO B 327 -40.07 -0.09 -23.25
CA PRO B 327 -38.91 -0.06 -22.35
C PRO B 327 -39.31 0.34 -20.93
N ASP B 328 -38.34 0.31 -20.03
CA ASP B 328 -38.55 0.74 -18.66
C ASP B 328 -38.55 2.27 -18.60
N ALA B 329 -38.59 2.82 -17.39
CA ALA B 329 -38.62 4.26 -17.18
C ALA B 329 -37.29 4.87 -17.63
N GLY B 330 -37.33 5.65 -18.71
CA GLY B 330 -36.15 6.32 -19.23
C GLY B 330 -34.94 5.44 -19.46
N GLU B 331 -35.15 4.31 -20.12
CA GLU B 331 -34.08 3.35 -20.41
C GLU B 331 -33.36 3.75 -21.69
N ASP B 332 -32.03 3.77 -21.66
CA ASP B 332 -31.25 4.11 -22.83
C ASP B 332 -31.60 3.16 -23.98
N PRO B 333 -31.92 3.68 -25.17
CA PRO B 333 -32.24 2.79 -26.31
C PRO B 333 -31.16 1.77 -26.61
N LYS B 334 -29.89 2.11 -26.42
CA LYS B 334 -28.82 1.15 -26.61
C LYS B 334 -28.98 -0.05 -25.68
N VAL B 335 -29.36 0.21 -24.42
CA VAL B 335 -29.58 -0.89 -23.47
C VAL B 335 -30.83 -1.67 -23.86
N THR B 336 -31.86 -0.98 -24.35
CA THR B 336 -33.09 -1.68 -24.72
C THR B 336 -32.85 -2.67 -25.85
N ARG B 337 -32.25 -2.20 -26.95
CA ARG B 337 -32.00 -3.09 -28.09
C ARG B 337 -31.10 -4.25 -27.72
N ALA B 338 -30.15 -4.03 -26.81
CA ALA B 338 -29.21 -5.09 -26.44
C ALA B 338 -29.92 -6.24 -25.74
N LYS B 339 -30.78 -5.93 -24.77
CA LYS B 339 -31.43 -6.99 -24.01
C LYS B 339 -32.55 -7.67 -24.79
N PHE B 340 -33.25 -6.95 -25.66
CA PHE B 340 -34.26 -7.59 -26.50
C PHE B 340 -33.60 -8.46 -27.57
N PHE B 341 -32.40 -8.08 -28.02
CA PHE B 341 -31.67 -8.92 -28.96
C PHE B 341 -31.24 -10.23 -28.30
N ILE B 342 -30.66 -10.13 -27.09
CA ILE B 342 -30.28 -11.34 -26.36
C ILE B 342 -31.50 -12.19 -26.04
N ARG B 343 -32.64 -11.55 -25.78
CA ARG B 343 -33.87 -12.32 -25.59
C ARG B 343 -34.26 -13.04 -26.87
N ASP B 344 -34.23 -12.35 -28.00
CA ASP B 344 -34.61 -12.94 -29.27
C ASP B 344 -33.66 -14.05 -29.72
N LEU B 345 -32.46 -14.14 -29.12
CA LEU B 345 -31.61 -15.30 -29.37
C LEU B 345 -32.20 -16.57 -28.75
N PHE B 346 -32.70 -16.46 -27.52
CA PHE B 346 -33.30 -17.63 -26.87
C PHE B 346 -34.68 -17.95 -27.45
N LEU B 347 -35.53 -16.94 -27.62
CA LEU B 347 -36.86 -17.17 -28.15
C LEU B 347 -36.82 -17.79 -29.54
N ARG B 348 -35.76 -17.51 -30.30
CA ARG B 348 -35.58 -18.15 -31.60
C ARG B 348 -35.38 -19.66 -31.43
N ILE B 349 -34.66 -20.07 -30.38
CA ILE B 349 -34.48 -21.50 -30.10
C ILE B 349 -35.80 -22.13 -29.70
N SER B 350 -36.56 -21.48 -28.82
CA SER B 350 -37.76 -22.07 -28.26
C SER B 350 -38.94 -22.06 -29.23
N THR B 351 -38.94 -21.17 -30.21
CA THR B 351 -40.02 -21.14 -31.19
C THR B 351 -39.86 -22.22 -32.26
N ALA B 352 -38.65 -22.72 -32.47
CA ALA B 352 -38.42 -23.68 -33.54
C ALA B 352 -39.07 -25.02 -33.25
N THR B 353 -39.09 -25.44 -31.98
CA THR B 353 -39.64 -26.73 -31.61
C THR B 353 -40.51 -26.56 -30.37
N GLY B 354 -41.27 -27.61 -30.07
CA GLY B 354 -42.14 -27.65 -28.92
C GLY B 354 -43.57 -27.95 -29.32
N ASP B 355 -44.00 -27.37 -30.44
CA ASP B 355 -45.31 -27.65 -31.04
C ASP B 355 -46.45 -27.53 -30.03
N GLY B 356 -46.28 -26.64 -29.05
CA GLY B 356 -47.30 -26.40 -28.04
C GLY B 356 -47.29 -27.35 -26.86
N LYS B 357 -46.43 -28.37 -26.87
CA LYS B 357 -46.40 -29.32 -25.75
C LYS B 357 -45.84 -28.68 -24.48
N HIS B 358 -44.97 -27.68 -24.61
CA HIS B 358 -44.48 -26.91 -23.48
C HIS B 358 -44.11 -25.52 -23.98
N TYR B 359 -43.87 -24.60 -23.06
CA TYR B 359 -43.75 -23.20 -23.41
C TYR B 359 -42.55 -22.57 -22.71
N CYS B 360 -42.27 -21.31 -23.06
CA CYS B 360 -41.13 -20.58 -22.54
C CYS B 360 -41.57 -19.19 -22.13
N TYR B 361 -41.30 -18.84 -20.86
CA TYR B 361 -41.71 -17.55 -20.30
C TYR B 361 -40.47 -16.70 -20.01
N PRO B 362 -40.19 -15.69 -20.83
CA PRO B 362 -39.00 -14.86 -20.62
C PRO B 362 -39.21 -13.73 -19.63
N HIS B 363 -38.16 -13.45 -18.87
CA HIS B 363 -38.15 -12.34 -17.91
C HIS B 363 -36.78 -11.69 -17.91
N PHE B 364 -36.76 -10.37 -17.77
CA PHE B 364 -35.51 -9.64 -17.54
C PHE B 364 -35.27 -9.58 -16.04
N THR B 365 -34.14 -10.14 -15.59
CA THR B 365 -33.90 -10.33 -14.17
C THR B 365 -32.53 -9.78 -13.78
N CYS B 366 -32.42 -9.38 -12.52
CA CYS B 366 -31.16 -8.96 -11.90
C CYS B 366 -31.11 -9.65 -10.54
N ALA B 367 -30.44 -10.80 -10.50
CA ALA B 367 -30.57 -11.72 -9.36
C ALA B 367 -30.07 -11.13 -8.05
N VAL B 368 -29.30 -10.03 -8.08
CA VAL B 368 -28.83 -9.43 -6.84
C VAL B 368 -29.75 -8.32 -6.34
N ASP B 369 -30.76 -7.94 -7.14
CA ASP B 369 -31.74 -6.93 -6.73
C ASP B 369 -32.94 -7.64 -6.12
N THR B 370 -33.07 -7.52 -4.79
CA THR B 370 -34.17 -8.19 -4.09
C THR B 370 -35.51 -7.72 -4.60
N GLU B 371 -35.65 -6.41 -4.82
CA GLU B 371 -36.93 -5.86 -5.28
C GLU B 371 -37.29 -6.37 -6.67
N ASN B 372 -36.30 -6.47 -7.57
CA ASN B 372 -36.55 -7.01 -8.90
C ASN B 372 -36.98 -8.47 -8.83
N ILE B 373 -36.23 -9.29 -8.10
CA ILE B 373 -36.56 -10.69 -7.97
C ILE B 373 -37.90 -10.87 -7.26
N ARG B 374 -38.24 -9.94 -6.37
CA ARG B 374 -39.56 -9.97 -5.74
C ARG B 374 -40.65 -9.92 -6.80
N ARG B 375 -40.57 -8.94 -7.70
CA ARG B 375 -41.58 -8.80 -8.74
C ARG B 375 -41.53 -9.97 -9.73
N VAL B 376 -40.33 -10.37 -10.14
CA VAL B 376 -40.20 -11.42 -11.15
C VAL B 376 -40.75 -12.75 -10.64
N PHE B 377 -40.29 -13.18 -9.46
CA PHE B 377 -40.83 -14.42 -8.92
C PHE B 377 -42.29 -14.29 -8.51
N ASN B 378 -42.77 -13.07 -8.29
CA ASN B 378 -44.15 -12.88 -7.87
C ASN B 378 -45.11 -13.37 -8.94
N ASP B 379 -45.00 -12.81 -10.15
CA ASP B 379 -45.85 -13.28 -11.25
C ASP B 379 -45.35 -14.61 -11.83
N CYS B 380 -44.17 -15.07 -11.44
CA CYS B 380 -43.81 -16.46 -11.71
C CYS B 380 -44.80 -17.41 -11.05
N ARG B 381 -45.23 -17.07 -9.83
CA ARG B 381 -46.24 -17.89 -9.17
C ARG B 381 -47.56 -17.85 -9.91
N ASP B 382 -47.86 -16.74 -10.59
CA ASP B 382 -49.05 -16.68 -11.43
C ASP B 382 -48.95 -17.66 -12.59
N ILE B 383 -47.76 -17.78 -13.20
CA ILE B 383 -47.57 -18.76 -14.26
C ILE B 383 -47.76 -20.17 -13.72
N ILE B 384 -47.31 -20.42 -12.49
CA ILE B 384 -47.49 -21.72 -11.86
C ILE B 384 -48.98 -21.99 -11.63
N GLN B 385 -49.73 -20.97 -11.21
CA GLN B 385 -51.17 -21.10 -11.02
C GLN B 385 -51.86 -21.49 -12.32
N ARG B 386 -51.39 -20.94 -13.44
CA ARG B 386 -51.99 -21.22 -14.74
C ARG B 386 -51.90 -22.70 -15.08
N MET B 387 -50.77 -23.33 -14.73
CA MET B 387 -50.62 -24.76 -14.95
C MET B 387 -51.56 -25.55 -14.05
N HIS B 388 -52.15 -26.61 -14.61
CA HIS B 388 -53.03 -27.51 -13.87
C HIS B 388 -54.18 -26.77 -13.19
N ALA C 55 9.46 5.44 28.42
CA ALA C 55 9.91 6.81 28.56
C ALA C 55 10.22 7.43 27.20
N THR C 56 11.36 8.10 27.09
CA THR C 56 11.77 8.74 25.86
C THR C 56 13.16 8.24 25.49
N HIS C 57 13.30 7.74 24.26
CA HIS C 57 14.58 7.26 23.75
C HIS C 57 15.17 8.32 22.83
N ARG C 58 16.38 8.78 23.13
CA ARG C 58 17.06 9.83 22.39
C ARG C 58 18.09 9.21 21.46
N LEU C 59 17.83 9.29 20.16
CA LEU C 59 18.71 8.76 19.12
C LEU C 59 19.50 9.87 18.46
N LEU C 60 20.72 9.56 18.05
CA LEU C 60 21.64 10.52 17.46
C LEU C 60 22.09 10.00 16.10
N LEU C 61 21.78 10.75 15.04
CA LEU C 61 22.18 10.39 13.68
C LEU C 61 23.55 10.98 13.39
N LEU C 62 24.55 10.11 13.24
CA LEU C 62 25.89 10.51 12.85
C LEU C 62 26.23 9.91 11.49
N GLY C 63 27.18 10.52 10.81
CA GLY C 63 27.58 10.08 9.49
C GLY C 63 28.18 11.22 8.69
N ALA C 64 28.93 10.85 7.65
CA ALA C 64 29.61 11.82 6.81
C ALA C 64 28.59 12.62 5.99
N GLY C 65 29.10 13.60 5.25
CA GLY C 65 28.23 14.46 4.48
C GLY C 65 27.49 13.69 3.39
N GLU C 66 26.23 14.07 3.17
CA GLU C 66 25.38 13.49 2.13
C GLU C 66 25.17 11.99 2.33
N SER C 67 25.27 11.52 3.58
CA SER C 67 25.06 10.10 3.84
C SER C 67 23.58 9.75 3.77
N GLY C 68 22.72 10.63 4.29
CA GLY C 68 21.29 10.37 4.24
C GLY C 68 20.59 10.53 5.58
N LYS C 69 21.29 11.14 6.55
CA LYS C 69 20.74 11.26 7.89
C LYS C 69 19.45 12.10 7.90
N SER C 70 19.50 13.29 7.30
CA SER C 70 18.32 14.15 7.29
C SER C 70 17.15 13.49 6.59
N THR C 71 17.42 12.69 5.55
CA THR C 71 16.35 11.97 4.87
C THR C 71 15.71 10.94 5.79
N ILE C 72 16.48 10.37 6.71
CA ILE C 72 15.92 9.44 7.69
C ILE C 72 14.88 10.14 8.56
N VAL C 73 15.19 11.37 9.01
CA VAL C 73 14.21 12.13 9.78
C VAL C 73 12.96 12.38 8.96
N LYS C 74 13.13 12.72 7.68
CA LYS C 74 11.99 12.97 6.80
C LYS C 74 11.08 11.75 6.71
N GLN C 75 11.64 10.54 6.78
CA GLN C 75 10.80 9.35 6.75
C GLN C 75 10.01 9.20 8.05
N MET C 76 10.63 9.54 9.18
CA MET C 76 9.91 9.56 10.45
C MET C 76 8.82 10.63 10.43
N ARG C 77 9.07 11.73 9.72
CA ARG C 77 8.06 12.76 9.55
C ARG C 77 6.97 12.34 8.56
N ILE C 78 7.17 11.24 7.85
CA ILE C 78 6.15 10.69 6.96
C ILE C 78 5.33 9.61 7.66
N LEU C 79 5.98 8.76 8.44
CA LEU C 79 5.36 7.58 9.02
C LEU C 79 4.68 7.86 10.35
N HIS C 80 5.31 8.65 11.21
CA HIS C 80 4.86 8.81 12.59
C HIS C 80 4.45 10.24 12.92
N VAL C 81 4.73 11.19 12.05
CA VAL C 81 4.06 12.49 12.02
C VAL C 81 3.40 12.59 10.65
N ASN C 82 2.34 13.39 10.55
CA ASN C 82 1.55 13.45 9.32
C ASN C 82 2.26 14.34 8.31
N GLY C 83 3.14 13.74 7.52
CA GLY C 83 3.78 14.43 6.41
C GLY C 83 4.54 15.67 6.82
N PHE C 84 4.42 16.71 5.99
CA PHE C 84 5.13 17.97 6.19
C PHE C 84 4.14 19.13 6.27
N ASN C 85 4.54 20.18 6.96
CA ASN C 85 3.70 21.35 7.16
C ASN C 85 3.56 22.14 5.86
N PRO C 86 2.49 22.96 5.73
CA PRO C 86 2.25 23.67 4.47
C PRO C 86 3.33 24.67 4.08
N GLU C 87 3.62 25.64 4.94
CA GLU C 87 4.60 26.66 4.58
C GLU C 87 5.99 26.07 4.40
N GLU C 88 6.33 25.07 5.22
CA GLU C 88 7.58 24.36 5.02
C GLU C 88 7.61 23.68 3.65
N LYS C 89 6.50 23.06 3.25
CA LYS C 89 6.43 22.36 1.98
C LYS C 89 6.54 23.31 0.80
N LYS C 90 6.02 24.54 0.94
CA LYS C 90 5.94 25.44 -0.20
C LYS C 90 7.23 26.19 -0.45
N GLN C 91 8.17 26.15 0.49
CA GLN C 91 9.51 26.67 0.27
C GLN C 91 10.46 25.58 -0.19
N LYS C 92 10.13 24.31 0.08
CA LYS C 92 10.89 23.21 -0.49
C LYS C 92 10.84 23.22 -2.01
N ILE C 93 9.80 23.82 -2.60
CA ILE C 93 9.77 24.00 -4.05
C ILE C 93 10.99 24.79 -4.50
N LEU C 94 11.30 25.88 -3.78
CA LEU C 94 12.51 26.63 -4.07
C LEU C 94 13.74 25.76 -3.84
N ASP C 95 13.76 25.01 -2.74
CA ASP C 95 14.88 24.11 -2.47
C ASP C 95 14.97 23.01 -3.53
N ILE C 96 13.83 22.45 -3.93
CA ILE C 96 13.84 21.43 -4.97
C ILE C 96 14.31 22.02 -6.29
N ARG C 97 13.85 23.22 -6.63
CA ARG C 97 14.27 23.89 -7.86
C ARG C 97 15.73 24.27 -7.80
N LYS C 98 16.25 24.61 -6.61
CA LYS C 98 17.68 24.87 -6.46
C LYS C 98 18.50 23.63 -6.80
N ASN C 99 17.99 22.45 -6.45
CA ASN C 99 18.69 21.21 -6.79
C ASN C 99 18.75 21.01 -8.31
N VAL C 100 17.65 21.27 -9.01
CA VAL C 100 17.65 21.16 -10.46
C VAL C 100 18.66 22.11 -11.08
N LYS C 101 18.70 23.35 -10.57
CA LYS C 101 19.67 24.31 -11.09
C LYS C 101 21.09 23.86 -10.80
N ASP C 102 21.33 23.33 -9.60
CA ASP C 102 22.66 22.83 -9.27
C ASP C 102 23.03 21.63 -10.14
N ALA C 103 22.07 20.74 -10.38
CA ALA C 103 22.36 19.53 -11.15
C ALA C 103 22.73 19.84 -12.59
N ILE C 104 21.91 20.64 -13.27
CA ILE C 104 22.17 20.91 -14.68
C ILE C 104 23.42 21.78 -14.84
N VAL C 105 23.69 22.67 -13.89
CA VAL C 105 24.89 23.48 -13.97
C VAL C 105 26.13 22.60 -13.81
N THR C 106 26.07 21.64 -12.90
CA THR C 106 27.21 20.78 -12.63
C THR C 106 27.56 19.91 -13.84
N ILE C 107 26.54 19.44 -14.55
CA ILE C 107 26.80 18.53 -15.67
C ILE C 107 27.36 19.28 -16.88
N VAL C 108 26.79 20.45 -17.21
CA VAL C 108 27.26 21.17 -18.38
C VAL C 108 28.66 21.74 -18.18
N SER C 109 28.99 22.15 -16.94
CA SER C 109 30.31 22.69 -16.68
C SER C 109 31.38 21.61 -16.69
N ALA C 110 30.99 20.35 -16.49
CA ALA C 110 31.94 19.25 -16.52
C ALA C 110 32.23 18.75 -17.93
N MET C 111 31.30 18.96 -18.87
CA MET C 111 31.44 18.41 -20.21
C MET C 111 32.72 18.84 -20.89
N SER C 112 33.24 20.03 -20.57
CA SER C 112 34.46 20.52 -21.20
C SER C 112 35.68 20.40 -20.31
N THR C 113 35.52 20.08 -19.02
CA THR C 113 36.64 19.92 -18.11
C THR C 113 36.92 18.46 -17.77
N ILE C 114 36.00 17.56 -18.08
CA ILE C 114 36.26 16.13 -17.89
C ILE C 114 37.26 15.65 -18.94
N ILE C 115 38.07 14.67 -18.56
CA ILE C 115 39.06 14.09 -19.46
C ILE C 115 38.82 12.59 -19.58
N PRO C 116 38.42 12.08 -20.77
CA PRO C 116 38.17 12.87 -21.98
C PRO C 116 36.87 13.66 -21.92
N PRO C 117 36.83 14.81 -22.59
CA PRO C 117 35.60 15.63 -22.57
C PRO C 117 34.49 14.99 -23.35
N VAL C 118 33.29 15.53 -23.17
CA VAL C 118 32.07 15.04 -23.81
C VAL C 118 31.44 16.19 -24.57
N PRO C 119 31.22 16.06 -25.88
CA PRO C 119 30.50 17.11 -26.61
C PRO C 119 29.00 16.86 -26.62
N LEU C 120 28.27 17.90 -26.98
CA LEU C 120 26.83 17.75 -27.14
C LEU C 120 26.53 16.82 -28.31
N ALA C 121 25.50 16.00 -28.15
CA ALA C 121 25.08 15.13 -29.24
C ALA C 121 24.38 15.94 -30.33
N ASN C 122 23.82 17.08 -29.98
CA ASN C 122 23.23 18.02 -30.93
C ASN C 122 23.96 19.34 -30.84
N PRO C 123 24.71 19.74 -31.86
CA PRO C 123 25.43 21.02 -31.79
C PRO C 123 24.50 22.22 -31.67
N GLU C 124 23.23 22.04 -32.02
CA GLU C 124 22.24 23.11 -31.96
C GLU C 124 21.91 23.52 -30.54
N ASN C 125 22.25 22.68 -29.55
CA ASN C 125 22.06 22.99 -28.14
C ASN C 125 23.16 23.88 -27.56
N GLN C 126 24.08 24.37 -28.39
CA GLN C 126 25.20 25.17 -27.87
C GLN C 126 24.70 26.42 -27.16
N PHE C 127 23.72 27.12 -27.75
CA PHE C 127 23.18 28.30 -27.09
C PHE C 127 22.46 27.95 -25.79
N ARG C 128 22.01 26.69 -25.64
CA ARG C 128 21.42 26.25 -24.39
C ARG C 128 22.47 26.07 -23.31
N SER C 129 23.59 25.42 -23.67
CA SER C 129 24.67 25.25 -22.70
C SER C 129 25.29 26.60 -22.34
N ASP C 130 25.30 27.54 -23.28
CA ASP C 130 25.79 28.89 -22.95
C ASP C 130 24.83 29.60 -22.01
N TYR C 131 23.54 29.27 -22.05
CA TYR C 131 22.58 29.89 -21.14
C TYR C 131 22.79 29.40 -19.71
N ILE C 132 22.95 28.08 -19.53
CA ILE C 132 23.08 27.55 -18.18
C ILE C 132 24.39 28.02 -17.56
N LYS C 133 25.44 28.18 -18.36
CA LYS C 133 26.68 28.71 -17.82
C LYS C 133 26.54 30.18 -17.44
N SER C 134 25.69 30.93 -18.14
CA SER C 134 25.50 32.33 -17.83
C SER C 134 24.71 32.51 -16.54
N ILE C 135 23.75 31.61 -16.29
CA ILE C 135 22.99 31.64 -15.05
C ILE C 135 23.63 30.82 -13.94
N ALA C 136 24.72 30.10 -14.25
CA ALA C 136 25.34 29.22 -13.25
C ALA C 136 25.81 29.97 -12.00
N PRO C 137 26.52 31.09 -12.08
CA PRO C 137 26.92 31.78 -10.84
C PRO C 137 25.85 32.68 -10.26
N ILE C 138 24.80 33.01 -11.01
CA ILE C 138 23.78 33.93 -10.53
C ILE C 138 23.02 33.27 -9.39
N THR C 139 23.05 33.91 -8.22
CA THR C 139 22.22 33.49 -7.10
C THR C 139 20.86 34.18 -7.20
N ASP C 140 19.93 33.72 -6.35
CA ASP C 140 18.54 34.19 -6.33
C ASP C 140 17.93 34.25 -7.74
N PHE C 141 18.10 33.14 -8.47
CA PHE C 141 17.64 33.04 -9.85
C PHE C 141 16.11 33.05 -9.92
N GLU C 142 15.60 33.50 -11.08
CA GLU C 142 14.17 33.72 -11.24
C GLU C 142 13.37 32.44 -11.40
N TYR C 143 13.94 31.41 -12.04
CA TYR C 143 13.23 30.16 -12.32
C TYR C 143 12.03 30.41 -13.24
N SER C 144 12.29 31.09 -14.35
CA SER C 144 11.30 31.35 -15.38
C SER C 144 11.04 30.10 -16.20
N GLN C 145 10.09 30.18 -17.13
CA GLN C 145 9.86 29.08 -18.05
C GLN C 145 11.07 28.86 -18.95
N GLU C 146 11.83 29.93 -19.23
CA GLU C 146 13.02 29.80 -20.07
C GLU C 146 14.02 28.81 -19.49
N PHE C 147 14.26 28.87 -18.18
CA PHE C 147 15.19 27.93 -17.55
C PHE C 147 14.75 26.48 -17.78
N PHE C 148 13.51 26.16 -17.45
CA PHE C 148 13.06 24.78 -17.56
C PHE C 148 13.00 24.31 -19.01
N ASP C 149 12.67 25.20 -19.94
CA ASP C 149 12.67 24.82 -21.36
C ASP C 149 14.05 24.38 -21.81
N HIS C 150 15.10 25.07 -21.35
CA HIS C 150 16.46 24.69 -21.74
C HIS C 150 16.90 23.41 -21.03
N VAL C 151 16.54 23.26 -19.75
CA VAL C 151 16.92 22.06 -19.01
C VAL C 151 16.27 20.82 -19.61
N LYS C 152 15.00 20.93 -20.04
CA LYS C 152 14.30 19.79 -20.60
C LYS C 152 15.00 19.28 -21.86
N LYS C 153 15.28 20.17 -22.81
CA LYS C 153 15.91 19.73 -24.05
C LYS C 153 17.38 19.39 -23.85
N LEU C 154 18.02 19.99 -22.84
CA LEU C 154 19.41 19.63 -22.55
C LEU C 154 19.51 18.22 -21.97
N TRP C 155 18.57 17.85 -21.09
CA TRP C 155 18.60 16.51 -20.52
C TRP C 155 18.35 15.45 -21.58
N ASP C 156 17.63 15.80 -22.65
CA ASP C 156 17.44 14.88 -23.76
C ASP C 156 18.71 14.65 -24.56
N ASP C 157 19.65 15.60 -24.52
CA ASP C 157 20.90 15.45 -25.26
C ASP C 157 21.67 14.25 -24.73
N GLU C 158 22.01 13.33 -25.63
CA GLU C 158 22.73 12.12 -25.20
C GLU C 158 24.12 12.45 -24.70
N GLY C 159 24.71 13.56 -25.17
CA GLY C 159 25.99 13.97 -24.64
C GLY C 159 25.90 14.40 -23.18
N VAL C 160 24.81 15.09 -22.82
CA VAL C 160 24.59 15.45 -21.42
C VAL C 160 24.39 14.21 -20.58
N LYS C 161 23.62 13.24 -21.09
CA LYS C 161 23.47 11.98 -20.40
C LYS C 161 24.80 11.24 -20.31
N ALA C 162 25.60 11.31 -21.38
CA ALA C 162 26.92 10.68 -21.36
C ALA C 162 27.81 11.31 -20.30
N CYS C 163 27.80 12.64 -20.19
CA CYS C 163 28.54 13.29 -19.12
C CYS C 163 27.94 12.96 -17.75
N PHE C 164 26.63 12.74 -17.69
CA PHE C 164 25.99 12.40 -16.42
C PHE C 164 26.47 11.05 -15.90
N GLU C 165 26.61 10.06 -16.79
CA GLU C 165 27.00 8.72 -16.35
C GLU C 165 28.43 8.66 -15.85
N ARG C 166 29.21 9.72 -16.03
CA ARG C 166 30.57 9.83 -15.48
C ARG C 166 30.61 10.79 -14.30
N SER C 167 29.54 10.81 -13.51
CA SER C 167 29.43 11.78 -12.43
C SER C 167 30.50 11.60 -11.36
N ASN C 168 31.06 10.40 -11.23
CA ASN C 168 32.06 10.15 -10.20
C ASN C 168 33.36 10.92 -10.43
N GLU C 169 33.54 11.54 -11.60
CA GLU C 169 34.72 12.34 -11.89
C GLU C 169 34.53 13.80 -11.50
N TYR C 170 33.42 14.14 -10.84
CA TYR C 170 33.18 15.47 -10.29
C TYR C 170 32.17 15.32 -9.16
N GLN C 171 31.67 16.45 -8.65
CA GLN C 171 30.76 16.46 -7.51
C GLN C 171 29.33 16.68 -7.99
N LEU C 172 28.51 15.64 -7.94
CA LEU C 172 27.10 15.72 -8.35
C LEU C 172 26.22 15.16 -7.25
N ILE C 173 25.18 15.90 -6.89
CA ILE C 173 24.25 15.46 -5.85
C ILE C 173 23.48 14.23 -6.31
N ASP C 174 23.21 13.32 -5.38
CA ASP C 174 22.62 12.03 -5.70
C ASP C 174 21.20 12.12 -6.22
N CYS C 175 20.53 13.26 -6.04
CA CYS C 175 19.17 13.45 -6.53
C CYS C 175 19.12 14.02 -7.95
N ALA C 176 20.26 14.04 -8.65
CA ALA C 176 20.31 14.70 -9.95
C ALA C 176 19.45 13.98 -10.99
N GLN C 177 19.63 12.67 -11.11
CA GLN C 177 18.85 11.92 -12.09
C GLN C 177 17.35 11.99 -11.80
N TYR C 178 16.99 11.92 -10.52
CA TYR C 178 15.58 11.88 -10.14
C TYR C 178 14.87 13.18 -10.52
N PHE C 179 15.48 14.33 -10.20
CA PHE C 179 14.82 15.60 -10.44
C PHE C 179 14.86 15.99 -11.92
N LEU C 180 15.94 15.67 -12.62
CA LEU C 180 15.95 15.90 -14.06
C LEU C 180 14.94 14.99 -14.76
N GLU C 181 14.74 13.78 -14.25
CA GLU C 181 13.75 12.88 -14.83
C GLU C 181 12.33 13.29 -14.46
N ARG C 182 12.17 14.11 -13.42
CA ARG C 182 10.86 14.62 -13.01
C ARG C 182 10.73 16.12 -13.28
N ILE C 183 11.44 16.61 -14.30
CA ILE C 183 11.47 18.04 -14.58
C ILE C 183 10.10 18.55 -15.03
N ASP C 184 9.31 17.70 -15.68
CA ASP C 184 8.02 18.14 -16.22
C ASP C 184 7.07 18.60 -15.13
N SER C 185 7.12 17.97 -13.94
CA SER C 185 6.26 18.41 -12.86
C SER C 185 6.80 19.65 -12.16
N VAL C 186 8.11 19.66 -11.85
CA VAL C 186 8.70 20.74 -11.08
C VAL C 186 8.54 22.08 -11.79
N SER C 187 8.47 22.07 -13.12
CA SER C 187 8.42 23.32 -13.89
C SER C 187 7.04 23.95 -13.91
N LEU C 188 6.01 23.25 -13.44
CA LEU C 188 4.67 23.80 -13.40
C LEU C 188 4.59 24.94 -12.38
N VAL C 189 3.75 25.94 -12.69
CA VAL C 189 3.55 27.03 -11.74
C VAL C 189 2.82 26.52 -10.49
N ASP C 190 1.85 25.61 -10.68
CA ASP C 190 1.14 25.00 -9.57
C ASP C 190 1.73 23.66 -9.16
N TYR C 191 3.05 23.51 -9.32
CA TYR C 191 3.74 22.28 -8.95
C TYR C 191 3.64 22.02 -7.46
N THR C 192 2.96 20.94 -7.08
CA THR C 192 2.92 20.50 -5.69
C THR C 192 3.82 19.29 -5.54
N PRO C 193 4.85 19.37 -4.70
CA PRO C 193 5.83 18.27 -4.60
C PRO C 193 5.22 17.03 -3.97
N THR C 194 5.45 15.88 -4.61
CA THR C 194 5.15 14.59 -3.98
C THR C 194 6.02 14.40 -2.74
N ASP C 195 5.56 13.50 -1.86
CA ASP C 195 6.38 13.13 -0.71
C ASP C 195 7.73 12.60 -1.12
N GLN C 196 7.82 11.91 -2.26
CA GLN C 196 9.11 11.43 -2.74
C GLN C 196 10.01 12.58 -3.17
N ASP C 197 9.43 13.61 -3.82
CA ASP C 197 10.21 14.81 -4.13
C ASP C 197 10.78 15.45 -2.87
N LEU C 198 10.04 15.39 -1.76
CA LEU C 198 10.50 15.99 -0.52
C LEU C 198 11.63 15.16 0.10
N LEU C 199 11.60 13.84 -0.10
CA LEU C 199 12.70 12.99 0.37
C LEU C 199 13.97 13.23 -0.44
N ARG C 200 13.84 13.37 -1.75
CA ARG C 200 14.99 13.54 -2.62
C ARG C 200 15.58 14.94 -2.56
N CYS C 201 14.85 15.91 -2.03
CA CYS C 201 15.36 17.27 -1.93
C CYS C 201 16.58 17.31 -1.02
N ARG C 202 17.69 17.85 -1.53
CA ARG C 202 18.97 17.87 -0.83
C ARG C 202 19.25 19.29 -0.35
N VAL C 203 19.43 19.44 0.96
CA VAL C 203 19.87 20.69 1.58
C VAL C 203 20.90 20.37 2.65
N LEU C 204 22.04 21.05 2.61
CA LEU C 204 23.06 20.87 3.64
C LEU C 204 22.52 21.24 5.01
N THR C 205 22.79 20.39 5.99
CA THR C 205 22.34 20.58 7.36
C THR C 205 23.44 21.24 8.17
N SER C 206 23.19 22.46 8.65
CA SER C 206 24.10 23.18 9.52
C SER C 206 23.46 23.37 10.88
N GLY C 207 24.17 22.97 11.93
CA GLY C 207 23.63 23.09 13.27
C GLY C 207 23.08 21.79 13.80
N ILE C 208 22.12 21.88 14.72
CA ILE C 208 21.52 20.71 15.37
C ILE C 208 20.02 20.86 15.24
N PHE C 209 19.42 20.06 14.36
CA PHE C 209 17.96 20.04 14.19
C PHE C 209 17.37 18.90 14.99
N GLU C 210 16.30 19.19 15.73
CA GLU C 210 15.67 18.23 16.62
C GLU C 210 14.28 17.87 16.11
N THR C 211 13.93 16.59 16.21
CA THR C 211 12.63 16.10 15.79
C THR C 211 12.14 15.06 16.79
N ARG C 212 10.92 15.24 17.29
CA ARG C 212 10.35 14.36 18.30
C ARG C 212 9.07 13.71 17.75
N PHE C 213 8.98 12.40 17.92
CA PHE C 213 7.82 11.64 17.49
C PHE C 213 7.65 10.44 18.41
N GLN C 214 6.46 9.85 18.41
CA GLN C 214 6.18 8.69 19.23
C GLN C 214 5.52 7.59 18.41
N VAL C 215 5.87 6.34 18.72
CA VAL C 215 5.32 5.16 18.07
C VAL C 215 4.81 4.21 19.16
N ASP C 216 3.54 3.83 19.07
CA ASP C 216 2.92 2.92 20.04
C ASP C 216 3.13 3.39 21.47
N LYS C 217 2.92 4.68 21.70
CA LYS C 217 2.94 5.28 23.04
C LYS C 217 4.32 5.18 23.70
N VAL C 218 5.37 5.40 22.91
CA VAL C 218 6.72 5.64 23.45
C VAL C 218 7.37 6.72 22.61
N ASN C 219 7.99 7.69 23.28
CA ASN C 219 8.52 8.88 22.61
C ASN C 219 9.91 8.63 22.06
N PHE C 220 10.21 9.30 20.94
CA PHE C 220 11.51 9.21 20.28
C PHE C 220 12.01 10.63 20.00
N HIS C 221 13.04 11.04 20.72
CA HIS C 221 13.73 12.29 20.44
C HIS C 221 14.88 11.99 19.49
N MET C 222 14.95 12.74 18.39
CA MET C 222 15.91 12.46 17.32
C MET C 222 16.74 13.70 17.05
N PHE C 223 18.06 13.55 17.01
CA PHE C 223 19.00 14.64 16.79
C PHE C 223 19.61 14.50 15.40
N ASP C 224 19.29 15.45 14.52
CA ASP C 224 19.85 15.50 13.18
C ASP C 224 21.00 16.50 13.16
N VAL C 225 22.16 16.07 12.69
CA VAL C 225 23.37 16.88 12.71
C VAL C 225 23.99 16.91 11.31
N GLY C 226 24.97 17.79 11.15
CA GLY C 226 25.67 17.93 9.88
C GLY C 226 26.80 16.94 9.71
N GLY C 227 27.01 16.52 8.47
CA GLY C 227 27.94 15.44 8.20
C GLY C 227 29.30 15.88 7.68
N GLN C 228 29.37 17.04 7.04
CA GLN C 228 30.62 17.49 6.48
C GLN C 228 31.61 17.84 7.60
N ARG C 229 32.88 18.04 7.21
CA ARG C 229 33.97 18.03 8.18
C ARG C 229 33.82 19.14 9.21
N ASP C 230 33.45 20.35 8.78
CA ASP C 230 33.37 21.46 9.72
C ASP C 230 32.21 21.34 10.69
N GLU C 231 31.16 20.60 10.33
CA GLU C 231 30.03 20.40 11.24
C GLU C 231 30.36 19.42 12.35
N ARG C 232 31.37 18.56 12.16
CA ARG C 232 31.71 17.54 13.16
C ARG C 232 32.17 18.17 14.47
N ARG C 233 32.57 19.44 14.45
CA ARG C 233 33.09 20.09 15.65
C ARG C 233 32.03 20.17 16.76
N LYS C 234 30.77 20.36 16.40
CA LYS C 234 29.69 20.53 17.36
C LYS C 234 29.10 19.22 17.87
N TRP C 235 29.55 18.08 17.32
CA TRP C 235 28.92 16.80 17.63
C TRP C 235 28.96 16.48 19.13
N ILE C 236 30.01 16.92 19.84
CA ILE C 236 30.16 16.57 21.24
C ILE C 236 29.01 17.13 22.07
N GLN C 237 28.37 18.20 21.61
CA GLN C 237 27.26 18.80 22.37
C GLN C 237 26.04 17.89 22.37
N CYS C 238 25.90 17.04 21.35
CA CYS C 238 24.79 16.10 21.26
C CYS C 238 25.03 14.82 22.05
N PHE C 239 26.17 14.70 22.73
CA PHE C 239 26.52 13.50 23.47
C PHE C 239 25.90 13.49 24.86
N ASN C 240 24.71 14.06 25.01
CA ASN C 240 24.03 14.16 26.29
C ASN C 240 22.83 13.21 26.26
N ASP C 241 22.88 12.18 27.12
CA ASP C 241 21.77 11.26 27.34
C ASP C 241 21.38 10.57 26.02
N VAL C 242 22.32 9.78 25.50
CA VAL C 242 22.17 9.10 24.22
C VAL C 242 21.86 7.64 24.48
N THR C 243 20.72 7.17 23.96
CA THR C 243 20.39 5.76 24.08
C THR C 243 21.07 4.94 22.99
N ALA C 244 21.08 5.44 21.76
CA ALA C 244 21.74 4.76 20.66
C ALA C 244 22.16 5.79 19.61
N ILE C 245 23.08 5.37 18.75
CA ILE C 245 23.57 6.19 17.65
C ILE C 245 23.24 5.48 16.35
N ILE C 246 22.68 6.20 15.40
CA ILE C 246 22.35 5.67 14.09
C ILE C 246 23.36 6.26 13.11
N TYR C 247 24.37 5.47 12.75
CA TYR C 247 25.39 5.89 11.80
C TYR C 247 24.93 5.53 10.39
N VAL C 248 24.75 6.54 9.55
CA VAL C 248 24.31 6.35 8.17
C VAL C 248 25.53 6.44 7.26
N ALA C 249 25.72 5.43 6.42
CA ALA C 249 26.86 5.36 5.51
C ALA C 249 26.37 5.15 4.08
N ALA C 250 26.91 5.93 3.16
CA ALA C 250 26.54 5.84 1.74
C ALA C 250 27.37 4.74 1.09
N CYS C 251 26.79 3.54 0.98
CA CYS C 251 27.52 2.42 0.39
C CYS C 251 27.70 2.57 -1.12
N SER C 252 26.87 3.39 -1.78
CA SER C 252 26.99 3.57 -3.21
C SER C 252 28.23 4.38 -3.60
N SER C 253 28.82 5.11 -2.67
CA SER C 253 29.86 6.09 -3.00
C SER C 253 31.26 5.51 -2.86
N TYR C 254 31.46 4.25 -3.22
CA TYR C 254 32.79 3.67 -3.18
C TYR C 254 33.69 4.20 -4.29
N ASN C 255 33.11 4.77 -5.34
CA ASN C 255 33.87 5.30 -6.47
C ASN C 255 33.92 6.82 -6.51
N MET C 256 33.30 7.49 -5.56
CA MET C 256 33.24 8.96 -5.53
C MET C 256 34.16 9.50 -4.44
N VAL C 257 34.47 10.79 -4.54
CA VAL C 257 35.31 11.48 -3.56
C VAL C 257 34.49 12.56 -2.87
N ILE C 258 34.91 12.89 -1.64
CA ILE C 258 34.20 13.86 -0.82
C ILE C 258 34.34 15.26 -1.38
N ARG C 259 33.51 16.18 -0.89
CA ARG C 259 33.50 17.55 -1.38
C ARG C 259 34.50 18.44 -0.66
N GLU C 260 34.86 18.10 0.58
CA GLU C 260 35.70 18.98 1.38
C GLU C 260 37.10 19.12 0.79
N ASP C 261 37.61 18.07 0.15
CA ASP C 261 38.93 18.14 -0.47
C ASP C 261 38.98 17.60 -1.88
N ASN C 262 37.92 16.94 -2.36
CA ASN C 262 37.88 16.29 -3.67
C ASN C 262 39.01 15.29 -3.85
N ASN C 263 39.58 14.81 -2.75
CA ASN C 263 40.63 13.80 -2.76
C ASN C 263 40.26 12.54 -2.01
N THR C 264 39.76 12.69 -0.78
CA THR C 264 39.48 11.52 0.06
C THR C 264 38.28 10.75 -0.47
N ASN C 265 38.42 9.43 -0.54
CA ASN C 265 37.31 8.57 -0.96
C ASN C 265 36.17 8.65 0.04
N ARG C 266 34.94 8.71 -0.48
CA ARG C 266 33.78 8.92 0.39
C ARG C 266 33.55 7.72 1.31
N LEU C 267 33.61 6.52 0.76
CA LEU C 267 33.45 5.33 1.60
C LEU C 267 34.58 5.20 2.61
N ARG C 268 35.81 5.52 2.20
CA ARG C 268 36.93 5.51 3.15
C ARG C 268 36.76 6.58 4.22
N GLU C 269 36.13 7.71 3.86
CA GLU C 269 35.81 8.72 4.87
C GLU C 269 34.81 8.18 5.88
N SER C 270 33.79 7.45 5.40
CA SER C 270 32.83 6.85 6.31
C SER C 270 33.48 5.84 7.23
N LEU C 271 34.41 5.05 6.70
CA LEU C 271 35.09 4.04 7.53
C LEU C 271 35.98 4.69 8.59
N ASP C 272 36.74 5.71 8.22
CA ASP C 272 37.57 6.40 9.21
C ASP C 272 36.72 7.14 10.22
N LEU C 273 35.59 7.70 9.78
CA LEU C 273 34.69 8.38 10.71
C LEU C 273 33.97 7.38 11.61
N PHE C 274 33.60 6.22 11.06
CA PHE C 274 32.96 5.19 11.87
C PHE C 274 33.89 4.70 12.98
N GLU C 275 35.18 4.59 12.69
CA GLU C 275 36.14 4.20 13.73
C GLU C 275 36.24 5.25 14.82
N SER C 276 36.18 6.53 14.45
CA SER C 276 36.23 7.59 15.45
C SER C 276 35.05 7.51 16.41
N ILE C 277 33.85 7.22 15.89
CA ILE C 277 32.67 7.11 16.75
C ILE C 277 32.75 5.84 17.59
N TRP C 278 33.08 4.71 16.96
CA TRP C 278 33.10 3.44 17.68
C TRP C 278 34.17 3.42 18.78
N ASN C 279 35.35 3.98 18.47
CA ASN C 279 36.44 4.02 19.44
C ASN C 279 36.52 5.35 20.19
N ASN C 280 35.46 6.16 20.13
CA ASN C 280 35.42 7.38 20.91
C ASN C 280 35.47 7.05 22.40
N ARG C 281 36.34 7.73 23.13
CA ARG C 281 36.51 7.46 24.56
C ARG C 281 35.22 7.72 25.33
N TRP C 282 34.45 8.72 24.92
CA TRP C 282 33.22 9.05 25.63
C TRP C 282 32.07 8.10 25.31
N LEU C 283 32.19 7.32 24.24
CA LEU C 283 31.11 6.50 23.71
C LEU C 283 31.34 5.01 23.97
N ARG C 284 32.05 4.68 25.05
CA ARG C 284 32.24 3.27 25.41
C ARG C 284 30.91 2.55 25.55
N THR C 285 29.98 3.15 26.30
CA THR C 285 28.70 2.51 26.56
C THR C 285 27.78 2.52 25.34
N ILE C 286 27.85 3.56 24.52
CA ILE C 286 26.85 3.80 23.49
C ILE C 286 26.97 2.74 22.40
N SER C 287 25.84 2.15 22.03
CA SER C 287 25.77 1.22 20.92
C SER C 287 25.40 1.97 19.64
N ILE C 288 25.76 1.37 18.50
CA ILE C 288 25.55 1.97 17.19
C ILE C 288 24.62 1.10 16.38
N ILE C 289 23.57 1.70 15.84
CA ILE C 289 22.72 1.07 14.83
C ILE C 289 23.22 1.53 13.48
N LEU C 290 23.77 0.60 12.69
CA LEU C 290 24.49 0.93 11.47
C LEU C 290 23.54 0.80 10.27
N PHE C 291 23.27 1.93 9.61
CA PHE C 291 22.45 1.96 8.41
C PHE C 291 23.36 1.96 7.19
N LEU C 292 23.49 0.80 6.55
CA LEU C 292 24.22 0.66 5.29
C LEU C 292 23.35 1.21 4.18
N ASN C 293 23.45 2.52 3.96
CA ASN C 293 22.46 3.25 3.18
C ASN C 293 22.74 3.13 1.68
N LYS C 294 21.75 3.58 0.90
CA LYS C 294 21.86 3.71 -0.55
C LYS C 294 22.06 2.36 -1.23
N GLN C 295 21.28 1.37 -0.80
CA GLN C 295 21.34 0.05 -1.41
C GLN C 295 20.84 0.08 -2.85
N ASP C 296 19.89 0.96 -3.16
CA ASP C 296 19.33 1.02 -4.50
C ASP C 296 20.35 1.58 -5.49
N MET C 297 21.00 2.70 -5.13
CA MET C 297 22.02 3.26 -6.00
C MET C 297 23.26 2.37 -6.08
N LEU C 298 23.55 1.64 -5.00
CA LEU C 298 24.67 0.70 -5.05
C LEU C 298 24.42 -0.42 -6.05
N ALA C 299 23.20 -0.97 -6.06
CA ALA C 299 22.88 -2.04 -7.00
C ALA C 299 22.99 -1.56 -8.44
N GLU C 300 22.53 -0.34 -8.71
CA GLU C 300 22.55 0.16 -10.08
C GLU C 300 23.97 0.27 -10.60
N LYS C 301 24.91 0.68 -9.74
CA LYS C 301 26.30 0.83 -10.18
C LYS C 301 27.06 -0.49 -10.13
N VAL C 302 26.67 -1.41 -9.26
CA VAL C 302 27.25 -2.75 -9.31
C VAL C 302 26.76 -3.49 -10.55
N LEU C 303 25.49 -3.35 -10.88
CA LEU C 303 24.95 -3.96 -12.09
C LEU C 303 25.37 -3.22 -13.36
N ALA C 304 25.71 -1.94 -13.25
CA ALA C 304 26.22 -1.22 -14.42
C ALA C 304 27.59 -1.74 -14.83
N GLY C 305 28.44 -2.06 -13.86
CA GLY C 305 29.74 -2.62 -14.17
C GLY C 305 30.72 -1.62 -14.74
N LYS C 306 30.54 -0.33 -14.44
CA LYS C 306 31.44 0.69 -14.96
C LYS C 306 32.55 1.01 -13.96
N SER C 307 32.20 1.13 -12.69
CA SER C 307 33.17 1.33 -11.62
C SER C 307 33.26 0.03 -10.84
N LYS C 308 34.42 -0.62 -10.91
CA LYS C 308 34.65 -1.86 -10.19
C LYS C 308 35.07 -1.56 -8.76
N ILE C 309 34.43 -2.23 -7.80
CA ILE C 309 34.83 -2.09 -6.40
C ILE C 309 36.29 -2.48 -6.23
N GLU C 310 36.74 -3.45 -7.02
CA GLU C 310 38.12 -3.91 -6.98
C GLU C 310 39.10 -2.76 -7.25
N ASP C 311 38.74 -1.86 -8.15
CA ASP C 311 39.61 -0.72 -8.45
C ASP C 311 39.81 0.18 -7.23
N TYR C 312 38.81 0.30 -6.38
CA TYR C 312 38.89 1.20 -5.23
C TYR C 312 39.18 0.50 -3.92
N PHE C 313 38.80 -0.78 -3.78
CA PHE C 313 39.12 -1.58 -2.60
C PHE C 313 39.71 -2.91 -3.08
N PRO C 314 41.04 -3.01 -3.16
CA PRO C 314 41.66 -4.20 -3.78
C PRO C 314 41.32 -5.51 -3.07
N GLU C 315 41.09 -5.48 -1.76
CA GLU C 315 40.78 -6.73 -1.06
C GLU C 315 39.41 -7.30 -1.42
N TYR C 316 38.62 -6.58 -2.23
CA TYR C 316 37.33 -7.12 -2.65
C TYR C 316 37.48 -8.33 -3.54
N ALA C 317 38.57 -8.44 -4.29
CA ALA C 317 38.77 -9.58 -5.17
C ALA C 317 38.89 -10.88 -4.39
N ASN C 318 39.37 -10.80 -3.15
CA ASN C 318 39.53 -11.99 -2.30
C ASN C 318 38.28 -12.29 -1.48
N TYR C 319 37.46 -11.29 -1.20
CA TYR C 319 36.26 -11.48 -0.41
C TYR C 319 35.30 -12.45 -1.10
N THR C 320 34.61 -13.26 -0.30
CA THR C 320 33.58 -14.17 -0.79
C THR C 320 32.35 -14.04 0.10
N VAL C 321 31.20 -14.37 -0.49
CA VAL C 321 29.92 -14.31 0.22
C VAL C 321 29.95 -15.25 1.41
N PRO C 322 29.66 -14.77 2.62
CA PRO C 322 29.59 -15.69 3.75
C PRO C 322 28.44 -16.67 3.57
N GLU C 323 28.76 -17.96 3.70
CA GLU C 323 27.79 -19.00 3.40
C GLU C 323 26.54 -18.91 4.27
N ASP C 324 26.63 -18.28 5.44
CA ASP C 324 25.48 -18.15 6.31
C ASP C 324 24.49 -17.10 5.81
N ALA C 325 24.95 -16.13 5.04
CA ALA C 325 24.09 -15.03 4.60
C ALA C 325 22.97 -15.54 3.71
N THR C 326 21.80 -14.92 3.85
CA THR C 326 20.65 -15.20 3.00
C THR C 326 20.30 -13.96 2.20
N PRO C 327 20.26 -14.03 0.88
CA PRO C 327 20.00 -12.84 0.07
C PRO C 327 18.51 -12.48 0.09
N ASP C 328 18.21 -11.32 -0.50
CA ASP C 328 16.85 -10.86 -0.68
C ASP C 328 16.21 -11.54 -1.88
N ALA C 329 15.04 -11.03 -2.27
CA ALA C 329 14.24 -11.58 -3.36
C ALA C 329 14.91 -11.52 -4.72
N GLY C 330 15.32 -12.68 -5.25
CA GLY C 330 15.93 -12.76 -6.56
C GLY C 330 17.04 -11.74 -6.75
N GLU C 331 17.93 -11.64 -5.76
CA GLU C 331 18.98 -10.64 -5.78
C GLU C 331 20.19 -11.17 -6.55
N ASP C 332 20.66 -10.36 -7.50
CA ASP C 332 21.81 -10.74 -8.31
C ASP C 332 23.01 -10.98 -7.40
N PRO C 333 23.70 -12.12 -7.53
CA PRO C 333 24.88 -12.38 -6.68
C PRO C 333 25.92 -11.27 -6.74
N LYS C 334 26.08 -10.60 -7.87
CA LYS C 334 26.99 -9.47 -7.93
C LYS C 334 26.60 -8.38 -6.94
N VAL C 335 25.30 -8.10 -6.83
CA VAL C 335 24.82 -7.12 -5.85
C VAL C 335 24.93 -7.65 -4.44
N THR C 336 24.66 -8.94 -4.24
CA THR C 336 24.72 -9.53 -2.90
C THR C 336 26.13 -9.47 -2.33
N ARG C 337 27.10 -9.98 -3.07
CA ARG C 337 28.49 -9.98 -2.61
C ARG C 337 29.00 -8.57 -2.38
N ALA C 338 28.53 -7.60 -3.18
CA ALA C 338 29.01 -6.23 -3.05
C ALA C 338 28.59 -5.61 -1.73
N LYS C 339 27.32 -5.78 -1.34
CA LYS C 339 26.84 -5.14 -0.13
C LYS C 339 27.33 -5.83 1.13
N PHE C 340 27.51 -7.17 1.08
CA PHE C 340 28.06 -7.86 2.25
C PHE C 340 29.54 -7.55 2.44
N PHE C 341 30.26 -7.27 1.35
CA PHE C 341 31.65 -6.85 1.49
C PHE C 341 31.74 -5.50 2.18
N ILE C 342 30.95 -4.53 1.72
CA ILE C 342 30.93 -3.22 2.36
C ILE C 342 30.48 -3.33 3.80
N ARG C 343 29.58 -4.28 4.10
CA ARG C 343 29.20 -4.52 5.48
C ARG C 343 30.39 -5.02 6.30
N ASP C 344 31.12 -6.01 5.77
CA ASP C 344 32.27 -6.55 6.48
C ASP C 344 33.41 -5.56 6.63
N LEU C 345 33.38 -4.45 5.88
CA LEU C 345 34.33 -3.38 6.14
C LEU C 345 34.05 -2.71 7.47
N PHE C 346 32.78 -2.46 7.78
CA PHE C 346 32.43 -1.87 9.07
C PHE C 346 32.54 -2.89 10.20
N LEU C 347 32.01 -4.10 10.00
CA LEU C 347 32.06 -5.11 11.06
C LEU C 347 33.50 -5.45 11.44
N ARG C 348 34.43 -5.33 10.50
CA ARG C 348 35.84 -5.52 10.84
C ARG C 348 36.30 -4.46 11.84
N ILE C 349 35.85 -3.22 11.67
CA ILE C 349 36.18 -2.16 12.60
C ILE C 349 35.55 -2.41 13.97
N SER C 350 34.27 -2.80 13.99
CA SER C 350 33.53 -2.91 15.24
C SER C 350 33.87 -4.17 16.04
N THR C 351 34.36 -5.22 15.38
CA THR C 351 34.76 -6.43 16.10
C THR C 351 36.13 -6.30 16.75
N ALA C 352 36.97 -5.39 16.25
CA ALA C 352 38.33 -5.29 16.76
C ALA C 352 38.38 -4.74 18.18
N THR C 353 37.47 -3.83 18.53
CA THR C 353 37.47 -3.20 19.85
C THR C 353 36.05 -3.18 20.40
N GLY C 354 35.95 -2.86 21.70
CA GLY C 354 34.68 -2.77 22.38
C GLY C 354 34.57 -3.65 23.60
N ASP C 355 35.12 -4.87 23.51
CA ASP C 355 35.14 -5.81 24.63
C ASP C 355 33.75 -6.06 25.21
N GLY C 356 32.72 -5.96 24.38
CA GLY C 356 31.37 -6.22 24.82
C GLY C 356 30.66 -5.07 25.50
N LYS C 357 31.34 -3.95 25.72
CA LYS C 357 30.70 -2.83 26.41
C LYS C 357 29.61 -2.19 25.56
N HIS C 358 29.73 -2.29 24.24
CA HIS C 358 28.67 -1.85 23.33
C HIS C 358 28.77 -2.67 22.06
N TYR C 359 27.74 -2.57 21.23
CA TYR C 359 27.58 -3.43 20.06
C TYR C 359 27.20 -2.59 18.84
N CYS C 360 27.11 -3.27 17.70
CA CYS C 360 26.83 -2.64 16.42
C CYS C 360 25.73 -3.43 15.74
N TYR C 361 24.65 -2.75 15.36
CA TYR C 361 23.50 -3.38 14.75
C TYR C 361 23.41 -2.98 13.29
N PRO C 362 23.82 -3.83 12.36
CA PRO C 362 23.81 -3.45 10.94
C PRO C 362 22.46 -3.70 10.28
N HIS C 363 22.10 -2.77 9.39
CA HIS C 363 20.88 -2.90 8.59
C HIS C 363 21.14 -2.35 7.20
N PHE C 364 20.57 -3.01 6.20
CA PHE C 364 20.60 -2.50 4.84
C PHE C 364 19.41 -1.56 4.66
N THR C 365 19.70 -0.31 4.32
CA THR C 365 18.69 0.73 4.32
C THR C 365 18.70 1.49 3.00
N CYS C 366 17.54 2.02 2.65
CA CYS C 366 17.37 2.90 1.50
C CYS C 366 16.49 4.05 2.00
N ALA C 367 17.14 5.16 2.39
CA ALA C 367 16.45 6.20 3.14
C ALA C 367 15.31 6.85 2.35
N VAL C 368 15.27 6.66 1.04
CA VAL C 368 14.19 7.24 0.24
C VAL C 368 13.03 6.28 0.04
N ASP C 369 13.15 5.02 0.46
CA ASP C 369 12.07 4.05 0.36
C ASP C 369 11.32 4.05 1.70
N THR C 370 10.13 4.65 1.70
CA THR C 370 9.37 4.77 2.95
C THR C 370 9.04 3.42 3.55
N GLU C 371 8.63 2.45 2.73
CA GLU C 371 8.29 1.13 3.25
C GLU C 371 9.52 0.43 3.83
N ASN C 372 10.68 0.57 3.16
CA ASN C 372 11.90 -0.03 3.67
C ASN C 372 12.27 0.57 5.02
N ILE C 373 12.26 1.90 5.12
CA ILE C 373 12.60 2.55 6.37
C ILE C 373 11.60 2.20 7.47
N ARG C 374 10.34 1.96 7.09
CA ARG C 374 9.36 1.49 8.06
C ARG C 374 9.80 0.17 8.68
N ARG C 375 10.14 -0.81 7.85
CA ARG C 375 10.53 -2.12 8.35
C ARG C 375 11.83 -2.06 9.14
N VAL C 376 12.82 -1.32 8.64
CA VAL C 376 14.11 -1.25 9.31
C VAL C 376 13.97 -0.57 10.67
N PHE C 377 13.34 0.60 10.70
CA PHE C 377 13.15 1.30 11.96
C PHE C 377 12.19 0.55 12.88
N ASN C 378 11.36 -0.34 12.34
CA ASN C 378 10.40 -1.08 13.16
C ASN C 378 11.10 -1.99 14.15
N ASP C 379 11.91 -2.93 13.64
CA ASP C 379 12.65 -3.84 14.51
C ASP C 379 13.85 -3.18 15.18
N CYS C 380 14.21 -1.95 14.78
CA CYS C 380 15.11 -1.16 15.58
C CYS C 380 14.54 -0.89 16.97
N ARG C 381 13.23 -0.64 17.04
CA ARG C 381 12.59 -0.37 18.33
C ARG C 381 12.63 -1.57 19.26
N ASP C 382 12.64 -2.80 18.70
CA ASP C 382 12.82 -3.96 19.55
C ASP C 382 14.19 -3.93 20.21
N ILE C 383 15.22 -3.54 19.46
CA ILE C 383 16.55 -3.35 20.02
C ILE C 383 16.55 -2.21 21.03
N ILE C 384 15.81 -1.14 20.74
CA ILE C 384 15.80 0.03 21.62
C ILE C 384 15.18 -0.30 22.98
N GLN C 385 14.10 -1.08 22.99
CA GLN C 385 13.45 -1.41 24.26
C GLN C 385 14.40 -2.16 25.19
N ARG C 386 15.04 -3.19 24.66
CA ARG C 386 15.94 -4.04 25.42
C ARG C 386 17.26 -3.36 25.76
N THR D 56 48.94 -31.46 21.88
CA THR D 56 47.53 -31.83 21.80
C THR D 56 46.79 -31.40 23.07
N HIS D 57 45.68 -30.70 22.89
CA HIS D 57 44.86 -30.26 24.00
C HIS D 57 43.64 -31.17 24.12
N ARG D 58 43.51 -31.83 25.26
CA ARG D 58 42.46 -32.80 25.52
C ARG D 58 41.40 -32.17 26.40
N LEU D 59 40.19 -31.97 25.85
CA LEU D 59 39.10 -31.37 26.60
C LEU D 59 38.13 -32.45 27.07
N LEU D 60 37.54 -32.21 28.24
CA LEU D 60 36.65 -33.17 28.88
C LEU D 60 35.32 -32.49 29.16
N LEU D 61 34.25 -33.01 28.55
CA LEU D 61 32.91 -32.47 28.73
C LEU D 61 32.25 -33.15 29.92
N LEU D 62 32.01 -32.40 30.98
CA LEU D 62 31.26 -32.87 32.13
C LEU D 62 29.97 -32.06 32.26
N GLY D 63 28.99 -32.65 32.92
CA GLY D 63 27.69 -32.01 33.07
C GLY D 63 26.60 -33.04 33.27
N ALA D 64 25.48 -32.56 33.81
CA ALA D 64 24.36 -33.44 34.11
C ALA D 64 23.72 -33.94 32.82
N GLY D 65 22.73 -34.82 32.98
CA GLY D 65 22.08 -35.40 31.82
C GLY D 65 21.34 -34.34 31.00
N GLU D 66 21.39 -34.50 29.67
CA GLU D 66 20.71 -33.61 28.74
C GLU D 66 21.21 -32.18 28.84
N SER D 67 22.45 -31.99 29.29
CA SER D 67 23.02 -30.65 29.40
C SER D 67 23.38 -30.09 28.03
N GLY D 68 23.93 -30.91 27.15
CA GLY D 68 24.28 -30.45 25.82
C GLY D 68 25.69 -30.77 25.38
N LYS D 69 26.38 -31.66 26.12
CA LYS D 69 27.76 -31.97 25.81
C LYS D 69 27.89 -32.61 24.43
N SER D 70 27.08 -33.63 24.15
CA SER D 70 27.16 -34.29 22.85
C SER D 70 26.85 -33.33 21.72
N THR D 71 25.93 -32.39 21.94
CA THR D 71 25.62 -31.40 20.92
C THR D 71 26.81 -30.48 20.69
N ILE D 72 27.60 -30.20 21.73
CA ILE D 72 28.82 -29.43 21.58
C ILE D 72 29.79 -30.16 20.65
N VAL D 73 29.95 -31.47 20.84
CA VAL D 73 30.78 -32.26 19.95
C VAL D 73 30.24 -32.21 18.53
N LYS D 74 28.92 -32.33 18.37
CA LYS D 74 28.30 -32.26 17.05
C LYS D 74 28.63 -30.96 16.35
N GLN D 75 28.74 -29.85 17.09
CA GLN D 75 29.11 -28.57 16.49
C GLN D 75 30.58 -28.57 16.09
N MET D 76 31.45 -29.21 16.87
CA MET D 76 32.85 -29.33 16.47
C MET D 76 32.99 -30.14 15.19
N ARG D 77 32.11 -31.13 14.99
CA ARG D 77 32.06 -31.87 13.74
C ARG D 77 31.41 -31.10 12.60
N ILE D 78 30.85 -29.92 12.89
CA ILE D 78 30.30 -29.06 11.84
C ILE D 78 31.34 -28.05 11.35
N LEU D 79 32.11 -27.47 12.26
CA LEU D 79 33.02 -26.38 11.95
C LEU D 79 34.41 -26.86 11.51
N HIS D 80 34.94 -27.89 12.18
CA HIS D 80 36.32 -28.29 11.99
C HIS D 80 36.47 -29.70 11.43
N VAL D 81 35.39 -30.46 11.34
CA VAL D 81 35.30 -31.61 10.45
C VAL D 81 34.15 -31.32 9.52
N ASN D 82 34.18 -31.90 8.32
CA ASN D 82 33.16 -31.59 7.31
C ASN D 82 31.92 -32.43 7.62
N GLY D 83 31.04 -31.88 8.46
CA GLY D 83 29.77 -32.50 8.76
C GLY D 83 29.89 -33.89 9.37
N LYS D 89 25.98 -42.22 10.16
CA LYS D 89 24.79 -41.48 9.78
C LYS D 89 23.92 -42.42 8.94
N LYS D 90 22.77 -41.91 8.45
CA LYS D 90 21.72 -42.70 7.78
C LYS D 90 20.97 -43.54 8.81
N GLN D 91 21.50 -43.64 10.02
CA GLN D 91 20.81 -44.26 11.15
C GLN D 91 20.22 -43.21 12.09
N LYS D 92 20.73 -41.97 12.04
CA LYS D 92 20.17 -40.87 12.81
C LYS D 92 18.70 -40.63 12.46
N ILE D 93 18.28 -41.02 11.25
CA ILE D 93 16.86 -40.94 10.89
C ILE D 93 16.02 -41.72 11.89
N LEU D 94 16.45 -42.93 12.23
CA LEU D 94 15.75 -43.72 13.24
C LEU D 94 15.74 -43.02 14.59
N ASP D 95 16.89 -42.47 15.00
CA ASP D 95 16.96 -41.75 16.26
C ASP D 95 16.08 -40.50 16.23
N ILE D 96 16.07 -39.78 15.11
CA ILE D 96 15.22 -38.60 14.98
C ILE D 96 13.74 -38.99 15.04
N ARG D 97 13.37 -40.08 14.35
CA ARG D 97 11.99 -40.53 14.37
C ARG D 97 11.58 -41.03 15.76
N LYS D 98 12.50 -41.65 16.49
CA LYS D 98 12.19 -42.03 17.87
C LYS D 98 11.90 -40.81 18.74
N ASN D 99 12.60 -39.71 18.48
CA ASN D 99 12.32 -38.47 19.21
C ASN D 99 10.93 -37.95 18.92
N VAL D 100 10.52 -37.97 17.63
CA VAL D 100 9.17 -37.56 17.28
C VAL D 100 8.15 -38.48 17.95
N LYS D 101 8.42 -39.78 17.96
CA LYS D 101 7.54 -40.72 18.63
C LYS D 101 7.52 -40.49 20.14
N ASP D 102 8.69 -40.21 20.73
CA ASP D 102 8.76 -39.96 22.16
C ASP D 102 8.01 -38.70 22.55
N ALA D 103 8.10 -37.64 21.74
CA ALA D 103 7.47 -36.38 22.10
C ALA D 103 5.95 -36.51 22.14
N ILE D 104 5.36 -37.07 21.07
CA ILE D 104 3.90 -37.15 21.01
C ILE D 104 3.36 -38.13 22.03
N VAL D 105 4.09 -39.21 22.32
CA VAL D 105 3.63 -40.20 23.30
C VAL D 105 3.60 -39.60 24.69
N THR D 106 4.66 -38.88 25.07
CA THR D 106 4.74 -38.32 26.42
C THR D 106 3.68 -37.25 26.63
N ILE D 107 3.35 -36.47 25.60
CA ILE D 107 2.42 -35.37 25.78
C ILE D 107 0.99 -35.90 25.94
N VAL D 108 0.59 -36.87 25.12
CA VAL D 108 -0.77 -37.37 25.19
C VAL D 108 -1.01 -38.12 26.49
N SER D 109 0.01 -38.81 27.00
CA SER D 109 -0.14 -39.52 28.28
C SER D 109 -0.17 -38.55 29.45
N ALA D 110 0.34 -37.33 29.28
CA ALA D 110 0.33 -36.34 30.36
C ALA D 110 -1.01 -35.61 30.44
N MET D 111 -1.76 -35.54 29.35
CA MET D 111 -3.00 -34.78 29.33
C MET D 111 -3.98 -35.24 30.40
N SER D 112 -3.94 -36.53 30.76
CA SER D 112 -4.85 -37.08 31.75
C SER D 112 -4.19 -37.32 33.11
N THR D 113 -2.86 -37.20 33.19
CA THR D 113 -2.16 -37.37 34.45
C THR D 113 -1.69 -36.05 35.06
N ILE D 114 -1.72 -34.96 34.30
CA ILE D 114 -1.40 -33.65 34.85
C ILE D 114 -2.58 -33.17 35.71
N ILE D 115 -2.26 -32.39 36.73
CA ILE D 115 -3.28 -31.84 37.63
C ILE D 115 -3.20 -30.33 37.59
N PRO D 116 -4.20 -29.61 37.06
CA PRO D 116 -5.42 -30.17 36.43
C PRO D 116 -5.17 -30.76 35.05
N PRO D 117 -5.95 -31.76 34.66
CA PRO D 117 -5.75 -32.39 33.35
C PRO D 117 -6.15 -31.46 32.21
N VAL D 118 -5.77 -31.87 31.01
CA VAL D 118 -6.02 -31.10 29.79
C VAL D 118 -6.79 -31.97 28.82
N PRO D 119 -7.97 -31.56 28.36
CA PRO D 119 -8.69 -32.32 27.34
C PRO D 119 -8.33 -31.86 25.93
N LEU D 120 -8.70 -32.69 24.96
CA LEU D 120 -8.55 -32.30 23.56
C LEU D 120 -9.49 -31.15 23.24
N ALA D 121 -9.01 -30.21 22.42
CA ALA D 121 -9.86 -29.09 22.00
C ALA D 121 -10.91 -29.51 20.99
N ASN D 122 -10.67 -30.59 20.24
CA ASN D 122 -11.66 -31.12 19.31
C ASN D 122 -11.99 -32.56 19.70
N PRO D 123 -13.22 -32.86 20.11
CA PRO D 123 -13.55 -34.24 20.51
C PRO D 123 -13.36 -35.25 19.39
N GLU D 124 -13.31 -34.81 18.14
CA GLU D 124 -13.12 -35.72 17.01
C GLU D 124 -11.72 -36.32 16.99
N ASN D 125 -10.77 -35.74 17.73
CA ASN D 125 -9.41 -36.25 17.82
C ASN D 125 -9.26 -37.41 18.80
N GLN D 126 -10.36 -37.90 19.39
CA GLN D 126 -10.24 -38.94 20.41
C GLN D 126 -9.63 -40.21 19.84
N PHE D 127 -10.07 -40.64 18.65
CA PHE D 127 -9.52 -41.86 18.06
C PHE D 127 -8.04 -41.69 17.69
N ARG D 128 -7.58 -40.47 17.50
CA ARG D 128 -6.15 -40.25 17.23
C ARG D 128 -5.32 -40.44 18.50
N SER D 129 -5.77 -39.88 19.61
CA SER D 129 -5.05 -40.07 20.87
C SER D 129 -5.05 -41.54 21.29
N ASP D 130 -6.11 -42.28 20.95
CA ASP D 130 -6.11 -43.71 21.23
C ASP D 130 -5.11 -44.45 20.36
N TYR D 131 -4.80 -43.93 19.17
CA TYR D 131 -3.78 -44.57 18.34
C TYR D 131 -2.38 -44.36 18.92
N ILE D 132 -2.07 -43.13 19.34
CA ILE D 132 -0.73 -42.84 19.84
C ILE D 132 -0.48 -43.57 21.16
N LYS D 133 -1.52 -43.72 22.00
CA LYS D 133 -1.35 -44.47 23.24
C LYS D 133 -1.20 -45.97 22.98
N SER D 134 -1.82 -46.49 21.91
CA SER D 134 -1.71 -47.90 21.60
C SER D 134 -0.33 -48.23 21.03
N ILE D 135 0.27 -47.31 20.28
CA ILE D 135 1.62 -47.48 19.77
C ILE D 135 2.67 -46.98 20.75
N ALA D 136 2.26 -46.35 21.85
CA ALA D 136 3.23 -45.79 22.79
C ALA D 136 4.18 -46.83 23.37
N PRO D 137 3.72 -47.99 23.86
CA PRO D 137 4.67 -48.97 24.39
C PRO D 137 5.29 -49.85 23.31
N ILE D 138 4.76 -49.81 22.10
CA ILE D 138 5.22 -50.70 21.03
C ILE D 138 6.66 -50.36 20.65
N THR D 139 7.55 -51.32 20.83
CA THR D 139 8.92 -51.20 20.33
C THR D 139 8.93 -51.68 18.88
N ASP D 140 10.11 -51.82 18.29
CA ASP D 140 10.31 -52.16 16.88
C ASP D 140 9.23 -51.59 15.98
N PHE D 141 8.91 -50.31 16.19
CA PHE D 141 7.81 -49.68 15.47
C PHE D 141 8.16 -49.45 14.01
N GLU D 142 7.14 -49.53 13.15
CA GLU D 142 7.36 -49.43 11.71
C GLU D 142 7.51 -47.98 11.25
N TYR D 143 6.84 -47.04 11.92
CA TYR D 143 6.84 -45.63 11.54
C TYR D 143 6.21 -45.42 10.16
N SER D 144 4.99 -45.93 9.99
CA SER D 144 4.26 -45.75 8.75
C SER D 144 3.76 -44.31 8.62
N GLN D 145 3.17 -44.01 7.45
CA GLN D 145 2.58 -42.71 7.22
C GLN D 145 1.36 -42.46 8.11
N GLU D 146 0.65 -43.53 8.49
CA GLU D 146 -0.46 -43.37 9.42
C GLU D 146 0.00 -42.72 10.72
N PHE D 147 1.20 -43.08 11.19
CA PHE D 147 1.74 -42.48 12.40
C PHE D 147 1.82 -40.95 12.27
N PHE D 148 2.46 -40.49 11.20
CA PHE D 148 2.71 -39.05 11.04
C PHE D 148 1.42 -38.27 10.82
N ASP D 149 0.44 -38.86 10.13
CA ASP D 149 -0.83 -38.17 9.93
C ASP D 149 -1.52 -37.91 11.27
N HIS D 150 -1.43 -38.87 12.20
CA HIS D 150 -2.07 -38.68 13.50
C HIS D 150 -1.27 -37.71 14.36
N VAL D 151 0.06 -37.81 14.34
CA VAL D 151 0.90 -36.89 15.11
C VAL D 151 0.77 -35.46 14.60
N LYS D 152 0.72 -35.28 13.28
CA LYS D 152 0.60 -33.93 12.72
C LYS D 152 -0.69 -33.27 13.14
N LYS D 153 -1.83 -33.96 12.97
CA LYS D 153 -3.12 -33.37 13.27
C LYS D 153 -3.36 -33.23 14.78
N LEU D 154 -2.71 -34.05 15.59
CA LEU D 154 -2.78 -33.87 17.04
C LEU D 154 -2.04 -32.61 17.47
N TRP D 155 -0.89 -32.34 16.85
CA TRP D 155 -0.11 -31.16 17.23
C TRP D 155 -0.85 -29.86 16.91
N ASP D 156 -1.74 -29.87 15.91
CA ASP D 156 -2.54 -28.69 15.64
C ASP D 156 -3.59 -28.45 16.71
N ASP D 157 -4.00 -29.50 17.42
CA ASP D 157 -4.99 -29.36 18.48
C ASP D 157 -4.42 -28.54 19.63
N GLU D 158 -5.16 -27.49 20.01
CA GLU D 158 -4.69 -26.60 21.07
C GLU D 158 -4.60 -27.31 22.42
N GLY D 159 -5.36 -28.38 22.64
CA GLY D 159 -5.23 -29.13 23.88
C GLY D 159 -3.85 -29.76 24.02
N VAL D 160 -3.31 -30.27 22.91
CA VAL D 160 -1.94 -30.79 22.93
C VAL D 160 -0.95 -29.65 23.15
N LYS D 161 -1.18 -28.51 22.49
CA LYS D 161 -0.32 -27.35 22.71
C LYS D 161 -0.43 -26.82 24.14
N ALA D 162 -1.65 -26.82 24.71
CA ALA D 162 -1.84 -26.37 26.07
C ALA D 162 -1.08 -27.26 27.05
N CYS D 163 -1.15 -28.58 26.86
CA CYS D 163 -0.38 -29.50 27.68
C CYS D 163 1.12 -29.36 27.45
N PHE D 164 1.54 -28.98 26.24
CA PHE D 164 2.97 -28.87 25.95
C PHE D 164 3.62 -27.75 26.76
N GLU D 165 2.96 -26.59 26.86
CA GLU D 165 3.57 -25.47 27.58
C GLU D 165 3.65 -25.72 29.08
N ARG D 166 3.05 -26.80 29.58
CA ARG D 166 3.18 -27.22 30.97
C ARG D 166 4.13 -28.41 31.08
N SER D 167 5.15 -28.45 30.23
CA SER D 167 6.07 -29.58 30.16
C SER D 167 6.87 -29.76 31.43
N ASN D 168 7.06 -28.70 32.22
CA ASN D 168 7.84 -28.81 33.45
C ASN D 168 7.18 -29.71 34.48
N GLU D 169 5.93 -30.09 34.26
CA GLU D 169 5.20 -30.99 35.15
C GLU D 169 5.37 -32.47 34.78
N TYR D 170 6.20 -32.77 33.77
CA TYR D 170 6.54 -34.14 33.43
C TYR D 170 7.89 -34.12 32.70
N GLN D 171 8.27 -35.26 32.13
CA GLN D 171 9.58 -35.40 31.49
C GLN D 171 9.42 -35.34 29.98
N LEU D 172 9.85 -34.22 29.38
CA LEU D 172 9.77 -34.03 27.95
C LEU D 172 11.12 -33.58 27.42
N ILE D 173 11.59 -34.22 26.34
CA ILE D 173 12.86 -33.85 25.74
C ILE D 173 12.75 -32.44 25.15
N ASP D 174 13.84 -31.68 25.27
CA ASP D 174 13.81 -30.27 24.90
C ASP D 174 13.65 -30.05 23.39
N CYS D 175 13.85 -31.07 22.57
CA CYS D 175 13.70 -30.95 21.13
C CYS D 175 12.27 -31.27 20.65
N ALA D 176 11.31 -31.35 21.57
CA ALA D 176 9.97 -31.79 21.20
C ALA D 176 9.28 -30.79 20.27
N GLN D 177 9.28 -29.51 20.65
CA GLN D 177 8.62 -28.50 19.82
C GLN D 177 9.25 -28.41 18.44
N TYR D 178 10.58 -28.52 18.36
CA TYR D 178 11.27 -28.35 17.09
C TYR D 178 10.89 -29.46 16.11
N PHE D 179 10.88 -30.70 16.57
CA PHE D 179 10.59 -31.82 15.67
C PHE D 179 9.11 -31.93 15.34
N LEU D 180 8.24 -31.61 16.30
CA LEU D 180 6.81 -31.55 15.98
C LEU D 180 6.50 -30.44 14.99
N GLU D 181 7.28 -29.36 15.02
CA GLU D 181 7.13 -28.27 14.06
C GLU D 181 7.68 -28.63 12.69
N ARG D 182 8.54 -29.64 12.61
CA ARG D 182 9.13 -30.10 11.35
C ARG D 182 8.59 -31.47 10.94
N ILE D 183 7.33 -31.76 11.29
CA ILE D 183 6.76 -33.08 11.04
C ILE D 183 6.69 -33.34 9.53
N ASP D 184 6.54 -32.28 8.73
CA ASP D 184 6.44 -32.45 7.29
C ASP D 184 7.71 -33.06 6.69
N SER D 185 8.87 -32.73 7.24
CA SER D 185 10.13 -33.27 6.73
C SER D 185 10.37 -34.69 7.21
N VAL D 186 10.20 -34.94 8.52
CA VAL D 186 10.53 -36.24 9.09
C VAL D 186 9.71 -37.35 8.45
N SER D 187 8.51 -37.03 7.97
CA SER D 187 7.60 -38.05 7.44
C SER D 187 7.94 -38.50 6.03
N LEU D 188 8.86 -37.82 5.35
CA LEU D 188 9.24 -38.20 3.99
C LEU D 188 9.96 -39.54 3.96
N VAL D 189 9.74 -40.29 2.88
CA VAL D 189 10.44 -41.55 2.69
C VAL D 189 11.92 -41.30 2.43
N ASP D 190 12.24 -40.27 1.64
CA ASP D 190 13.60 -39.87 1.36
C ASP D 190 14.09 -38.74 2.27
N TYR D 191 13.59 -38.68 3.50
CA TYR D 191 13.97 -37.62 4.42
C TYR D 191 15.46 -37.68 4.73
N THR D 192 16.19 -36.64 4.33
CA THR D 192 17.60 -36.51 4.68
C THR D 192 17.72 -35.45 5.75
N PRO D 193 18.26 -35.77 6.93
CA PRO D 193 18.27 -34.81 8.04
C PRO D 193 19.17 -33.62 7.76
N THR D 194 18.64 -32.42 8.00
CA THR D 194 19.47 -31.21 8.04
C THR D 194 20.49 -31.29 9.16
N ASP D 195 21.54 -30.49 9.04
CA ASP D 195 22.52 -30.38 10.11
C ASP D 195 21.88 -29.92 11.41
N GLN D 196 20.88 -29.04 11.32
CA GLN D 196 20.16 -28.63 12.52
C GLN D 196 19.32 -29.78 13.07
N ASP D 197 18.71 -30.57 12.18
CA ASP D 197 17.98 -31.75 12.62
C ASP D 197 18.89 -32.73 13.36
N LEU D 198 20.16 -32.82 12.94
CA LEU D 198 21.10 -33.72 13.61
C LEU D 198 21.55 -33.16 14.95
N LEU D 199 21.63 -31.83 15.08
CA LEU D 199 21.94 -31.21 16.35
C LEU D 199 20.80 -31.39 17.34
N ARG D 200 19.57 -31.23 16.87
CA ARG D 200 18.40 -31.34 17.74
C ARG D 200 18.07 -32.79 18.10
N CYS D 201 18.63 -33.75 17.37
CA CYS D 201 18.37 -35.15 17.68
C CYS D 201 18.90 -35.50 19.06
N ARG D 202 18.05 -36.06 19.90
CA ARG D 202 18.39 -36.37 21.28
C ARG D 202 18.62 -37.87 21.41
N VAL D 203 19.83 -38.24 21.83
CA VAL D 203 20.18 -39.63 22.12
C VAL D 203 20.99 -39.65 23.40
N LEU D 204 20.57 -40.49 24.35
CA LEU D 204 21.33 -40.64 25.59
C LEU D 204 22.72 -41.19 25.29
N THR D 205 23.73 -40.61 25.93
CA THR D 205 25.12 -41.01 25.73
C THR D 205 25.50 -42.01 26.82
N SER D 206 25.82 -43.23 26.41
CA SER D 206 26.32 -44.27 27.30
C SER D 206 27.75 -44.62 26.90
N GLY D 207 28.66 -44.56 27.86
CA GLY D 207 30.05 -44.86 27.59
C GLY D 207 30.89 -43.61 27.43
N ILE D 208 31.98 -43.73 26.66
CA ILE D 208 32.93 -42.64 26.45
C ILE D 208 33.15 -42.50 24.95
N PHE D 209 32.59 -41.44 24.37
CA PHE D 209 32.75 -41.15 22.95
C PHE D 209 33.89 -40.14 22.77
N GLU D 210 34.78 -40.41 21.82
CA GLU D 210 35.96 -39.60 21.58
C GLU D 210 35.86 -38.91 20.22
N THR D 211 36.32 -37.66 20.17
CA THR D 211 36.30 -36.87 18.95
C THR D 211 37.59 -36.08 18.85
N ARG D 212 38.28 -36.20 17.72
CA ARG D 212 39.54 -35.52 17.48
C ARG D 212 39.40 -34.60 16.28
N PHE D 213 39.82 -33.34 16.45
CA PHE D 213 39.81 -32.37 15.38
C PHE D 213 40.94 -31.39 15.62
N GLN D 214 41.32 -30.67 14.57
CA GLN D 214 42.38 -29.68 14.66
C GLN D 214 41.92 -28.38 14.02
N VAL D 215 42.32 -27.26 14.64
CA VAL D 215 41.99 -25.93 14.16
C VAL D 215 43.29 -25.16 13.99
N ASP D 216 43.51 -24.63 12.79
CA ASP D 216 44.74 -23.88 12.49
C ASP D 216 45.98 -24.67 12.87
N LYS D 217 45.96 -25.97 12.54
CA LYS D 217 47.11 -26.87 12.70
C LYS D 217 47.52 -27.01 14.17
N VAL D 218 46.54 -27.13 15.06
CA VAL D 218 46.78 -27.55 16.43
C VAL D 218 45.66 -28.51 16.83
N ASN D 219 46.02 -29.61 17.48
CA ASN D 219 45.07 -30.69 17.71
C ASN D 219 44.19 -30.42 18.93
N PHE D 220 42.93 -30.87 18.84
CA PHE D 220 41.96 -30.78 19.93
C PHE D 220 41.25 -32.13 20.05
N HIS D 221 41.57 -32.87 21.11
CA HIS D 221 40.84 -34.09 21.44
C HIS D 221 39.74 -33.76 22.44
N MET D 222 38.53 -34.25 22.16
CA MET D 222 37.34 -33.94 22.94
C MET D 222 36.73 -35.24 23.46
N PHE D 223 36.44 -35.28 24.76
CA PHE D 223 35.87 -36.45 25.41
C PHE D 223 34.40 -36.19 25.73
N ASP D 224 33.51 -36.92 25.07
CA ASP D 224 32.08 -36.85 25.33
C ASP D 224 31.70 -38.04 26.19
N VAL D 225 31.03 -37.76 27.33
CA VAL D 225 30.67 -38.77 28.31
C VAL D 225 29.18 -38.63 28.62
N GLY D 226 28.66 -39.63 29.34
CA GLY D 226 27.27 -39.60 29.75
C GLY D 226 27.07 -38.79 31.02
N GLY D 227 25.93 -38.11 31.09
CA GLY D 227 25.71 -37.14 32.14
C GLY D 227 24.82 -37.58 33.29
N GLN D 228 23.92 -38.53 33.05
CA GLN D 228 23.00 -38.95 34.09
C GLN D 228 23.75 -39.70 35.20
N ARG D 229 23.05 -39.93 36.32
CA ARG D 229 23.72 -40.25 37.58
C ARG D 229 24.55 -41.52 37.50
N ASP D 230 24.02 -42.57 36.87
CA ASP D 230 24.73 -43.83 36.86
C ASP D 230 25.99 -43.80 35.99
N GLU D 231 26.02 -42.90 35.00
CA GLU D 231 27.19 -42.75 34.14
C GLU D 231 28.36 -42.04 34.80
N ARG D 232 28.11 -41.26 35.86
CA ARG D 232 29.16 -40.47 36.48
C ARG D 232 30.27 -41.31 37.12
N ARG D 233 30.01 -42.57 37.43
CA ARG D 233 31.02 -43.38 38.12
C ARG D 233 32.26 -43.58 37.26
N LYS D 234 32.09 -43.64 35.93
CA LYS D 234 33.20 -43.87 35.02
C LYS D 234 34.00 -42.60 34.72
N TRP D 235 33.54 -41.44 35.20
CA TRP D 235 34.17 -40.17 34.86
C TRP D 235 35.63 -40.14 35.29
N ILE D 236 35.99 -40.85 36.36
CA ILE D 236 37.36 -40.84 36.85
C ILE D 236 38.33 -41.40 35.81
N GLN D 237 37.83 -42.26 34.91
CA GLN D 237 38.69 -42.81 33.88
C GLN D 237 39.07 -41.76 32.83
N CYS D 238 38.24 -40.74 32.66
CA CYS D 238 38.48 -39.66 31.72
C CYS D 238 39.40 -38.58 32.26
N PHE D 239 39.87 -38.74 33.50
CA PHE D 239 40.72 -37.75 34.17
C PHE D 239 42.18 -37.94 33.81
N ASN D 240 42.48 -38.36 32.57
CA ASN D 240 43.85 -38.61 32.15
C ASN D 240 44.30 -37.52 31.18
N ASP D 241 45.29 -36.74 31.61
CA ASP D 241 45.95 -35.72 30.77
C ASP D 241 44.90 -34.72 30.25
N VAL D 242 44.30 -34.00 31.19
CA VAL D 242 43.21 -33.08 30.90
C VAL D 242 43.76 -31.66 30.93
N THR D 243 43.59 -30.94 29.83
CA THR D 243 44.00 -29.54 29.79
C THR D 243 42.94 -28.65 30.41
N ALA D 244 41.66 -28.90 30.12
CA ALA D 244 40.57 -28.14 30.69
C ALA D 244 39.31 -29.00 30.71
N ILE D 245 38.34 -28.57 31.50
CA ILE D 245 37.04 -29.24 31.60
C ILE D 245 35.97 -28.27 31.14
N ILE D 246 35.07 -28.76 30.30
CA ILE D 246 33.95 -27.97 29.80
C ILE D 246 32.70 -28.48 30.51
N TYR D 247 32.27 -27.76 31.53
CA TYR D 247 31.06 -28.12 32.27
C TYR D 247 29.86 -27.45 31.61
N VAL D 248 28.93 -28.25 31.11
CA VAL D 248 27.75 -27.77 30.42
C VAL D 248 26.58 -27.80 31.40
N ALA D 249 25.89 -26.67 31.52
CA ALA D 249 24.75 -26.54 32.42
C ALA D 249 23.54 -26.05 31.65
N ALA D 250 22.40 -26.71 31.85
CA ALA D 250 21.15 -26.34 31.17
C ALA D 250 20.49 -25.21 31.96
N CYS D 251 20.71 -23.98 31.52
CA CYS D 251 20.15 -22.84 32.23
C CYS D 251 18.64 -22.73 32.05
N SER D 252 18.09 -23.33 31.00
CA SER D 252 16.65 -23.28 30.78
C SER D 252 15.89 -24.17 31.75
N SER D 253 16.54 -25.16 32.35
CA SER D 253 15.82 -26.15 33.14
C SER D 253 15.77 -25.77 34.61
N TYR D 254 15.47 -24.51 34.90
CA TYR D 254 15.30 -24.09 36.29
C TYR D 254 13.97 -24.52 36.87
N ASN D 255 12.98 -24.84 36.02
CA ASN D 255 11.66 -25.25 36.48
C ASN D 255 11.38 -26.74 36.31
N MET D 256 12.31 -27.50 35.74
CA MET D 256 12.10 -28.92 35.51
C MET D 256 12.89 -29.74 36.51
N VAL D 257 12.52 -31.02 36.62
CA VAL D 257 13.18 -31.94 37.53
C VAL D 257 13.90 -32.99 36.72
N ILE D 258 14.93 -33.58 37.31
CA ILE D 258 15.77 -34.54 36.63
C ILE D 258 14.98 -35.82 36.39
N ARG D 259 15.48 -36.68 35.53
CA ARG D 259 14.77 -37.91 35.18
C ARG D 259 15.05 -39.04 36.15
N GLU D 260 16.21 -39.02 36.82
CA GLU D 260 16.60 -40.15 37.65
C GLU D 260 15.66 -40.37 38.82
N ASP D 261 15.07 -39.30 39.36
CA ASP D 261 14.13 -39.42 40.47
C ASP D 261 12.86 -38.60 40.33
N ASN D 262 12.78 -37.72 39.33
CA ASN D 262 11.64 -36.80 39.15
C ASN D 262 11.40 -35.92 40.37
N ASN D 263 12.41 -35.75 41.22
CA ASN D 263 12.32 -34.90 42.40
C ASN D 263 13.35 -33.79 42.39
N THR D 264 14.62 -34.10 42.15
CA THR D 264 15.67 -33.10 42.21
C THR D 264 15.57 -32.13 41.05
N ASN D 265 15.67 -30.83 41.36
CA ASN D 265 15.66 -29.80 40.32
C ASN D 265 16.88 -29.93 39.41
N ARG D 266 16.66 -29.75 38.10
CA ARG D 266 17.72 -29.96 37.13
C ARG D 266 18.84 -28.94 37.29
N LEU D 267 18.48 -27.66 37.42
CA LEU D 267 19.50 -26.64 37.63
C LEU D 267 20.21 -26.86 38.95
N ARG D 268 19.47 -27.28 39.98
CA ARG D 268 20.11 -27.62 41.26
C ARG D 268 21.00 -28.84 41.12
N GLU D 269 20.65 -29.78 40.23
CA GLU D 269 21.51 -30.92 39.96
C GLU D 269 22.81 -30.48 39.32
N SER D 270 22.74 -29.56 38.35
CA SER D 270 23.95 -29.04 37.73
C SER D 270 24.81 -28.30 38.74
N LEU D 271 24.18 -27.53 39.63
CA LEU D 271 24.93 -26.77 40.63
C LEU D 271 25.63 -27.70 41.63
N ASP D 272 24.92 -28.73 42.10
CA ASP D 272 25.53 -29.67 43.03
C ASP D 272 26.64 -30.48 42.36
N LEU D 273 26.45 -30.84 41.09
CA LEU D 273 27.50 -31.57 40.38
C LEU D 273 28.69 -30.66 40.09
N PHE D 274 28.43 -29.39 39.75
CA PHE D 274 29.50 -28.44 39.49
C PHE D 274 30.38 -28.26 40.72
N GLU D 275 29.77 -28.24 41.91
CA GLU D 275 30.56 -28.17 43.13
C GLU D 275 31.41 -29.42 43.32
N SER D 276 30.84 -30.59 42.99
CA SER D 276 31.62 -31.82 43.07
C SER D 276 32.80 -31.80 42.12
N ILE D 277 32.61 -31.26 40.91
CA ILE D 277 33.70 -31.18 39.95
C ILE D 277 34.73 -30.15 40.39
N TRP D 278 34.26 -28.95 40.79
CA TRP D 278 35.19 -27.90 41.20
C TRP D 278 35.95 -28.28 42.47
N ASN D 279 35.26 -28.89 43.44
CA ASN D 279 35.87 -29.30 44.69
C ASN D 279 36.33 -30.74 44.65
N ASN D 280 36.44 -31.33 43.47
CA ASN D 280 36.98 -32.67 43.35
C ASN D 280 38.43 -32.69 43.82
N ARG D 281 38.76 -33.68 44.64
CA ARG D 281 40.11 -33.78 45.18
C ARG D 281 41.14 -33.96 44.07
N TRP D 282 40.78 -34.69 43.00
CA TRP D 282 41.71 -34.95 41.91
C TRP D 282 41.85 -33.78 40.94
N LEU D 283 40.94 -32.81 40.98
CA LEU D 283 40.87 -31.75 39.99
C LEU D 283 41.35 -30.41 40.53
N ARG D 284 42.29 -30.45 41.49
CA ARG D 284 42.90 -29.21 41.99
C ARG D 284 43.52 -28.41 40.87
N THR D 285 44.31 -29.06 40.02
CA THR D 285 45.00 -28.36 38.94
C THR D 285 44.03 -27.94 37.83
N ILE D 286 43.03 -28.78 37.56
CA ILE D 286 42.19 -28.61 36.37
C ILE D 286 41.28 -27.40 36.53
N SER D 287 41.26 -26.56 35.51
CA SER D 287 40.34 -25.44 35.42
C SER D 287 39.10 -25.87 34.63
N ILE D 288 38.01 -25.14 34.83
CA ILE D 288 36.72 -25.47 34.24
C ILE D 288 36.31 -24.33 33.30
N ILE D 289 35.97 -24.69 32.07
CA ILE D 289 35.34 -23.77 31.13
C ILE D 289 33.83 -24.01 31.22
N LEU D 290 33.10 -23.03 31.70
CA LEU D 290 31.69 -23.19 32.05
C LEU D 290 30.82 -22.73 30.88
N PHE D 291 30.09 -23.67 30.28
CA PHE D 291 29.15 -23.37 29.20
C PHE D 291 27.76 -23.26 29.81
N LEU D 292 27.30 -22.03 30.02
CA LEU D 292 25.93 -21.77 30.47
C LEU D 292 25.01 -21.95 29.28
N ASN D 293 24.58 -23.20 29.07
CA ASN D 293 23.97 -23.60 27.81
C ASN D 293 22.49 -23.24 27.78
N LYS D 294 21.89 -23.39 26.59
CA LYS D 294 20.45 -23.25 26.38
C LYS D 294 19.96 -21.83 26.66
N GLN D 295 20.70 -20.85 26.15
CA GLN D 295 20.29 -19.46 26.33
C GLN D 295 19.01 -19.12 25.59
N ASP D 296 18.74 -19.80 24.46
CA ASP D 296 17.53 -19.50 23.70
C ASP D 296 16.28 -20.01 24.41
N MET D 297 16.32 -21.25 24.91
CA MET D 297 15.18 -21.76 25.66
C MET D 297 15.00 -21.04 26.98
N LEU D 298 16.09 -20.57 27.58
CA LEU D 298 15.98 -19.77 28.80
C LEU D 298 15.27 -18.46 28.54
N ALA D 299 15.61 -17.79 27.42
CA ALA D 299 14.95 -16.54 27.08
C ALA D 299 13.47 -16.74 26.81
N GLU D 300 13.11 -17.84 26.13
CA GLU D 300 11.71 -18.08 25.77
C GLU D 300 10.83 -18.22 27.00
N LYS D 301 11.33 -18.89 28.04
CA LYS D 301 10.53 -19.07 29.24
C LYS D 301 10.57 -17.86 30.16
N VAL D 302 11.66 -17.07 30.11
CA VAL D 302 11.67 -15.80 30.83
C VAL D 302 10.75 -14.79 30.15
N LEU D 303 10.75 -14.76 28.81
CA LEU D 303 9.86 -13.85 28.09
C LEU D 303 8.42 -14.32 28.12
N ALA D 304 8.19 -15.63 28.26
CA ALA D 304 6.82 -16.13 28.41
C ALA D 304 6.22 -15.71 29.75
N GLY D 305 7.03 -15.72 30.81
CA GLY D 305 6.56 -15.30 32.11
C GLY D 305 5.67 -16.29 32.82
N LYS D 306 5.81 -17.59 32.53
CA LYS D 306 5.01 -18.62 33.16
C LYS D 306 5.71 -19.28 34.34
N SER D 307 7.01 -19.57 34.22
CA SER D 307 7.79 -20.13 35.32
C SER D 307 8.69 -19.04 35.86
N LYS D 308 8.40 -18.59 37.08
CA LYS D 308 9.21 -17.58 37.73
C LYS D 308 10.41 -18.23 38.40
N ILE D 309 11.60 -17.67 38.16
CA ILE D 309 12.80 -18.14 38.84
C ILE D 309 12.63 -18.03 40.34
N GLU D 310 11.87 -17.02 40.78
CA GLU D 310 11.62 -16.83 42.21
C GLU D 310 11.00 -18.06 42.85
N ASP D 311 10.10 -18.74 42.13
CA ASP D 311 9.44 -19.93 42.68
C ASP D 311 10.43 -21.05 42.96
N TYR D 312 11.48 -21.18 42.13
CA TYR D 312 12.45 -22.26 42.29
C TYR D 312 13.73 -21.82 42.97
N PHE D 313 14.11 -20.55 42.85
CA PHE D 313 15.27 -20.00 43.55
C PHE D 313 14.81 -18.70 44.19
N PRO D 314 14.41 -18.74 45.46
CA PRO D 314 13.78 -17.57 46.08
C PRO D 314 14.69 -16.34 46.14
N GLU D 315 16.00 -16.53 46.24
CA GLU D 315 16.93 -15.39 46.31
C GLU D 315 16.99 -14.60 45.01
N TYR D 316 16.30 -15.06 43.96
CA TYR D 316 16.29 -14.33 42.69
C TYR D 316 15.61 -12.97 42.83
N ALA D 317 14.66 -12.84 43.75
CA ALA D 317 14.00 -11.56 43.96
C ALA D 317 14.97 -10.51 44.47
N ASN D 318 16.04 -10.94 45.14
CA ASN D 318 17.00 -10.00 45.71
C ASN D 318 18.12 -9.64 44.73
N TYR D 319 18.51 -10.57 43.86
CA TYR D 319 19.60 -10.33 42.93
C TYR D 319 19.25 -9.25 41.92
N THR D 320 20.26 -8.46 41.55
CA THR D 320 20.14 -7.45 40.51
C THR D 320 21.33 -7.55 39.57
N VAL D 321 21.15 -7.09 38.35
CA VAL D 321 22.20 -7.13 37.32
C VAL D 321 23.40 -6.34 37.80
N PRO D 322 24.59 -6.93 37.83
CA PRO D 322 25.79 -6.17 38.24
C PRO D 322 26.06 -5.05 37.24
N GLU D 323 26.23 -3.83 37.78
CA GLU D 323 26.35 -2.65 36.93
C GLU D 323 27.52 -2.74 35.96
N ASP D 324 28.54 -3.54 36.27
CA ASP D 324 29.65 -3.70 35.34
C ASP D 324 29.29 -4.62 34.17
N ALA D 325 28.35 -5.54 34.37
CA ALA D 325 27.95 -6.46 33.32
C ALA D 325 27.05 -5.77 32.30
N THR D 326 27.22 -6.14 31.05
CA THR D 326 26.51 -5.56 29.91
C THR D 326 25.91 -6.68 29.05
N PRO D 327 24.62 -6.58 28.71
CA PRO D 327 23.95 -7.68 27.99
C PRO D 327 24.40 -7.82 26.55
N ASP D 328 23.87 -8.82 25.86
CA ASP D 328 24.18 -9.06 24.46
C ASP D 328 23.46 -8.04 23.59
N ALA D 329 23.49 -8.25 22.28
CA ALA D 329 22.91 -7.30 21.34
C ALA D 329 21.41 -7.16 21.56
N GLY D 330 20.99 -6.00 22.07
CA GLY D 330 19.60 -5.72 22.34
C GLY D 330 18.91 -6.80 23.16
N GLU D 331 19.53 -7.20 24.26
CA GLU D 331 19.00 -8.27 25.10
C GLU D 331 18.05 -7.72 26.15
N ASP D 332 16.88 -8.34 26.27
CA ASP D 332 15.86 -7.92 27.22
C ASP D 332 16.41 -8.00 28.65
N PRO D 333 16.25 -6.95 29.46
CA PRO D 333 16.73 -7.01 30.85
C PRO D 333 16.18 -8.19 31.65
N LYS D 334 14.94 -8.61 31.39
CA LYS D 334 14.44 -9.81 32.06
C LYS D 334 15.29 -11.03 31.72
N VAL D 335 15.67 -11.16 30.45
CA VAL D 335 16.56 -12.25 30.04
C VAL D 335 17.96 -12.02 30.58
N THR D 336 18.40 -10.76 30.62
CA THR D 336 19.72 -10.43 31.15
C THR D 336 19.83 -10.81 32.62
N ARG D 337 18.88 -10.35 33.43
CA ARG D 337 18.92 -10.66 34.86
C ARG D 337 18.85 -12.17 35.11
N ALA D 338 18.12 -12.90 34.25
CA ALA D 338 17.95 -14.34 34.47
C ALA D 338 19.27 -15.08 34.27
N LYS D 339 19.98 -14.79 33.17
CA LYS D 339 21.19 -15.57 32.87
C LYS D 339 22.38 -15.17 33.73
N PHE D 340 22.49 -13.89 34.12
CA PHE D 340 23.57 -13.49 35.00
C PHE D 340 23.35 -14.00 36.42
N PHE D 341 22.10 -14.15 36.83
CA PHE D 341 21.81 -14.76 38.13
C PHE D 341 22.22 -16.24 38.14
N ILE D 342 21.84 -16.97 37.09
CA ILE D 342 22.22 -18.37 36.99
C ILE D 342 23.74 -18.51 36.94
N ARG D 343 24.42 -17.56 36.29
CA ARG D 343 25.88 -17.56 36.29
C ARG D 343 26.43 -17.35 37.69
N ASP D 344 25.91 -16.35 38.41
CA ASP D 344 26.41 -16.04 39.73
C ASP D 344 26.16 -17.15 40.75
N LEU D 345 25.28 -18.10 40.42
CA LEU D 345 25.19 -19.30 41.24
C LEU D 345 26.45 -20.15 41.09
N PHE D 346 26.94 -20.28 39.85
CA PHE D 346 28.15 -21.06 39.60
C PHE D 346 29.40 -20.31 40.07
N LEU D 347 29.52 -19.03 39.70
CA LEU D 347 30.70 -18.25 40.07
C LEU D 347 30.88 -18.17 41.58
N ARG D 348 29.78 -18.19 42.32
CA ARG D 348 29.87 -18.25 43.78
C ARG D 348 30.50 -19.56 44.25
N ILE D 349 30.15 -20.66 43.60
CA ILE D 349 30.74 -21.95 43.97
C ILE D 349 32.24 -21.95 43.72
N SER D 350 32.65 -21.41 42.57
CA SER D 350 34.06 -21.44 42.20
C SER D 350 34.89 -20.40 42.93
N THR D 351 34.27 -19.32 43.42
CA THR D 351 34.99 -18.31 44.19
C THR D 351 35.23 -18.73 45.63
N ALA D 352 34.42 -19.64 46.16
CA ALA D 352 34.53 -20.00 47.57
C ALA D 352 35.81 -20.79 47.86
N THR D 353 36.23 -21.64 46.92
CA THR D 353 37.40 -22.49 47.12
C THR D 353 38.26 -22.44 45.87
N GLY D 354 39.49 -22.96 46.01
CA GLY D 354 40.43 -23.02 44.90
C GLY D 354 41.75 -22.34 45.20
N ASP D 355 41.71 -21.19 45.88
CA ASP D 355 42.90 -20.46 46.31
C ASP D 355 43.87 -20.18 45.15
N GLY D 356 43.33 -20.01 43.95
CA GLY D 356 44.16 -19.69 42.80
C GLY D 356 44.80 -20.86 42.10
N LYS D 357 44.64 -22.08 42.61
CA LYS D 357 45.26 -23.23 41.96
C LYS D 357 44.64 -23.53 40.60
N HIS D 358 43.37 -23.18 40.43
CA HIS D 358 42.71 -23.28 39.13
C HIS D 358 41.57 -22.26 39.10
N TYR D 359 41.02 -22.04 37.90
CA TYR D 359 40.06 -20.98 37.67
C TYR D 359 38.87 -21.52 36.89
N CYS D 360 37.86 -20.66 36.71
CA CYS D 360 36.64 -21.02 36.02
C CYS D 360 36.28 -19.91 35.04
N TYR D 361 36.10 -20.28 33.77
CA TYR D 361 35.81 -19.31 32.72
C TYR D 361 34.37 -19.51 32.21
N PRO D 362 33.44 -18.64 32.60
CA PRO D 362 32.05 -18.81 32.17
C PRO D 362 31.78 -18.17 30.81
N HIS D 363 30.89 -18.83 30.07
CA HIS D 363 30.44 -18.33 28.77
C HIS D 363 28.95 -18.62 28.61
N PHE D 364 28.24 -17.69 27.97
CA PHE D 364 26.85 -17.92 27.60
C PHE D 364 26.83 -18.59 26.23
N THR D 365 26.25 -19.78 26.17
CA THR D 365 26.34 -20.62 24.99
C THR D 365 24.96 -21.09 24.54
N CYS D 366 24.85 -21.38 23.25
CA CYS D 366 23.66 -21.96 22.65
C CYS D 366 24.14 -23.09 21.73
N ALA D 367 24.13 -24.31 22.26
CA ALA D 367 24.82 -25.43 21.62
C ALA D 367 24.24 -25.80 20.26
N VAL D 368 23.02 -25.36 19.94
CA VAL D 368 22.44 -25.69 18.65
C VAL D 368 22.69 -24.61 17.59
N ASP D 369 23.26 -23.47 17.98
CA ASP D 369 23.60 -22.40 17.06
C ASP D 369 25.07 -22.55 16.68
N THR D 370 25.32 -22.94 15.43
CA THR D 370 26.69 -23.21 15.00
C THR D 370 27.59 -21.98 15.12
N GLU D 371 27.09 -20.82 14.69
CA GLU D 371 27.90 -19.60 14.76
C GLU D 371 28.19 -19.19 16.20
N ASN D 372 27.22 -19.34 17.09
CA ASN D 372 27.46 -19.01 18.49
C ASN D 372 28.56 -19.89 19.06
N ILE D 373 28.47 -21.20 18.82
CA ILE D 373 29.51 -22.12 19.29
C ILE D 373 30.83 -21.84 18.60
N ARG D 374 30.79 -21.38 17.35
CA ARG D 374 32.02 -21.03 16.64
C ARG D 374 32.78 -19.92 17.37
N ARG D 375 32.09 -18.83 17.73
CA ARG D 375 32.76 -17.74 18.42
C ARG D 375 33.18 -18.14 19.83
N VAL D 376 32.33 -18.87 20.55
CA VAL D 376 32.63 -19.23 21.94
C VAL D 376 33.85 -20.14 22.00
N PHE D 377 33.87 -21.19 21.19
CA PHE D 377 35.04 -22.06 21.17
C PHE D 377 36.26 -21.35 20.59
N ASN D 378 36.06 -20.27 19.82
CA ASN D 378 37.18 -19.55 19.23
C ASN D 378 38.06 -18.93 20.29
N ASP D 379 37.50 -18.06 21.13
CA ASP D 379 38.28 -17.44 22.20
C ASP D 379 38.54 -18.39 23.36
N CYS D 380 37.89 -19.54 23.40
CA CYS D 380 38.31 -20.61 24.32
C CYS D 380 39.73 -21.06 24.02
N ARG D 381 40.10 -21.12 22.74
CA ARG D 381 41.46 -21.50 22.39
C ARG D 381 42.47 -20.47 22.87
N ASP D 382 42.06 -19.20 22.94
CA ASP D 382 42.92 -18.18 23.53
C ASP D 382 43.13 -18.44 25.02
N ILE D 383 42.09 -18.89 25.72
CA ILE D 383 42.22 -19.25 27.12
C ILE D 383 43.19 -20.41 27.28
N ILE D 384 43.15 -21.37 26.36
CA ILE D 384 44.06 -22.51 26.41
C ILE D 384 45.50 -22.03 26.22
N GLN D 385 45.70 -21.08 25.30
CA GLN D 385 47.04 -20.55 25.06
C GLN D 385 47.62 -19.91 26.32
N ARG D 386 46.82 -19.10 27.02
CA ARG D 386 47.30 -18.49 28.26
C ARG D 386 47.50 -19.56 29.34
#